data_9IBK
#
_entry.id   9IBK
#
_entity_poly.entity_id   1
_entity_poly.type   'polypeptide(L)'
_entity_poly.pdbx_seq_one_letter_code
;GIDPFTIEPAWERHLQDVTLKEGQTCTMTCQFSVPNVKSEWFRNGRVLKPQGRVKTEVEHKVHKLTIADVRAEDQGQYTC
KHEDLETSAELRIEKGELRSGC
;
_entity_poly.pdbx_strand_id   A
#
# COMPACT_ATOMS: atom_id res chain seq x y z
N GLY A 1 31.54 18.61 -1.36
CA GLY A 1 31.04 17.94 -0.14
C GLY A 1 30.69 16.49 -0.40
N ILE A 2 29.88 15.90 0.46
CA ILE A 2 29.44 14.53 0.29
C ILE A 2 28.05 14.49 -0.32
N ASP A 3 27.99 14.32 -1.63
CA ASP A 3 26.72 14.24 -2.34
C ASP A 3 25.99 12.97 -1.95
N PRO A 4 24.77 13.10 -1.37
CA PRO A 4 23.96 11.95 -0.98
C PRO A 4 23.37 11.22 -2.18
N PHE A 5 24.16 10.35 -2.78
CA PHE A 5 23.68 9.48 -3.84
C PHE A 5 22.74 8.45 -3.25
N THR A 6 23.05 8.06 -2.04
CA THR A 6 22.12 7.29 -1.23
C THR A 6 21.10 8.26 -0.65
N ILE A 7 19.95 8.31 -1.30
CA ILE A 7 18.93 9.27 -0.95
C ILE A 7 18.43 9.03 0.46
N GLU A 8 18.63 10.03 1.31
CA GLU A 8 18.15 10.02 2.68
C GLU A 8 16.70 9.62 2.76
N PRO A 9 16.41 8.69 3.67
CA PRO A 9 15.08 8.12 3.84
C PRO A 9 14.04 9.15 4.23
N ALA A 10 12.94 9.16 3.50
CA ALA A 10 11.86 10.09 3.73
C ALA A 10 10.58 9.56 3.12
N TRP A 11 9.45 10.00 3.65
CA TRP A 11 8.17 9.66 3.05
C TRP A 11 7.66 10.84 2.22
N GLU A 12 8.07 10.84 0.95
CA GLU A 12 7.68 11.90 0.03
C GLU A 12 6.23 11.74 -0.36
N ARG A 13 5.91 10.64 -1.01
CA ARG A 13 4.52 10.32 -1.34
C ARG A 13 4.00 9.28 -0.36
N HIS A 14 3.12 9.72 0.51
CA HIS A 14 2.51 8.83 1.49
C HIS A 14 1.53 7.90 0.81
N LEU A 15 1.10 6.86 1.52
CA LEU A 15 0.12 5.94 0.96
C LEU A 15 -1.16 6.68 0.58
N GLN A 16 -1.76 6.28 -0.52
CA GLN A 16 -2.90 6.98 -1.04
C GLN A 16 -4.16 6.16 -0.83
N ASP A 17 -5.20 6.84 -0.43
CA ASP A 17 -6.47 6.20 -0.08
C ASP A 17 -7.20 5.79 -1.36
N VAL A 18 -7.08 4.53 -1.73
CA VAL A 18 -7.75 4.03 -2.93
C VAL A 18 -9.11 3.41 -2.60
N THR A 19 -10.10 3.71 -3.43
CA THR A 19 -11.44 3.17 -3.28
C THR A 19 -11.90 2.50 -4.58
N LEU A 20 -12.30 1.23 -4.48
CA LEU A 20 -12.72 0.46 -5.66
C LEU A 20 -13.72 -0.62 -5.29
N LYS A 21 -14.56 -1.02 -6.24
CA LYS A 21 -15.57 -2.05 -6.02
C LYS A 21 -14.94 -3.44 -5.97
N GLU A 22 -15.60 -4.37 -5.29
CA GLU A 22 -15.09 -5.73 -5.15
C GLU A 22 -14.93 -6.40 -6.51
N GLY A 23 -13.86 -7.18 -6.64
CA GLY A 23 -13.58 -7.83 -7.91
C GLY A 23 -12.45 -7.14 -8.65
N GLN A 24 -12.27 -5.86 -8.37
CA GLN A 24 -11.20 -5.08 -8.95
C GLN A 24 -9.86 -5.44 -8.35
N THR A 25 -8.79 -5.20 -9.10
CA THR A 25 -7.44 -5.35 -8.56
C THR A 25 -6.91 -3.98 -8.16
N CYS A 26 -6.28 -3.94 -7.00
CA CYS A 26 -5.77 -2.69 -6.45
C CYS A 26 -4.25 -2.73 -6.38
N THR A 27 -3.62 -1.57 -6.52
CA THR A 27 -2.20 -1.44 -6.29
C THR A 27 -1.88 -0.08 -5.71
N MET A 28 -1.85 0.01 -4.39
CA MET A 28 -1.58 1.28 -3.73
C MET A 28 -0.08 1.45 -3.59
N THR A 29 0.41 2.66 -3.83
CA THR A 29 1.82 2.91 -3.84
C THR A 29 2.25 3.95 -2.81
N CYS A 30 3.47 3.82 -2.35
CA CYS A 30 4.06 4.78 -1.44
C CYS A 30 5.51 5.01 -1.81
N GLN A 31 5.86 6.26 -2.05
CA GLN A 31 7.20 6.60 -2.52
C GLN A 31 8.15 6.85 -1.35
N PHE A 32 8.98 5.86 -1.07
CA PHE A 32 9.99 5.96 -0.03
C PHE A 32 11.29 6.43 -0.66
N SER A 33 11.87 7.46 -0.08
CA SER A 33 13.03 8.13 -0.68
C SER A 33 14.23 7.19 -0.88
N VAL A 34 14.27 6.06 -0.19
CA VAL A 34 15.40 5.15 -0.32
C VAL A 34 15.12 4.11 -1.40
N PRO A 35 16.03 4.02 -2.38
CA PRO A 35 15.88 3.11 -3.49
C PRO A 35 16.17 1.64 -3.15
N ASN A 36 15.20 0.80 -3.50
CA ASN A 36 15.32 -0.65 -3.41
C ASN A 36 15.44 -1.15 -1.98
N VAL A 37 14.66 -0.56 -1.09
CA VAL A 37 14.55 -1.06 0.28
C VAL A 37 13.16 -1.61 0.52
N LYS A 38 13.08 -2.55 1.44
CA LYS A 38 11.85 -3.25 1.73
C LYS A 38 11.19 -2.67 2.97
N SER A 39 9.92 -2.99 3.15
CA SER A 39 9.16 -2.45 4.27
C SER A 39 8.08 -3.45 4.68
N GLU A 40 7.71 -3.42 5.95
CA GLU A 40 6.63 -4.25 6.43
C GLU A 40 5.30 -3.62 6.10
N TRP A 41 4.42 -4.40 5.50
CA TRP A 41 3.08 -3.94 5.19
C TRP A 41 2.15 -4.33 6.32
N PHE A 42 1.24 -3.44 6.63
CA PHE A 42 0.26 -3.69 7.69
C PHE A 42 -1.15 -3.39 7.21
N ARG A 43 -2.07 -4.28 7.56
CA ARG A 43 -3.48 -4.08 7.28
C ARG A 43 -4.25 -4.12 8.58
N ASN A 44 -4.73 -2.96 9.02
CA ASN A 44 -5.49 -2.83 10.25
C ASN A 44 -4.68 -3.35 11.45
N GLY A 45 -3.41 -2.94 11.50
CA GLY A 45 -2.57 -3.26 12.65
C GLY A 45 -1.90 -4.62 12.55
N ARG A 46 -2.27 -5.39 11.54
CA ARG A 46 -1.71 -6.74 11.39
C ARG A 46 -0.67 -6.76 10.28
N VAL A 47 0.37 -7.55 10.47
CA VAL A 47 1.38 -7.75 9.43
C VAL A 47 0.73 -8.37 8.20
N LEU A 48 0.79 -7.63 7.11
CA LEU A 48 0.13 -8.03 5.90
C LEU A 48 0.95 -9.05 5.15
N LYS A 49 0.41 -10.25 5.06
CA LYS A 49 1.10 -11.34 4.41
C LYS A 49 0.59 -11.49 2.98
N PRO A 50 1.51 -11.52 2.01
CA PRO A 50 1.16 -11.65 0.60
C PRO A 50 0.64 -13.04 0.26
N GLN A 51 -0.62 -13.28 0.59
CA GLN A 51 -1.26 -14.55 0.34
C GLN A 51 -2.54 -14.35 -0.45
N GLY A 52 -2.71 -15.14 -1.50
CA GLY A 52 -3.91 -15.08 -2.32
C GLY A 52 -4.11 -13.72 -2.95
N ARG A 53 -5.00 -12.93 -2.35
CA ARG A 53 -5.36 -11.62 -2.86
C ARG A 53 -4.20 -10.65 -2.81
N VAL A 54 -3.35 -10.79 -1.82
CA VAL A 54 -2.34 -9.80 -1.52
C VAL A 54 -1.01 -10.11 -2.21
N LYS A 55 -0.44 -9.09 -2.82
CA LYS A 55 0.89 -9.17 -3.39
C LYS A 55 1.68 -7.93 -3.01
N THR A 56 2.93 -8.12 -2.64
CA THR A 56 3.77 -7.02 -2.22
C THR A 56 4.93 -6.81 -3.18
N GLU A 57 5.10 -5.58 -3.66
CA GLU A 57 6.17 -5.27 -4.59
C GLU A 57 6.93 -4.03 -4.15
N VAL A 58 8.16 -3.92 -4.60
CA VAL A 58 8.98 -2.77 -4.31
C VAL A 58 9.77 -2.32 -5.53
N GLU A 59 9.69 -1.04 -5.82
CA GLU A 59 10.44 -0.43 -6.91
C GLU A 59 11.62 0.33 -6.32
N HIS A 60 12.21 1.24 -7.08
CA HIS A 60 13.30 2.07 -6.57
C HIS A 60 12.85 2.82 -5.33
N LYS A 61 12.05 3.87 -5.48
CA LYS A 61 11.56 4.58 -4.32
C LYS A 61 10.20 4.06 -3.87
N VAL A 62 9.34 3.74 -4.81
CA VAL A 62 7.96 3.46 -4.47
C VAL A 62 7.74 2.00 -4.12
N HIS A 63 6.90 1.79 -3.13
CA HIS A 63 6.54 0.46 -2.67
C HIS A 63 5.09 0.22 -3.05
N LYS A 64 4.80 -0.93 -3.65
CA LYS A 64 3.48 -1.16 -4.22
C LYS A 64 2.78 -2.29 -3.50
N LEU A 65 1.48 -2.15 -3.36
CA LEU A 65 0.66 -3.14 -2.69
C LEU A 65 -0.49 -3.56 -3.60
N THR A 66 -0.49 -4.81 -4.00
CA THR A 66 -1.49 -5.30 -4.92
C THR A 66 -2.50 -6.19 -4.24
N ILE A 67 -3.76 -5.89 -4.47
CA ILE A 67 -4.83 -6.73 -4.01
C ILE A 67 -5.71 -7.11 -5.21
N ALA A 68 -5.58 -8.33 -5.70
CA ALA A 68 -6.42 -8.76 -6.83
C ALA A 68 -7.74 -9.23 -6.31
N ASP A 69 -8.81 -8.88 -7.00
CA ASP A 69 -10.16 -9.24 -6.56
C ASP A 69 -10.38 -8.75 -5.13
N VAL A 70 -10.39 -7.44 -4.97
CA VAL A 70 -10.47 -6.83 -3.63
C VAL A 70 -11.78 -7.18 -2.94
N ARG A 71 -11.70 -7.38 -1.64
CA ARG A 71 -12.86 -7.67 -0.83
C ARG A 71 -12.97 -6.64 0.28
N ALA A 72 -14.17 -6.44 0.79
CA ALA A 72 -14.40 -5.50 1.89
C ALA A 72 -13.72 -6.00 3.17
N GLU A 73 -13.22 -7.23 3.14
CA GLU A 73 -12.49 -7.78 4.27
C GLU A 73 -11.05 -7.29 4.26
N ASP A 74 -10.61 -6.87 3.10
CA ASP A 74 -9.25 -6.39 2.92
C ASP A 74 -9.24 -4.86 2.94
N GLN A 75 -10.27 -4.26 3.52
CA GLN A 75 -10.36 -2.81 3.53
C GLN A 75 -10.15 -2.24 4.93
N GLY A 76 -9.95 -0.94 4.98
CA GLY A 76 -9.87 -0.20 6.22
C GLY A 76 -8.68 0.72 6.26
N GLN A 77 -7.49 0.16 6.36
CA GLN A 77 -6.27 0.95 6.37
C GLN A 77 -5.07 0.09 6.09
N TYR A 78 -4.18 0.61 5.27
CA TYR A 78 -2.91 -0.02 5.00
C TYR A 78 -1.79 0.89 5.43
N THR A 79 -0.78 0.31 6.03
CA THR A 79 0.33 1.05 6.58
C THR A 79 1.65 0.45 6.11
N CYS A 80 2.45 1.27 5.46
CA CYS A 80 3.76 0.84 4.99
C CYS A 80 4.82 1.39 5.93
N LYS A 81 5.60 0.50 6.53
CA LYS A 81 6.52 0.91 7.58
C LYS A 81 7.94 0.44 7.31
N HIS A 82 8.88 1.36 7.47
CA HIS A 82 10.29 1.04 7.36
C HIS A 82 11.01 1.55 8.60
N GLU A 83 11.10 0.67 9.59
CA GLU A 83 11.77 0.95 10.86
C GLU A 83 11.07 2.08 11.60
N ASP A 84 11.53 3.30 11.38
CA ASP A 84 10.97 4.46 12.05
C ASP A 84 9.87 5.07 11.22
N LEU A 85 10.17 5.30 9.95
CA LEU A 85 9.25 5.97 9.05
C LEU A 85 8.08 5.06 8.67
N GLU A 86 6.89 5.63 8.75
CA GLU A 86 5.68 4.89 8.45
C GLU A 86 4.73 5.74 7.61
N THR A 87 3.79 5.09 6.96
CA THR A 87 2.76 5.77 6.19
C THR A 87 1.50 4.94 6.18
N SER A 88 0.40 5.55 5.81
CA SER A 88 -0.90 4.89 5.93
C SER A 88 -1.93 5.51 5.01
N ALA A 89 -2.83 4.66 4.51
CA ALA A 89 -3.96 5.11 3.71
C ALA A 89 -5.15 4.23 3.97
N GLU A 90 -6.33 4.81 3.82
CA GLU A 90 -7.57 4.08 4.01
C GLU A 90 -7.99 3.41 2.72
N LEU A 91 -7.98 2.09 2.72
CA LEU A 91 -8.43 1.36 1.55
C LEU A 91 -9.89 1.05 1.73
N ARG A 92 -10.71 1.54 0.82
CA ARG A 92 -12.13 1.33 0.93
C ARG A 92 -12.66 0.58 -0.28
N ILE A 93 -13.42 -0.46 -0.04
CA ILE A 93 -14.10 -1.16 -1.10
C ILE A 93 -15.44 -0.46 -1.36
N GLU A 94 -15.69 -0.14 -2.62
CA GLU A 94 -16.77 0.83 -3.00
C GLU A 94 -18.05 0.07 -3.23
N LYS A 95 -19.16 0.42 -2.58
CA LYS A 95 -19.84 -0.74 -2.10
C LYS A 95 -21.30 -0.84 -1.73
N GLY A 96 -21.77 0.19 -1.10
CA GLY A 96 -23.12 0.26 -0.60
C GLY A 96 -24.09 0.66 -1.68
N GLU A 97 -25.07 -0.19 -1.91
CA GLU A 97 -26.12 0.06 -2.88
C GLU A 97 -26.92 1.31 -2.53
N LEU A 98 -27.29 1.40 -1.26
CA LEU A 98 -28.03 2.55 -0.76
C LEU A 98 -27.04 3.66 -0.41
N ARG A 99 -26.55 4.34 -1.43
CA ARG A 99 -25.55 5.38 -1.25
C ARG A 99 -26.20 6.76 -1.19
N SER A 100 -27.51 6.77 -0.97
CA SER A 100 -28.28 8.00 -0.86
C SER A 100 -28.19 8.79 -2.15
N GLY A 101 -28.48 8.14 -3.26
CA GLY A 101 -28.43 8.80 -4.55
C GLY A 101 -28.06 7.86 -5.66
N CYS A 102 -29.05 7.15 -6.17
CA CYS A 102 -28.86 6.25 -7.29
C CYS A 102 -28.76 7.06 -8.58
N GLY A 1 26.08 17.95 -11.45
CA GLY A 1 25.97 17.55 -10.02
C GLY A 1 26.36 16.12 -9.81
N ILE A 2 26.59 15.74 -8.55
CA ILE A 2 26.98 14.38 -8.22
C ILE A 2 25.75 13.46 -8.21
N ASP A 3 24.60 14.00 -7.81
CA ASP A 3 23.35 13.24 -7.73
C ASP A 3 23.49 12.03 -6.82
N PRO A 4 23.41 12.26 -5.50
CA PRO A 4 23.52 11.19 -4.50
C PRO A 4 22.34 10.23 -4.57
N PHE A 5 22.57 9.05 -5.15
CA PHE A 5 21.52 8.05 -5.27
C PHE A 5 21.20 7.46 -3.91
N THR A 6 22.17 7.53 -3.01
CA THR A 6 21.91 7.17 -1.62
C THR A 6 21.13 8.28 -0.96
N ILE A 7 19.83 8.09 -0.88
CA ILE A 7 18.95 9.09 -0.37
C ILE A 7 18.45 8.68 1.01
N GLU A 8 18.70 9.54 1.98
CA GLU A 8 18.21 9.35 3.34
C GLU A 8 16.73 9.02 3.34
N PRO A 9 16.37 8.02 4.14
CA PRO A 9 15.00 7.54 4.21
C PRO A 9 14.03 8.61 4.66
N ALA A 10 12.92 8.70 3.94
CA ALA A 10 11.89 9.68 4.21
C ALA A 10 10.61 9.26 3.52
N TRP A 11 9.48 9.71 4.04
CA TRP A 11 8.21 9.49 3.39
C TRP A 11 7.77 10.75 2.66
N GLU A 12 8.19 10.85 1.40
CA GLU A 12 7.84 11.98 0.56
C GLU A 12 6.37 11.89 0.16
N ARG A 13 6.06 10.90 -0.67
CA ARG A 13 4.68 10.66 -1.05
C ARG A 13 4.13 9.51 -0.22
N HIS A 14 3.27 9.85 0.73
CA HIS A 14 2.70 8.87 1.64
C HIS A 14 1.71 7.97 0.89
N LEU A 15 1.28 6.90 1.55
CA LEU A 15 0.32 5.99 0.94
C LEU A 15 -0.94 6.72 0.52
N GLN A 16 -1.48 6.35 -0.63
CA GLN A 16 -2.60 7.04 -1.18
C GLN A 16 -3.88 6.24 -0.97
N ASP A 17 -4.92 6.97 -0.60
CA ASP A 17 -6.22 6.38 -0.34
C ASP A 17 -6.87 5.94 -1.64
N VAL A 18 -7.23 4.67 -1.70
CA VAL A 18 -7.82 4.10 -2.90
C VAL A 18 -9.19 3.50 -2.62
N THR A 19 -10.16 3.81 -3.48
CA THR A 19 -11.50 3.26 -3.36
C THR A 19 -11.78 2.31 -4.53
N LEU A 20 -12.44 1.18 -4.26
CA LEU A 20 -12.66 0.17 -5.30
C LEU A 20 -13.93 -0.61 -5.06
N LYS A 21 -14.25 -1.45 -6.03
CA LYS A 21 -15.32 -2.41 -5.90
C LYS A 21 -14.71 -3.80 -5.76
N GLU A 22 -15.32 -4.64 -4.94
CA GLU A 22 -14.84 -6.01 -4.74
C GLU A 22 -14.75 -6.76 -6.05
N GLY A 23 -13.68 -7.51 -6.23
CA GLY A 23 -13.49 -8.26 -7.45
C GLY A 23 -12.43 -7.66 -8.34
N GLN A 24 -12.03 -6.44 -8.04
CA GLN A 24 -11.00 -5.74 -8.81
C GLN A 24 -9.64 -5.90 -8.14
N THR A 25 -8.57 -5.69 -8.90
CA THR A 25 -7.23 -5.75 -8.35
C THR A 25 -6.72 -4.34 -8.05
N CYS A 26 -6.07 -4.20 -6.91
CA CYS A 26 -5.61 -2.92 -6.41
C CYS A 26 -4.09 -2.85 -6.43
N THR A 27 -3.55 -1.65 -6.57
CA THR A 27 -2.12 -1.43 -6.38
C THR A 27 -1.88 -0.09 -5.71
N MET A 28 -1.80 -0.13 -4.38
CA MET A 28 -1.53 1.07 -3.59
C MET A 28 -0.04 1.36 -3.65
N THR A 29 0.35 2.61 -3.77
CA THR A 29 1.75 2.95 -3.85
C THR A 29 2.14 4.01 -2.84
N CYS A 30 3.38 3.92 -2.39
CA CYS A 30 3.95 4.92 -1.48
C CYS A 30 5.42 5.15 -1.81
N GLN A 31 5.77 6.40 -2.05
CA GLN A 31 7.13 6.75 -2.46
C GLN A 31 8.05 6.92 -1.24
N PHE A 32 8.91 5.94 -1.04
CA PHE A 32 9.88 5.96 0.05
C PHE A 32 11.22 6.41 -0.49
N SER A 33 11.82 7.37 0.18
CA SER A 33 13.03 8.02 -0.32
C SER A 33 14.21 7.07 -0.55
N VAL A 34 14.17 5.87 0.04
CA VAL A 34 15.26 4.93 -0.17
C VAL A 34 14.95 3.99 -1.32
N PRO A 35 15.84 3.96 -2.32
CA PRO A 35 15.67 3.15 -3.51
C PRO A 35 15.83 1.66 -3.26
N ASN A 36 14.82 0.91 -3.71
CA ASN A 36 14.86 -0.54 -3.76
C ASN A 36 15.04 -1.17 -2.38
N VAL A 37 14.32 -0.66 -1.40
CA VAL A 37 14.27 -1.29 -0.08
C VAL A 37 12.88 -1.79 0.23
N LYS A 38 12.82 -2.81 1.06
CA LYS A 38 11.57 -3.42 1.44
C LYS A 38 10.96 -2.71 2.64
N SER A 39 9.70 -2.99 2.90
CA SER A 39 9.00 -2.46 4.05
C SER A 39 7.92 -3.43 4.47
N GLU A 40 7.47 -3.33 5.71
CA GLU A 40 6.37 -4.15 6.18
C GLU A 40 5.05 -3.50 5.87
N TRP A 41 4.09 -4.34 5.57
CA TRP A 41 2.76 -3.89 5.26
C TRP A 41 1.81 -4.29 6.37
N PHE A 42 0.81 -3.47 6.61
CA PHE A 42 -0.17 -3.75 7.64
C PHE A 42 -1.59 -3.61 7.10
N ARG A 43 -2.35 -4.67 7.29
CA ARG A 43 -3.76 -4.70 6.91
C ARG A 43 -4.57 -4.35 8.14
N ASN A 44 -4.78 -3.05 8.35
CA ASN A 44 -5.48 -2.55 9.55
C ASN A 44 -4.83 -3.08 10.82
N GLY A 45 -3.53 -2.83 10.96
CA GLY A 45 -2.82 -3.18 12.18
C GLY A 45 -2.12 -4.53 12.11
N ARG A 46 -2.66 -5.45 11.31
CA ARG A 46 -2.08 -6.78 11.19
C ARG A 46 -1.03 -6.81 10.10
N VAL A 47 0.06 -7.53 10.34
CA VAL A 47 1.09 -7.70 9.31
C VAL A 47 0.52 -8.35 8.07
N LEU A 48 0.61 -7.63 6.98
CA LEU A 48 0.05 -8.06 5.73
C LEU A 48 1.11 -8.82 4.93
N LYS A 49 0.83 -10.07 4.63
CA LYS A 49 1.78 -10.93 3.94
C LYS A 49 1.29 -11.26 2.55
N PRO A 50 2.20 -11.29 1.56
CA PRO A 50 1.88 -11.61 0.18
C PRO A 50 1.52 -13.09 -0.01
N GLN A 51 0.30 -13.43 0.34
CA GLN A 51 -0.18 -14.79 0.20
C GLN A 51 -1.37 -14.85 -0.76
N GLY A 52 -1.08 -15.07 -2.03
CA GLY A 52 -2.14 -15.21 -3.02
C GLY A 52 -2.83 -13.90 -3.32
N ARG A 53 -3.80 -13.55 -2.48
CA ARG A 53 -4.61 -12.34 -2.66
C ARG A 53 -3.74 -11.09 -2.56
N VAL A 54 -2.63 -11.18 -1.85
CA VAL A 54 -1.76 -10.04 -1.63
C VAL A 54 -0.44 -10.20 -2.37
N LYS A 55 0.05 -9.11 -2.92
CA LYS A 55 1.36 -9.05 -3.54
C LYS A 55 2.08 -7.79 -3.07
N THR A 56 3.30 -7.95 -2.62
CA THR A 56 4.08 -6.84 -2.10
C THR A 56 5.29 -6.56 -2.99
N GLU A 57 5.26 -5.44 -3.69
CA GLU A 57 6.33 -5.11 -4.62
C GLU A 57 7.02 -3.83 -4.24
N VAL A 58 8.21 -3.63 -4.79
CA VAL A 58 8.97 -2.43 -4.54
C VAL A 58 9.72 -1.98 -5.79
N GLU A 59 9.61 -0.70 -6.08
CA GLU A 59 10.36 -0.08 -7.16
C GLU A 59 11.51 0.71 -6.55
N HIS A 60 12.08 1.65 -7.29
CA HIS A 60 13.13 2.51 -6.75
C HIS A 60 12.67 3.15 -5.44
N LYS A 61 11.89 4.21 -5.50
CA LYS A 61 11.41 4.82 -4.28
C LYS A 61 10.04 4.28 -3.87
N VAL A 62 9.17 4.03 -4.83
CA VAL A 62 7.80 3.69 -4.48
C VAL A 62 7.66 2.21 -4.14
N HIS A 63 6.82 1.97 -3.14
CA HIS A 63 6.50 0.63 -2.68
C HIS A 63 5.06 0.36 -3.06
N LYS A 64 4.82 -0.79 -3.68
CA LYS A 64 3.50 -1.06 -4.25
C LYS A 64 2.84 -2.22 -3.54
N LEU A 65 1.55 -2.11 -3.36
CA LEU A 65 0.76 -3.14 -2.72
C LEU A 65 -0.35 -3.59 -3.66
N THR A 66 -0.24 -4.80 -4.17
CA THR A 66 -1.21 -5.31 -5.12
C THR A 66 -2.13 -6.30 -4.45
N ILE A 67 -3.41 -6.06 -4.60
CA ILE A 67 -4.40 -6.96 -4.08
C ILE A 67 -5.29 -7.45 -5.21
N ALA A 68 -5.23 -8.73 -5.53
CA ALA A 68 -6.10 -9.27 -6.56
C ALA A 68 -7.44 -9.64 -5.95
N ASP A 69 -8.50 -9.28 -6.63
CA ASP A 69 -9.86 -9.55 -6.16
C ASP A 69 -10.07 -8.99 -4.76
N VAL A 70 -10.10 -7.66 -4.67
CA VAL A 70 -10.22 -6.96 -3.39
C VAL A 70 -11.56 -7.26 -2.72
N ARG A 71 -11.58 -7.14 -1.40
CA ARG A 71 -12.78 -7.40 -0.61
C ARG A 71 -12.99 -6.29 0.40
N ALA A 72 -14.25 -6.09 0.80
CA ALA A 72 -14.61 -5.11 1.82
C ALA A 72 -14.06 -5.54 3.18
N GLU A 73 -13.61 -6.78 3.28
CA GLU A 73 -13.02 -7.31 4.49
C GLU A 73 -11.54 -6.95 4.55
N ASP A 74 -11.02 -6.54 3.41
CA ASP A 74 -9.62 -6.14 3.32
C ASP A 74 -9.53 -4.63 3.21
N GLN A 75 -10.57 -3.95 3.67
CA GLN A 75 -10.60 -2.50 3.55
C GLN A 75 -10.39 -1.83 4.89
N GLY A 76 -10.11 -0.55 4.84
CA GLY A 76 -10.01 0.28 6.02
C GLY A 76 -8.74 1.10 6.05
N GLN A 77 -7.61 0.44 6.26
CA GLN A 77 -6.35 1.15 6.32
C GLN A 77 -5.18 0.23 6.01
N TYR A 78 -4.29 0.72 5.18
CA TYR A 78 -3.04 0.03 4.90
C TYR A 78 -1.88 0.90 5.32
N THR A 79 -0.95 0.29 6.01
CA THR A 79 0.20 0.99 6.52
C THR A 79 1.48 0.35 6.00
N CYS A 80 2.34 1.18 5.42
CA CYS A 80 3.61 0.73 4.91
C CYS A 80 4.73 1.31 5.77
N LYS A 81 5.46 0.44 6.44
CA LYS A 81 6.46 0.89 7.39
C LYS A 81 7.82 0.25 7.11
N HIS A 82 8.82 1.10 6.98
CA HIS A 82 10.20 0.65 6.87
C HIS A 82 10.88 0.81 8.21
N GLU A 83 10.70 -0.19 9.05
CA GLU A 83 11.30 -0.24 10.39
C GLU A 83 10.75 0.87 11.28
N ASP A 84 11.28 2.06 11.14
CA ASP A 84 10.79 3.22 11.87
C ASP A 84 9.74 3.96 11.06
N LEU A 85 10.15 4.47 9.90
CA LEU A 85 9.29 5.32 9.09
C LEU A 85 8.08 4.57 8.57
N GLU A 86 6.92 5.16 8.76
CA GLU A 86 5.66 4.52 8.43
C GLU A 86 4.78 5.44 7.59
N THR A 87 3.84 4.84 6.86
CA THR A 87 2.85 5.59 6.13
C THR A 87 1.56 4.80 6.07
N SER A 88 0.47 5.45 5.69
CA SER A 88 -0.83 4.81 5.74
C SER A 88 -1.82 5.48 4.80
N ALA A 89 -2.76 4.69 4.31
CA ALA A 89 -3.85 5.18 3.51
C ALA A 89 -5.10 4.37 3.77
N GLU A 90 -6.25 4.99 3.56
CA GLU A 90 -7.51 4.30 3.68
C GLU A 90 -7.83 3.57 2.39
N LEU A 91 -7.86 2.25 2.45
CA LEU A 91 -8.28 1.48 1.30
C LEU A 91 -9.75 1.16 1.48
N ARG A 92 -10.58 1.87 0.77
CA ARG A 92 -12.00 1.76 0.99
C ARG A 92 -12.68 1.06 -0.16
N ILE A 93 -13.29 -0.08 0.13
CA ILE A 93 -14.15 -0.74 -0.82
C ILE A 93 -15.51 -0.05 -0.71
N GLU A 94 -16.04 0.44 -1.82
CA GLU A 94 -17.12 1.49 -1.72
C GLU A 94 -18.49 0.83 -1.52
N LYS A 95 -19.23 0.63 -2.62
CA LYS A 95 -19.66 -0.71 -2.88
C LYS A 95 -21.09 -1.23 -3.04
N GLY A 96 -21.37 -1.96 -4.11
CA GLY A 96 -22.70 -2.51 -4.31
C GLY A 96 -23.00 -3.69 -3.38
N GLU A 97 -22.88 -3.46 -2.07
CA GLU A 97 -23.19 -4.45 -1.06
C GLU A 97 -23.84 -3.79 0.16
N LEU A 98 -25.08 -3.36 0.00
CA LEU A 98 -25.80 -2.69 1.08
C LEU A 98 -26.28 -3.69 2.12
N ARG A 99 -25.84 -4.94 1.97
CA ARG A 99 -26.17 -6.01 2.91
C ARG A 99 -25.51 -5.74 4.26
N SER A 100 -24.47 -4.91 4.25
CA SER A 100 -23.78 -4.53 5.47
C SER A 100 -24.55 -3.44 6.22
N GLY A 101 -25.50 -2.82 5.54
CA GLY A 101 -26.27 -1.75 6.13
C GLY A 101 -27.55 -2.23 6.77
N CYS A 102 -27.41 -3.00 7.84
CA CYS A 102 -28.56 -3.54 8.55
C CYS A 102 -29.20 -2.46 9.41
N GLY A 1 33.85 7.24 -8.99
CA GLY A 1 33.42 8.16 -7.91
C GLY A 1 32.15 7.68 -7.25
N ILE A 2 31.41 8.60 -6.65
CA ILE A 2 30.17 8.26 -5.98
C ILE A 2 29.13 9.38 -6.15
N ASP A 3 27.94 9.00 -6.56
CA ASP A 3 26.85 9.95 -6.73
C ASP A 3 25.79 9.72 -5.66
N PRO A 4 25.07 10.77 -5.25
CA PRO A 4 24.03 10.68 -4.23
C PRO A 4 22.77 9.95 -4.74
N PHE A 5 22.93 8.69 -5.09
CA PHE A 5 21.79 7.85 -5.42
C PHE A 5 21.14 7.38 -4.14
N THR A 6 21.95 7.30 -3.09
CA THR A 6 21.47 6.98 -1.77
C THR A 6 20.81 8.18 -1.13
N ILE A 7 19.49 8.18 -1.20
CA ILE A 7 18.71 9.27 -0.67
C ILE A 7 18.29 8.93 0.75
N GLU A 8 18.58 9.84 1.66
CA GLU A 8 18.14 9.73 3.04
C GLU A 8 16.67 9.39 3.13
N PRO A 9 16.36 8.41 3.97
CA PRO A 9 15.01 7.87 4.10
C PRO A 9 13.99 8.90 4.54
N ALA A 10 12.93 9.01 3.77
CA ALA A 10 11.86 9.94 4.05
C ALA A 10 10.58 9.47 3.39
N TRP A 11 9.45 9.82 3.98
CA TRP A 11 8.16 9.53 3.37
C TRP A 11 7.66 10.74 2.61
N GLU A 12 8.04 10.80 1.34
CA GLU A 12 7.65 11.91 0.49
C GLU A 12 6.23 11.70 -0.01
N ARG A 13 6.01 10.61 -0.73
CA ARG A 13 4.66 10.25 -1.16
C ARG A 13 4.06 9.29 -0.19
N HIS A 14 3.14 9.79 0.60
CA HIS A 14 2.44 8.99 1.60
C HIS A 14 1.47 8.06 0.90
N LEU A 15 1.11 6.96 1.56
CA LEU A 15 0.22 5.97 0.98
C LEU A 15 -1.07 6.60 0.50
N GLN A 16 -1.50 6.20 -0.70
CA GLN A 16 -2.62 6.81 -1.36
C GLN A 16 -3.95 6.16 -1.00
N ASP A 17 -4.89 7.01 -0.64
CA ASP A 17 -6.26 6.61 -0.33
C ASP A 17 -6.94 6.08 -1.59
N VAL A 18 -7.40 4.84 -1.56
CA VAL A 18 -8.05 4.24 -2.71
C VAL A 18 -9.41 3.63 -2.34
N THR A 19 -10.39 3.84 -3.21
CA THR A 19 -11.74 3.31 -3.03
C THR A 19 -12.09 2.41 -4.22
N LEU A 20 -12.73 1.25 -3.98
CA LEU A 20 -12.90 0.26 -5.04
C LEU A 20 -14.17 -0.54 -4.85
N LYS A 21 -14.38 -1.46 -5.79
CA LYS A 21 -15.42 -2.45 -5.73
C LYS A 21 -14.80 -3.83 -5.74
N GLU A 22 -15.43 -4.75 -5.02
CA GLU A 22 -14.91 -6.10 -4.88
C GLU A 22 -14.78 -6.78 -6.24
N GLY A 23 -13.63 -7.40 -6.48
CA GLY A 23 -13.38 -8.02 -7.77
C GLY A 23 -12.34 -7.25 -8.56
N GLN A 24 -12.10 -6.02 -8.16
CA GLN A 24 -11.08 -5.19 -8.79
C GLN A 24 -9.72 -5.48 -8.15
N THR A 25 -8.66 -5.22 -8.91
CA THR A 25 -7.31 -5.36 -8.38
C THR A 25 -6.79 -4.00 -7.94
N CYS A 26 -6.19 -3.97 -6.78
CA CYS A 26 -5.70 -2.73 -6.19
C CYS A 26 -4.19 -2.66 -6.27
N THR A 27 -3.67 -1.44 -6.34
CA THR A 27 -2.24 -1.22 -6.26
C THR A 27 -1.96 0.08 -5.52
N MET A 28 -1.83 -0.02 -4.21
CA MET A 28 -1.57 1.16 -3.38
C MET A 28 -0.08 1.47 -3.41
N THR A 29 0.28 2.67 -3.83
CA THR A 29 1.68 3.02 -3.97
C THR A 29 2.11 4.11 -3.01
N CYS A 30 3.38 4.09 -2.65
CA CYS A 30 3.98 5.11 -1.81
C CYS A 30 5.47 5.22 -2.10
N GLN A 31 5.92 6.44 -2.38
CA GLN A 31 7.33 6.67 -2.71
C GLN A 31 8.16 6.81 -1.43
N PHE A 32 9.10 5.90 -1.26
CA PHE A 32 10.05 5.97 -0.16
C PHE A 32 11.40 6.35 -0.71
N SER A 33 11.99 7.38 -0.12
CA SER A 33 13.21 8.00 -0.65
C SER A 33 14.38 7.02 -0.82
N VAL A 34 14.33 5.88 -0.13
CA VAL A 34 15.43 4.92 -0.19
C VAL A 34 15.17 3.87 -1.27
N PRO A 35 16.17 3.64 -2.13
CA PRO A 35 16.02 2.74 -3.26
C PRO A 35 16.16 1.26 -2.92
N ASN A 36 15.22 0.48 -3.45
CA ASN A 36 15.23 -0.98 -3.37
C ASN A 36 15.21 -1.50 -1.95
N VAL A 37 14.55 -0.80 -1.04
CA VAL A 37 14.38 -1.28 0.33
C VAL A 37 12.97 -1.82 0.52
N LYS A 38 12.87 -2.77 1.41
CA LYS A 38 11.60 -3.41 1.70
C LYS A 38 10.93 -2.74 2.88
N SER A 39 9.64 -2.98 3.03
CA SER A 39 8.87 -2.40 4.11
C SER A 39 7.86 -3.40 4.63
N GLU A 40 7.49 -3.24 5.90
CA GLU A 40 6.43 -4.04 6.47
C GLU A 40 5.09 -3.41 6.16
N TRP A 41 4.25 -4.17 5.49
CA TRP A 41 2.91 -3.74 5.18
C TRP A 41 1.97 -4.16 6.28
N PHE A 42 0.98 -3.33 6.54
CA PHE A 42 -0.01 -3.63 7.56
C PHE A 42 -1.41 -3.39 7.01
N ARG A 43 -2.34 -4.24 7.42
CA ARG A 43 -3.74 -4.06 7.09
C ARG A 43 -4.53 -3.91 8.38
N ASN A 44 -4.67 -2.67 8.82
CA ASN A 44 -5.37 -2.35 10.06
C ASN A 44 -4.63 -2.95 11.26
N GLY A 45 -3.32 -2.71 11.32
CA GLY A 45 -2.53 -3.10 12.48
C GLY A 45 -1.80 -4.42 12.29
N ARG A 46 -2.34 -5.29 11.46
CA ARG A 46 -1.75 -6.62 11.26
C ARG A 46 -0.82 -6.64 10.07
N VAL A 47 0.33 -7.29 10.23
CA VAL A 47 1.29 -7.41 9.12
C VAL A 47 0.66 -8.11 7.94
N LEU A 48 0.64 -7.40 6.83
CA LEU A 48 0.02 -7.89 5.62
C LEU A 48 1.03 -8.68 4.80
N LYS A 49 0.83 -9.99 4.77
CA LYS A 49 1.74 -10.87 4.06
C LYS A 49 1.18 -11.19 2.68
N PRO A 50 2.04 -11.19 1.65
CA PRO A 50 1.62 -11.46 0.27
C PRO A 50 1.17 -12.90 0.06
N GLN A 51 -0.06 -13.18 0.47
CA GLN A 51 -0.63 -14.52 0.33
C GLN A 51 -1.85 -14.47 -0.59
N GLY A 52 -1.75 -15.16 -1.71
CA GLY A 52 -2.87 -15.24 -2.63
C GLY A 52 -3.14 -13.94 -3.36
N ARG A 53 -4.19 -13.25 -2.92
CA ARG A 53 -4.62 -12.00 -3.57
C ARG A 53 -3.65 -10.87 -3.27
N VAL A 54 -2.85 -11.03 -2.23
CA VAL A 54 -1.96 -9.98 -1.78
C VAL A 54 -0.59 -10.12 -2.40
N LYS A 55 -0.05 -9.02 -2.89
CA LYS A 55 1.29 -8.98 -3.41
C LYS A 55 1.98 -7.70 -2.95
N THR A 56 3.19 -7.85 -2.46
CA THR A 56 3.96 -6.72 -1.99
C THR A 56 5.11 -6.41 -2.95
N GLU A 57 4.94 -5.38 -3.75
CA GLU A 57 5.93 -5.03 -4.75
C GLU A 57 6.77 -3.84 -4.29
N VAL A 58 7.98 -3.79 -4.78
CA VAL A 58 8.87 -2.70 -4.48
C VAL A 58 9.69 -2.31 -5.69
N GLU A 59 9.71 -1.02 -5.99
CA GLU A 59 10.54 -0.49 -7.05
C GLU A 59 11.69 0.29 -6.43
N HIS A 60 12.33 1.15 -7.22
CA HIS A 60 13.42 1.98 -6.70
C HIS A 60 12.98 2.71 -5.43
N LYS A 61 12.16 3.73 -5.56
CA LYS A 61 11.70 4.45 -4.39
C LYS A 61 10.29 4.04 -3.97
N VAL A 62 9.42 3.79 -4.94
CA VAL A 62 8.03 3.54 -4.61
C VAL A 62 7.79 2.09 -4.21
N HIS A 63 6.90 1.93 -3.26
CA HIS A 63 6.48 0.64 -2.78
C HIS A 63 5.03 0.44 -3.18
N LYS A 64 4.71 -0.73 -3.71
CA LYS A 64 3.37 -0.95 -4.22
C LYS A 64 2.72 -2.12 -3.50
N LEU A 65 1.41 -2.02 -3.34
CA LEU A 65 0.65 -3.07 -2.69
C LEU A 65 -0.46 -3.52 -3.63
N THR A 66 -0.30 -4.72 -4.15
CA THR A 66 -1.24 -5.25 -5.12
C THR A 66 -2.18 -6.24 -4.49
N ILE A 67 -3.47 -5.98 -4.61
CA ILE A 67 -4.45 -6.92 -4.18
C ILE A 67 -5.36 -7.29 -5.35
N ALA A 68 -5.23 -8.51 -5.85
CA ALA A 68 -6.11 -8.95 -6.92
C ALA A 68 -7.45 -9.36 -6.36
N ASP A 69 -8.51 -8.90 -7.01
CA ASP A 69 -9.87 -9.21 -6.60
C ASP A 69 -10.10 -8.83 -5.13
N VAL A 70 -10.12 -7.53 -4.87
CA VAL A 70 -10.20 -7.00 -3.51
C VAL A 70 -11.53 -7.36 -2.84
N ARG A 71 -11.48 -7.45 -1.52
CA ARG A 71 -12.66 -7.76 -0.72
C ARG A 71 -12.90 -6.64 0.29
N ALA A 72 -14.13 -6.54 0.76
CA ALA A 72 -14.48 -5.60 1.82
C ALA A 72 -13.89 -6.06 3.15
N GLU A 73 -13.28 -7.23 3.14
CA GLU A 73 -12.59 -7.74 4.31
C GLU A 73 -11.21 -7.15 4.40
N ASP A 74 -10.70 -6.78 3.26
CA ASP A 74 -9.38 -6.20 3.14
C ASP A 74 -9.40 -4.72 3.45
N GLN A 75 -10.58 -4.14 3.61
CA GLN A 75 -10.67 -2.69 3.66
C GLN A 75 -10.42 -2.15 5.06
N GLY A 76 -10.15 -0.86 5.09
CA GLY A 76 -9.96 -0.15 6.34
C GLY A 76 -8.72 0.72 6.33
N GLN A 77 -7.55 0.10 6.35
CA GLN A 77 -6.31 0.84 6.43
C GLN A 77 -5.13 0.00 6.01
N TYR A 78 -4.24 0.62 5.24
CA TYR A 78 -2.99 -0.01 4.86
C TYR A 78 -1.84 0.89 5.27
N THR A 79 -0.84 0.28 5.86
CA THR A 79 0.30 1.02 6.36
C THR A 79 1.60 0.43 5.81
N CYS A 80 2.42 1.29 5.23
CA CYS A 80 3.72 0.88 4.72
C CYS A 80 4.80 1.46 5.62
N LYS A 81 5.46 0.60 6.37
CA LYS A 81 6.43 1.07 7.34
C LYS A 81 7.81 0.47 7.10
N HIS A 82 8.81 1.30 7.26
CA HIS A 82 10.19 0.87 7.24
C HIS A 82 10.85 1.25 8.56
N GLU A 83 10.71 0.35 9.54
CA GLU A 83 11.28 0.51 10.87
C GLU A 83 10.60 1.66 11.61
N ASP A 84 11.10 2.87 11.42
CA ASP A 84 10.49 4.04 12.03
C ASP A 84 9.46 4.63 11.10
N LEU A 85 9.92 5.01 9.92
CA LEU A 85 9.10 5.71 8.95
C LEU A 85 7.94 4.86 8.49
N GLU A 86 6.75 5.34 8.79
CA GLU A 86 5.54 4.64 8.43
C GLU A 86 4.61 5.55 7.64
N THR A 87 3.80 4.96 6.79
CA THR A 87 2.78 5.70 6.08
C THR A 87 1.51 4.88 6.02
N SER A 88 0.41 5.52 5.71
CA SER A 88 -0.88 4.86 5.76
C SER A 88 -1.90 5.53 4.85
N ALA A 89 -2.81 4.72 4.35
CA ALA A 89 -3.95 5.20 3.59
C ALA A 89 -5.15 4.33 3.89
N GLU A 90 -6.33 4.90 3.77
CA GLU A 90 -7.55 4.17 4.02
C GLU A 90 -8.03 3.53 2.73
N LEU A 91 -8.10 2.21 2.73
CA LEU A 91 -8.57 1.50 1.55
C LEU A 91 -10.02 1.14 1.75
N ARG A 92 -10.87 1.61 0.86
CA ARG A 92 -12.30 1.48 1.08
C ARG A 92 -12.99 0.79 -0.09
N ILE A 93 -13.45 -0.42 0.16
CA ILE A 93 -14.29 -1.13 -0.79
C ILE A 93 -15.74 -0.75 -0.50
N GLU A 94 -16.40 -0.17 -1.50
CA GLU A 94 -17.70 0.57 -1.23
C GLU A 94 -18.90 -0.36 -1.26
N LYS A 95 -19.83 -0.18 -2.22
CA LYS A 95 -20.29 -1.39 -2.83
C LYS A 95 -21.58 -2.14 -2.42
N GLY A 96 -22.71 -1.57 -2.78
CA GLY A 96 -24.00 -2.10 -2.35
C GLY A 96 -24.56 -3.14 -3.29
N GLU A 97 -23.76 -3.54 -4.27
CA GLU A 97 -24.18 -4.54 -5.24
C GLU A 97 -24.54 -5.86 -4.55
N LEU A 98 -23.64 -6.32 -3.69
CA LEU A 98 -23.86 -7.54 -2.93
C LEU A 98 -25.02 -7.33 -1.96
N ARG A 99 -25.10 -6.12 -1.44
CA ARG A 99 -26.15 -5.75 -0.48
C ARG A 99 -27.51 -5.68 -1.17
N SER A 100 -27.50 -5.69 -2.50
CA SER A 100 -28.71 -5.74 -3.31
C SER A 100 -29.62 -4.54 -3.07
N GLY A 101 -29.02 -3.41 -2.71
CA GLY A 101 -29.80 -2.20 -2.49
C GLY A 101 -30.05 -1.93 -1.02
N CYS A 102 -30.08 -2.99 -0.22
CA CYS A 102 -30.30 -2.83 1.21
C CYS A 102 -28.97 -2.80 1.96
N GLY A 1 27.29 17.59 -3.26
CA GLY A 1 26.07 18.12 -3.91
C GLY A 1 24.88 17.22 -3.70
N ILE A 2 24.05 17.08 -4.73
CA ILE A 2 22.89 16.21 -4.66
C ILE A 2 23.22 14.85 -5.29
N ASP A 3 23.33 13.83 -4.45
CA ASP A 3 23.62 12.49 -4.91
C ASP A 3 22.35 11.70 -5.14
N PRO A 4 21.98 11.45 -6.40
CA PRO A 4 20.76 10.71 -6.75
C PRO A 4 20.92 9.20 -6.57
N PHE A 5 22.01 8.78 -5.96
CA PHE A 5 22.27 7.36 -5.73
C PHE A 5 21.81 6.95 -4.34
N THR A 6 22.42 7.52 -3.34
CA THR A 6 22.04 7.27 -1.97
C THR A 6 21.16 8.40 -1.45
N ILE A 7 19.87 8.14 -1.47
CA ILE A 7 18.90 9.13 -1.08
C ILE A 7 18.41 8.86 0.34
N GLU A 8 18.75 9.79 1.24
CA GLU A 8 18.39 9.68 2.64
C GLU A 8 16.90 9.44 2.86
N PRO A 9 16.60 8.66 3.90
CA PRO A 9 15.26 8.12 4.16
C PRO A 9 14.22 9.19 4.46
N ALA A 10 13.08 9.08 3.79
CA ALA A 10 11.99 10.02 3.95
C ALA A 10 10.71 9.48 3.33
N TRP A 11 9.57 9.88 3.86
CA TRP A 11 8.29 9.57 3.25
C TRP A 11 7.83 10.73 2.40
N GLU A 12 8.23 10.70 1.13
CA GLU A 12 7.94 11.79 0.20
C GLU A 12 6.49 11.72 -0.24
N ARG A 13 6.08 10.57 -0.75
CA ARG A 13 4.68 10.37 -1.09
C ARG A 13 4.08 9.35 -0.16
N HIS A 14 3.26 9.82 0.76
CA HIS A 14 2.63 8.95 1.75
C HIS A 14 1.63 8.04 1.08
N LEU A 15 1.31 6.92 1.73
CA LEU A 15 0.39 5.94 1.19
C LEU A 15 -0.90 6.61 0.71
N GLN A 16 -1.32 6.27 -0.49
CA GLN A 16 -2.46 6.90 -1.11
C GLN A 16 -3.71 6.08 -0.94
N ASP A 17 -4.80 6.74 -0.58
CA ASP A 17 -6.07 6.06 -0.36
C ASP A 17 -6.72 5.71 -1.68
N VAL A 18 -7.08 4.45 -1.82
CA VAL A 18 -7.72 3.96 -3.05
C VAL A 18 -9.12 3.42 -2.72
N THR A 19 -10.03 3.55 -3.66
CA THR A 19 -11.40 3.08 -3.49
C THR A 19 -11.81 2.16 -4.64
N LEU A 20 -12.39 0.98 -4.34
CA LEU A 20 -12.59 -0.03 -5.38
C LEU A 20 -13.82 -0.88 -5.10
N LYS A 21 -14.38 -1.47 -6.15
CA LYS A 21 -15.42 -2.49 -6.00
C LYS A 21 -14.76 -3.86 -5.86
N GLU A 22 -15.43 -4.77 -5.18
CA GLU A 22 -14.88 -6.11 -4.98
C GLU A 22 -14.75 -6.85 -6.30
N GLY A 23 -13.66 -7.58 -6.45
CA GLY A 23 -13.41 -8.30 -7.68
C GLY A 23 -12.30 -7.66 -8.49
N GLN A 24 -12.10 -6.37 -8.28
CA GLN A 24 -11.08 -5.63 -8.98
C GLN A 24 -9.74 -5.75 -8.26
N THR A 25 -8.65 -5.56 -8.99
CA THR A 25 -7.33 -5.63 -8.40
C THR A 25 -6.86 -4.23 -7.98
N CYS A 26 -6.23 -4.16 -6.82
CA CYS A 26 -5.76 -2.90 -6.26
C CYS A 26 -4.24 -2.81 -6.32
N THR A 27 -3.73 -1.60 -6.42
CA THR A 27 -2.31 -1.36 -6.31
C THR A 27 -2.05 -0.05 -5.58
N MET A 28 -1.96 -0.13 -4.26
CA MET A 28 -1.68 1.03 -3.45
C MET A 28 -0.20 1.35 -3.56
N THR A 29 0.18 2.61 -3.56
CA THR A 29 1.57 2.96 -3.67
C THR A 29 2.01 3.96 -2.62
N CYS A 30 3.30 3.92 -2.30
CA CYS A 30 3.91 4.85 -1.38
C CYS A 30 5.38 5.07 -1.76
N GLN A 31 5.75 6.32 -1.95
CA GLN A 31 7.10 6.66 -2.41
C GLN A 31 8.05 6.85 -1.23
N PHE A 32 8.89 5.86 -1.00
CA PHE A 32 9.90 5.93 0.05
C PHE A 32 11.21 6.40 -0.55
N SER A 33 11.79 7.42 0.06
CA SER A 33 12.96 8.11 -0.49
C SER A 33 14.17 7.17 -0.69
N VAL A 34 14.17 6.01 -0.05
CA VAL A 34 15.28 5.08 -0.21
C VAL A 34 14.97 4.07 -1.33
N PRO A 35 15.88 3.97 -2.31
CA PRO A 35 15.71 3.09 -3.45
C PRO A 35 15.91 1.61 -3.11
N ASN A 36 14.96 0.80 -3.59
CA ASN A 36 15.06 -0.65 -3.59
C ASN A 36 15.08 -1.25 -2.20
N VAL A 37 14.41 -0.60 -1.26
CA VAL A 37 14.23 -1.17 0.06
C VAL A 37 12.82 -1.69 0.22
N LYS A 38 12.69 -2.71 1.04
CA LYS A 38 11.42 -3.35 1.28
C LYS A 38 10.79 -2.79 2.56
N SER A 39 9.52 -3.07 2.75
CA SER A 39 8.81 -2.60 3.93
C SER A 39 7.72 -3.57 4.33
N GLU A 40 7.38 -3.59 5.60
CA GLU A 40 6.29 -4.40 6.07
C GLU A 40 4.97 -3.67 5.89
N TRP A 41 4.06 -4.31 5.20
CA TRP A 41 2.73 -3.77 5.01
C TRP A 41 1.82 -4.26 6.13
N PHE A 42 0.89 -3.42 6.54
CA PHE A 42 -0.02 -3.80 7.60
C PHE A 42 -1.47 -3.65 7.16
N ARG A 43 -2.23 -4.69 7.40
CA ARG A 43 -3.65 -4.72 7.12
C ARG A 43 -4.41 -4.58 8.43
N ASN A 44 -4.68 -3.32 8.79
CA ASN A 44 -5.41 -2.99 10.01
C ASN A 44 -4.65 -3.50 11.24
N GLY A 45 -3.41 -3.07 11.38
CA GLY A 45 -2.62 -3.38 12.56
C GLY A 45 -1.85 -4.68 12.45
N ARG A 46 -2.30 -5.57 11.58
CA ARG A 46 -1.66 -6.87 11.44
C ARG A 46 -0.79 -6.91 10.20
N VAL A 47 0.32 -7.64 10.28
CA VAL A 47 1.24 -7.78 9.16
C VAL A 47 0.55 -8.38 7.96
N LEU A 48 0.57 -7.65 6.87
CA LEU A 48 -0.09 -8.04 5.65
C LEU A 48 0.82 -8.91 4.81
N LYS A 49 0.72 -10.21 5.00
CA LYS A 49 1.58 -11.16 4.31
C LYS A 49 1.10 -11.39 2.88
N PRO A 50 1.99 -11.16 1.89
CA PRO A 50 1.67 -11.26 0.47
C PRO A 50 1.55 -12.71 -0.01
N GLN A 51 0.36 -13.27 0.11
CA GLN A 51 0.11 -14.63 -0.33
C GLN A 51 -1.10 -14.69 -1.26
N GLY A 52 -0.84 -14.86 -2.55
CA GLY A 52 -1.90 -15.04 -3.53
C GLY A 52 -2.65 -13.76 -3.83
N ARG A 53 -3.66 -13.48 -3.02
CA ARG A 53 -4.50 -12.29 -3.18
C ARG A 53 -3.67 -11.04 -2.95
N VAL A 54 -2.72 -11.14 -2.05
CA VAL A 54 -1.89 -10.02 -1.67
C VAL A 54 -0.50 -10.14 -2.28
N LYS A 55 0.05 -9.02 -2.74
CA LYS A 55 1.39 -8.98 -3.28
C LYS A 55 2.07 -7.68 -2.87
N THR A 56 3.31 -7.78 -2.48
CA THR A 56 4.08 -6.62 -2.05
C THR A 56 5.22 -6.34 -3.02
N GLU A 57 4.99 -5.40 -3.93
CA GLU A 57 5.96 -5.06 -4.94
C GLU A 57 6.76 -3.83 -4.53
N VAL A 58 7.95 -3.70 -5.07
CA VAL A 58 8.79 -2.57 -4.75
C VAL A 58 9.58 -2.10 -5.97
N GLU A 59 9.59 -0.80 -6.17
CA GLU A 59 10.39 -0.16 -7.20
C GLU A 59 11.56 0.57 -6.54
N HIS A 60 12.17 1.51 -7.25
CA HIS A 60 13.22 2.33 -6.66
C HIS A 60 12.72 2.97 -5.37
N LYS A 61 11.92 4.02 -5.48
CA LYS A 61 11.43 4.67 -4.27
C LYS A 61 10.07 4.15 -3.85
N VAL A 62 9.20 3.87 -4.81
CA VAL A 62 7.83 3.57 -4.45
C VAL A 62 7.61 2.09 -4.15
N HIS A 63 6.77 1.87 -3.16
CA HIS A 63 6.40 0.55 -2.71
C HIS A 63 4.95 0.32 -3.08
N LYS A 64 4.66 -0.79 -3.73
CA LYS A 64 3.33 -1.01 -4.24
C LYS A 64 2.67 -2.18 -3.53
N LEU A 65 1.37 -2.08 -3.36
CA LEU A 65 0.60 -3.12 -2.69
C LEU A 65 -0.49 -3.62 -3.61
N THR A 66 -0.35 -4.83 -4.09
CA THR A 66 -1.29 -5.40 -5.04
C THR A 66 -2.23 -6.36 -4.38
N ILE A 67 -3.51 -6.08 -4.49
CA ILE A 67 -4.52 -6.99 -4.05
C ILE A 67 -5.40 -7.41 -5.21
N ALA A 68 -5.23 -8.62 -5.71
CA ALA A 68 -6.08 -9.10 -6.78
C ALA A 68 -7.42 -9.53 -6.21
N ASP A 69 -8.48 -9.08 -6.85
CA ASP A 69 -9.84 -9.37 -6.41
C ASP A 69 -10.02 -8.90 -4.97
N VAL A 70 -10.11 -7.59 -4.80
CA VAL A 70 -10.16 -6.98 -3.47
C VAL A 70 -11.42 -7.36 -2.72
N ARG A 71 -11.33 -7.27 -1.39
CA ARG A 71 -12.45 -7.57 -0.52
C ARG A 71 -12.69 -6.39 0.41
N ALA A 72 -13.92 -6.26 0.87
CA ALA A 72 -14.27 -5.25 1.87
C ALA A 72 -13.69 -5.62 3.23
N GLU A 73 -13.22 -6.86 3.36
CA GLU A 73 -12.49 -7.28 4.53
C GLU A 73 -11.07 -6.78 4.47
N ASP A 74 -10.68 -6.44 3.28
CA ASP A 74 -9.37 -5.87 3.02
C ASP A 74 -9.45 -4.36 2.91
N GLN A 75 -10.38 -3.75 3.61
CA GLN A 75 -10.52 -2.31 3.53
C GLN A 75 -10.38 -1.63 4.90
N GLY A 76 -10.17 -0.34 4.85
CA GLY A 76 -10.14 0.49 6.05
C GLY A 76 -8.85 1.27 6.17
N GLN A 77 -7.75 0.58 6.44
CA GLN A 77 -6.47 1.23 6.60
C GLN A 77 -5.33 0.30 6.21
N TYR A 78 -4.39 0.83 5.46
CA TYR A 78 -3.15 0.15 5.17
C TYR A 78 -1.99 1.00 5.62
N THR A 79 -0.99 0.35 6.17
CA THR A 79 0.15 1.04 6.70
C THR A 79 1.44 0.42 6.18
N CYS A 80 2.26 1.23 5.54
CA CYS A 80 3.53 0.78 5.02
C CYS A 80 4.64 1.27 5.93
N LYS A 81 5.40 0.34 6.49
CA LYS A 81 6.36 0.69 7.52
C LYS A 81 7.76 0.18 7.19
N HIS A 82 8.74 1.06 7.38
CA HIS A 82 10.13 0.70 7.22
C HIS A 82 10.90 1.09 8.46
N GLU A 83 10.88 0.21 9.45
CA GLU A 83 11.63 0.36 10.70
C GLU A 83 11.12 1.55 11.51
N ASP A 84 11.63 2.72 11.22
CA ASP A 84 11.24 3.93 11.90
C ASP A 84 10.09 4.63 11.18
N LEU A 85 10.23 4.82 9.89
CA LEU A 85 9.26 5.58 9.12
C LEU A 85 8.07 4.73 8.71
N GLU A 86 6.88 5.28 8.93
CA GLU A 86 5.63 4.61 8.59
C GLU A 86 4.74 5.52 7.77
N THR A 87 3.79 4.93 7.07
CA THR A 87 2.81 5.67 6.31
C THR A 87 1.51 4.89 6.24
N SER A 88 0.44 5.57 5.85
CA SER A 88 -0.88 4.97 5.92
C SER A 88 -1.84 5.58 4.92
N ALA A 89 -2.78 4.77 4.45
CA ALA A 89 -3.85 5.22 3.59
C ALA A 89 -5.13 4.48 3.90
N GLU A 90 -6.24 5.12 3.63
CA GLU A 90 -7.53 4.50 3.80
C GLU A 90 -7.92 3.76 2.54
N LEU A 91 -7.91 2.45 2.61
CA LEU A 91 -8.21 1.64 1.44
C LEU A 91 -9.67 1.24 1.51
N ARG A 92 -10.51 1.91 0.75
CA ARG A 92 -11.94 1.72 0.87
C ARG A 92 -12.50 0.94 -0.31
N ILE A 93 -13.03 -0.24 -0.03
CA ILE A 93 -13.82 -0.93 -1.00
C ILE A 93 -15.25 -0.38 -0.93
N GLU A 94 -15.92 -0.21 -2.05
CA GLU A 94 -17.07 0.79 -2.12
C GLU A 94 -18.33 0.23 -1.47
N LYS A 95 -19.21 -0.38 -2.25
CA LYS A 95 -19.61 -1.69 -1.84
C LYS A 95 -20.96 -2.13 -1.29
N GLY A 96 -21.82 -2.63 -2.15
CA GLY A 96 -23.18 -2.95 -1.76
C GLY A 96 -23.32 -4.35 -1.18
N GLU A 97 -23.85 -4.42 0.03
CA GLU A 97 -24.17 -5.71 0.63
C GLU A 97 -25.49 -6.22 0.06
N LEU A 98 -26.56 -5.48 0.32
CA LEU A 98 -27.87 -5.79 -0.26
C LEU A 98 -28.14 -4.90 -1.45
N ARG A 99 -27.30 -3.87 -1.58
CA ARG A 99 -27.40 -2.86 -2.64
C ARG A 99 -28.64 -1.99 -2.42
N SER A 100 -29.45 -2.35 -1.43
CA SER A 100 -30.60 -1.55 -1.05
C SER A 100 -30.13 -0.32 -0.27
N GLY A 101 -30.12 0.83 -0.95
CA GLY A 101 -29.62 2.03 -0.34
C GLY A 101 -28.14 2.19 -0.60
N CYS A 102 -27.35 1.25 -0.10
CA CYS A 102 -25.93 1.22 -0.34
C CYS A 102 -25.60 0.19 -1.41
N GLY A 1 30.90 18.34 -6.56
CA GLY A 1 29.82 17.77 -7.42
C GLY A 1 28.76 17.08 -6.60
N ILE A 2 27.67 16.68 -7.25
CA ILE A 2 26.60 15.97 -6.57
C ILE A 2 26.56 14.52 -7.02
N ASP A 3 26.68 13.62 -6.07
CA ASP A 3 26.62 12.19 -6.35
C ASP A 3 25.40 11.58 -5.69
N PRO A 4 24.46 11.05 -6.49
CA PRO A 4 23.24 10.44 -5.96
C PRO A 4 23.53 9.20 -5.11
N PHE A 5 23.49 9.36 -3.80
CA PHE A 5 23.66 8.23 -2.89
C PHE A 5 22.29 7.75 -2.42
N THR A 6 22.28 6.79 -1.52
CA THR A 6 21.04 6.31 -0.95
C THR A 6 20.35 7.40 -0.17
N ILE A 7 19.20 7.83 -0.68
CA ILE A 7 18.43 8.87 -0.02
C ILE A 7 17.96 8.39 1.32
N GLU A 8 18.35 9.12 2.36
CA GLU A 8 17.92 8.85 3.72
C GLU A 8 16.42 8.62 3.81
N PRO A 9 16.06 7.65 4.65
CA PRO A 9 14.71 7.10 4.70
C PRO A 9 13.65 8.08 5.16
N ALA A 10 12.67 8.32 4.30
CA ALA A 10 11.56 9.20 4.61
C ALA A 10 10.36 8.86 3.74
N TRP A 11 9.20 9.36 4.14
CA TRP A 11 7.99 9.18 3.34
C TRP A 11 7.64 10.44 2.58
N GLU A 12 7.98 10.45 1.30
CA GLU A 12 7.72 11.59 0.43
C GLU A 12 6.28 11.56 -0.04
N ARG A 13 5.95 10.54 -0.82
CA ARG A 13 4.59 10.29 -1.25
C ARG A 13 3.97 9.26 -0.34
N HIS A 14 3.11 9.71 0.54
CA HIS A 14 2.48 8.84 1.53
C HIS A 14 1.48 7.92 0.84
N LEU A 15 1.06 6.88 1.54
CA LEU A 15 0.12 5.92 0.98
C LEU A 15 -1.18 6.59 0.55
N GLN A 16 -1.68 6.19 -0.61
CA GLN A 16 -2.84 6.80 -1.19
C GLN A 16 -4.13 6.08 -0.80
N ASP A 17 -5.11 6.87 -0.40
CA ASP A 17 -6.41 6.36 0.02
C ASP A 17 -7.22 5.97 -1.20
N VAL A 18 -7.23 4.68 -1.52
CA VAL A 18 -7.91 4.20 -2.71
C VAL A 18 -9.32 3.72 -2.36
N THR A 19 -10.26 3.95 -3.26
CA THR A 19 -11.63 3.51 -3.08
C THR A 19 -12.14 2.86 -4.37
N LEU A 20 -12.52 1.58 -4.29
CA LEU A 20 -12.86 0.83 -5.49
C LEU A 20 -13.85 -0.30 -5.18
N LYS A 21 -14.22 -1.05 -6.21
CA LYS A 21 -15.20 -2.11 -6.08
C LYS A 21 -14.51 -3.47 -5.91
N GLU A 22 -15.14 -4.35 -5.14
CA GLU A 22 -14.63 -5.71 -4.92
C GLU A 22 -14.50 -6.47 -6.22
N GLY A 23 -13.61 -7.46 -6.23
CA GLY A 23 -13.43 -8.28 -7.40
C GLY A 23 -12.30 -7.78 -8.29
N GLN A 24 -11.87 -6.55 -8.05
CA GLN A 24 -10.81 -5.97 -8.85
C GLN A 24 -9.47 -6.07 -8.12
N THR A 25 -8.39 -5.86 -8.87
CA THR A 25 -7.06 -5.88 -8.31
C THR A 25 -6.62 -4.45 -7.99
N CYS A 26 -6.04 -4.26 -6.81
CA CYS A 26 -5.67 -2.94 -6.33
C CYS A 26 -4.15 -2.78 -6.31
N THR A 27 -3.68 -1.55 -6.47
CA THR A 27 -2.27 -1.24 -6.35
C THR A 27 -2.06 0.05 -5.56
N MET A 28 -1.87 -0.09 -4.26
CA MET A 28 -1.64 1.06 -3.40
C MET A 28 -0.16 1.41 -3.40
N THR A 29 0.18 2.59 -3.88
CA THR A 29 1.58 2.97 -4.00
C THR A 29 2.01 3.95 -2.92
N CYS A 30 3.30 3.92 -2.61
CA CYS A 30 3.89 4.85 -1.66
C CYS A 30 5.38 5.03 -1.97
N GLN A 31 5.79 6.28 -2.12
CA GLN A 31 7.18 6.58 -2.51
C GLN A 31 8.08 6.72 -1.28
N PHE A 32 8.92 5.72 -1.06
CA PHE A 32 9.87 5.73 0.04
C PHE A 32 11.23 6.18 -0.48
N SER A 33 11.83 7.09 0.26
CA SER A 33 13.06 7.75 -0.18
C SER A 33 14.22 6.78 -0.46
N VAL A 34 14.19 5.60 0.15
CA VAL A 34 15.28 4.64 -0.04
C VAL A 34 14.95 3.66 -1.16
N PRO A 35 15.88 3.50 -2.11
CA PRO A 35 15.68 2.64 -3.28
C PRO A 35 15.66 1.14 -2.96
N ASN A 36 14.70 0.47 -3.58
CA ASN A 36 14.52 -1.00 -3.58
C ASN A 36 14.55 -1.66 -2.19
N VAL A 37 14.40 -0.89 -1.13
CA VAL A 37 14.27 -1.48 0.20
C VAL A 37 12.88 -2.03 0.40
N LYS A 38 12.78 -3.02 1.25
CA LYS A 38 11.54 -3.70 1.50
C LYS A 38 10.83 -3.06 2.68
N SER A 39 9.52 -3.17 2.72
CA SER A 39 8.75 -2.57 3.79
C SER A 39 7.73 -3.54 4.35
N GLU A 40 7.47 -3.43 5.64
CA GLU A 40 6.43 -4.21 6.28
C GLU A 40 5.10 -3.51 6.09
N TRP A 41 4.21 -4.17 5.37
CA TRP A 41 2.89 -3.64 5.15
C TRP A 41 1.97 -4.03 6.28
N PHE A 42 0.85 -3.32 6.40
CA PHE A 42 -0.12 -3.62 7.43
C PHE A 42 -1.53 -3.54 6.88
N ARG A 43 -2.30 -4.57 7.17
CA ARG A 43 -3.70 -4.63 6.79
C ARG A 43 -4.54 -4.36 8.04
N ASN A 44 -4.76 -3.09 8.33
CA ASN A 44 -5.54 -2.69 9.50
C ASN A 44 -4.85 -3.13 10.80
N GLY A 45 -3.55 -2.86 10.89
CA GLY A 45 -2.83 -3.12 12.12
C GLY A 45 -1.94 -4.35 12.08
N ARG A 46 -2.30 -5.32 11.25
CA ARG A 46 -1.52 -6.56 11.17
C ARG A 46 -0.62 -6.56 9.95
N VAL A 47 0.60 -7.10 10.11
CA VAL A 47 1.55 -7.19 9.02
C VAL A 47 0.95 -7.91 7.82
N LEU A 48 0.90 -7.18 6.72
CA LEU A 48 0.30 -7.67 5.51
C LEU A 48 1.36 -8.31 4.63
N LYS A 49 1.49 -9.62 4.71
CA LYS A 49 2.45 -10.35 3.93
C LYS A 49 1.85 -10.76 2.59
N PRO A 50 2.67 -10.75 1.52
CA PRO A 50 2.21 -11.06 0.15
C PRO A 50 1.79 -12.52 0.00
N GLN A 51 0.57 -12.80 0.40
CA GLN A 51 0.01 -14.15 0.31
C GLN A 51 -1.09 -14.19 -0.73
N GLY A 52 -0.84 -14.90 -1.83
CA GLY A 52 -1.85 -15.09 -2.86
C GLY A 52 -2.31 -13.81 -3.51
N ARG A 53 -3.40 -13.24 -3.00
CA ARG A 53 -3.95 -12.00 -3.54
C ARG A 53 -3.00 -10.84 -3.29
N VAL A 54 -2.30 -10.91 -2.18
CA VAL A 54 -1.44 -9.81 -1.76
C VAL A 54 -0.07 -9.94 -2.40
N LYS A 55 0.42 -8.84 -2.93
CA LYS A 55 1.74 -8.79 -3.50
C LYS A 55 2.40 -7.48 -3.15
N THR A 56 3.59 -7.55 -2.62
CA THR A 56 4.31 -6.37 -2.17
C THR A 56 5.44 -6.04 -3.12
N GLU A 57 5.15 -5.25 -4.13
CA GLU A 57 6.13 -4.87 -5.12
C GLU A 57 6.93 -3.68 -4.66
N VAL A 58 8.14 -3.57 -5.17
CA VAL A 58 9.00 -2.46 -4.83
C VAL A 58 9.80 -2.00 -6.06
N GLU A 59 9.70 -0.71 -6.33
CA GLU A 59 10.47 -0.08 -7.38
C GLU A 59 11.66 0.61 -6.72
N HIS A 60 12.28 1.57 -7.41
CA HIS A 60 13.34 2.37 -6.76
C HIS A 60 12.82 2.94 -5.45
N LYS A 61 12.06 4.02 -5.51
CA LYS A 61 11.56 4.62 -4.30
C LYS A 61 10.16 4.16 -3.96
N VAL A 62 9.31 3.97 -4.96
CA VAL A 62 7.91 3.68 -4.68
C VAL A 62 7.69 2.19 -4.42
N HIS A 63 6.81 1.93 -3.48
CA HIS A 63 6.41 0.60 -3.10
C HIS A 63 4.97 0.40 -3.54
N LYS A 64 4.64 -0.75 -4.07
CA LYS A 64 3.32 -0.95 -4.65
C LYS A 64 2.65 -2.16 -4.03
N LEU A 65 1.52 -1.93 -3.42
CA LEU A 65 0.76 -2.97 -2.76
C LEU A 65 -0.32 -3.48 -3.69
N THR A 66 -0.18 -4.71 -4.15
CA THR A 66 -1.11 -5.28 -5.09
C THR A 66 -2.00 -6.28 -4.41
N ILE A 67 -3.30 -6.05 -4.50
CA ILE A 67 -4.25 -7.02 -4.00
C ILE A 67 -5.13 -7.49 -5.15
N ALA A 68 -4.97 -8.73 -5.56
CA ALA A 68 -5.86 -9.30 -6.57
C ALA A 68 -7.19 -9.65 -5.94
N ASP A 69 -8.27 -9.34 -6.64
CA ASP A 69 -9.61 -9.67 -6.18
C ASP A 69 -9.83 -9.19 -4.73
N VAL A 70 -9.90 -7.87 -4.58
CA VAL A 70 -10.04 -7.25 -3.27
C VAL A 70 -11.41 -7.53 -2.65
N ARG A 71 -11.45 -7.55 -1.33
CA ARG A 71 -12.70 -7.67 -0.60
C ARG A 71 -12.88 -6.45 0.28
N ALA A 72 -14.10 -6.21 0.71
CA ALA A 72 -14.39 -5.11 1.62
C ALA A 72 -13.90 -5.44 3.02
N GLU A 73 -13.52 -6.69 3.23
CA GLU A 73 -12.94 -7.09 4.51
C GLU A 73 -11.46 -6.73 4.56
N ASP A 74 -10.89 -6.48 3.39
CA ASP A 74 -9.50 -6.05 3.28
C ASP A 74 -9.46 -4.53 3.25
N GLN A 75 -10.46 -3.90 3.83
CA GLN A 75 -10.58 -2.46 3.76
C GLN A 75 -10.25 -1.81 5.09
N GLY A 76 -10.12 -0.50 5.07
CA GLY A 76 -10.01 0.29 6.28
C GLY A 76 -8.74 1.12 6.32
N GLN A 77 -7.60 0.47 6.46
CA GLN A 77 -6.35 1.18 6.56
C GLN A 77 -5.18 0.30 6.18
N TYR A 78 -4.30 0.85 5.37
CA TYR A 78 -3.06 0.19 5.02
C TYR A 78 -1.89 1.05 5.43
N THR A 79 -0.94 0.44 6.09
CA THR A 79 0.21 1.14 6.58
C THR A 79 1.49 0.49 6.07
N CYS A 80 2.24 1.25 5.29
CA CYS A 80 3.52 0.81 4.80
C CYS A 80 4.60 1.34 5.71
N LYS A 81 5.32 0.44 6.36
CA LYS A 81 6.24 0.83 7.40
C LYS A 81 7.63 0.27 7.15
N HIS A 82 8.63 1.13 7.25
CA HIS A 82 10.01 0.70 7.16
C HIS A 82 10.78 1.19 8.36
N GLU A 83 10.89 0.32 9.36
CA GLU A 83 11.68 0.56 10.56
C GLU A 83 11.12 1.73 11.37
N ASP A 84 11.51 2.93 10.99
CA ASP A 84 11.06 4.13 11.67
C ASP A 84 9.86 4.73 10.95
N LEU A 85 10.04 5.07 9.69
CA LEU A 85 9.00 5.67 8.89
C LEU A 85 7.81 4.73 8.69
N GLU A 86 6.63 5.28 8.88
CA GLU A 86 5.40 4.57 8.61
C GLU A 86 4.42 5.46 7.87
N THR A 87 3.77 4.93 6.86
CA THR A 87 2.76 5.68 6.14
C THR A 87 1.46 4.92 6.14
N SER A 88 0.38 5.60 5.85
CA SER A 88 -0.94 5.00 5.97
C SER A 88 -1.94 5.62 5.01
N ALA A 89 -2.85 4.79 4.54
CA ALA A 89 -3.96 5.24 3.72
C ALA A 89 -5.20 4.45 4.03
N GLU A 90 -6.34 5.07 3.83
CA GLU A 90 -7.62 4.43 4.07
C GLU A 90 -8.13 3.77 2.80
N LEU A 91 -8.15 2.45 2.78
CA LEU A 91 -8.61 1.73 1.60
C LEU A 91 -10.10 1.42 1.74
N ARG A 92 -10.90 2.00 0.87
CA ARG A 92 -12.33 1.75 0.88
C ARG A 92 -12.75 0.89 -0.29
N ILE A 93 -13.26 -0.29 0.00
CA ILE A 93 -13.82 -1.15 -1.02
C ILE A 93 -15.32 -1.13 -0.88
N GLU A 94 -16.02 -0.35 -1.70
CA GLU A 94 -17.50 -0.24 -1.49
C GLU A 94 -18.22 0.02 -2.80
N LYS A 95 -18.67 1.25 -3.05
CA LYS A 95 -18.32 1.77 -4.32
C LYS A 95 -19.18 1.61 -5.57
N GLY A 96 -20.37 1.08 -5.34
CA GLY A 96 -21.29 0.78 -6.42
C GLY A 96 -22.28 -0.28 -5.98
N GLU A 97 -23.01 -0.84 -6.94
CA GLU A 97 -24.02 -1.87 -6.66
C GLU A 97 -25.13 -1.30 -5.78
N LEU A 98 -26.04 -2.16 -5.33
CA LEU A 98 -27.15 -1.74 -4.50
C LEU A 98 -27.16 -2.51 -3.19
N ARG A 99 -25.99 -2.60 -2.56
CA ARG A 99 -25.85 -3.32 -1.31
C ARG A 99 -25.76 -2.35 -0.14
N SER A 100 -25.67 -1.06 -0.47
CA SER A 100 -25.48 0.00 0.51
C SER A 100 -24.18 -0.24 1.29
N GLY A 101 -23.21 -0.83 0.61
CA GLY A 101 -21.95 -1.16 1.24
C GLY A 101 -21.55 -2.60 1.00
N CYS A 102 -21.62 -3.42 2.03
CA CYS A 102 -21.27 -4.81 1.94
C CYS A 102 -22.54 -5.67 1.89
N GLY A 1 25.46 14.13 -14.98
CA GLY A 1 26.67 13.55 -14.35
C GLY A 1 26.58 13.54 -12.84
N ILE A 2 25.69 12.73 -12.29
CA ILE A 2 25.51 12.65 -10.86
C ILE A 2 25.89 11.27 -10.34
N ASP A 3 26.07 11.17 -9.04
CA ASP A 3 26.30 9.90 -8.39
C ASP A 3 25.06 9.50 -7.62
N PRO A 4 24.57 8.27 -7.78
CA PRO A 4 23.42 7.76 -7.02
C PRO A 4 23.76 7.57 -5.54
N PHE A 5 23.84 8.68 -4.83
CA PHE A 5 24.12 8.65 -3.40
C PHE A 5 23.00 7.94 -2.66
N THR A 6 23.32 7.36 -1.52
CA THR A 6 22.32 6.68 -0.72
C THR A 6 21.40 7.70 -0.08
N ILE A 7 20.25 7.88 -0.70
CA ILE A 7 19.26 8.85 -0.23
C ILE A 7 18.71 8.42 1.13
N GLU A 8 19.01 9.22 2.14
CA GLU A 8 18.51 9.01 3.47
C GLU A 8 16.99 8.92 3.50
N PRO A 9 16.49 8.03 4.36
CA PRO A 9 15.10 7.60 4.37
C PRO A 9 14.11 8.70 4.71
N ALA A 10 13.03 8.75 3.93
CA ALA A 10 11.98 9.73 4.12
C ALA A 10 10.71 9.25 3.45
N TRP A 11 9.57 9.74 3.91
CA TRP A 11 8.30 9.47 3.26
C TRP A 11 7.87 10.68 2.45
N GLU A 12 8.31 10.72 1.20
CA GLU A 12 7.98 11.81 0.30
C GLU A 12 6.54 11.72 -0.14
N ARG A 13 6.19 10.64 -0.82
CA ARG A 13 4.82 10.41 -1.20
C ARG A 13 4.22 9.35 -0.31
N HIS A 14 3.27 9.75 0.51
CA HIS A 14 2.64 8.86 1.47
C HIS A 14 1.65 7.95 0.77
N LEU A 15 1.14 6.95 1.48
CA LEU A 15 0.20 6.01 0.91
C LEU A 15 -1.08 6.71 0.46
N GLN A 16 -1.62 6.25 -0.66
CA GLN A 16 -2.80 6.86 -1.23
C GLN A 16 -4.02 6.01 -1.01
N ASP A 17 -5.11 6.65 -0.62
CA ASP A 17 -6.34 5.96 -0.26
C ASP A 17 -7.16 5.64 -1.50
N VAL A 18 -7.27 4.36 -1.79
CA VAL A 18 -8.05 3.92 -2.96
C VAL A 18 -9.42 3.39 -2.56
N THR A 19 -10.44 3.77 -3.33
CA THR A 19 -11.79 3.26 -3.16
C THR A 19 -12.25 2.58 -4.45
N LEU A 20 -12.63 1.31 -4.36
CA LEU A 20 -13.04 0.55 -5.54
C LEU A 20 -14.01 -0.57 -5.17
N LYS A 21 -14.43 -1.33 -6.18
CA LYS A 21 -15.39 -2.41 -5.99
C LYS A 21 -14.68 -3.75 -5.79
N GLU A 22 -15.32 -4.65 -5.05
CA GLU A 22 -14.81 -6.01 -4.85
C GLU A 22 -14.68 -6.74 -6.18
N GLY A 23 -13.71 -7.64 -6.25
CA GLY A 23 -13.49 -8.41 -7.46
C GLY A 23 -12.45 -7.79 -8.35
N GLN A 24 -12.17 -6.51 -8.11
CA GLN A 24 -11.17 -5.78 -8.88
C GLN A 24 -9.82 -5.86 -8.18
N THR A 25 -8.76 -5.56 -8.92
CA THR A 25 -7.43 -5.54 -8.36
C THR A 25 -7.04 -4.13 -7.95
N CYS A 26 -6.35 -4.02 -6.83
CA CYS A 26 -5.93 -2.72 -6.31
C CYS A 26 -4.42 -2.60 -6.33
N THR A 27 -3.92 -1.40 -6.60
CA THR A 27 -2.50 -1.14 -6.54
C THR A 27 -2.24 0.21 -5.87
N MET A 28 -1.98 0.18 -4.58
CA MET A 28 -1.68 1.42 -3.85
C MET A 28 -0.17 1.55 -3.69
N THR A 29 0.34 2.76 -3.86
CA THR A 29 1.78 2.97 -3.84
C THR A 29 2.22 3.97 -2.77
N CYS A 30 3.48 3.87 -2.37
CA CYS A 30 4.08 4.81 -1.45
C CYS A 30 5.56 5.01 -1.81
N GLN A 31 5.97 6.25 -1.95
CA GLN A 31 7.32 6.56 -2.41
C GLN A 31 8.28 6.72 -1.23
N PHE A 32 9.13 5.72 -1.02
CA PHE A 32 10.11 5.76 0.06
C PHE A 32 11.47 6.17 -0.50
N SER A 33 12.08 7.15 0.15
CA SER A 33 13.29 7.79 -0.36
C SER A 33 14.47 6.84 -0.58
N VAL A 34 14.46 5.67 0.05
CA VAL A 34 15.59 4.76 -0.05
C VAL A 34 15.37 3.76 -1.18
N PRO A 35 16.38 3.64 -2.08
CA PRO A 35 16.25 2.84 -3.28
C PRO A 35 16.36 1.33 -3.04
N ASN A 36 15.38 0.63 -3.58
CA ASN A 36 15.34 -0.83 -3.63
C ASN A 36 15.30 -1.48 -2.24
N VAL A 37 14.80 -0.75 -1.25
CA VAL A 37 14.59 -1.35 0.06
C VAL A 37 13.16 -1.80 0.21
N LYS A 38 12.94 -2.68 1.16
CA LYS A 38 11.62 -3.21 1.41
C LYS A 38 11.05 -2.60 2.67
N SER A 39 9.75 -2.78 2.85
CA SER A 39 9.08 -2.33 4.04
C SER A 39 7.92 -3.25 4.34
N GLU A 40 7.51 -3.30 5.60
CA GLU A 40 6.38 -4.13 5.97
C GLU A 40 5.10 -3.41 5.71
N TRP A 41 4.09 -4.21 5.53
CA TRP A 41 2.75 -3.69 5.27
C TRP A 41 1.84 -4.10 6.39
N PHE A 42 0.91 -3.23 6.73
CA PHE A 42 -0.01 -3.49 7.82
C PHE A 42 -1.44 -3.14 7.42
N ARG A 43 -2.34 -4.07 7.70
CA ARG A 43 -3.75 -3.85 7.49
C ARG A 43 -4.47 -3.85 8.83
N ASN A 44 -4.60 -2.65 9.39
CA ASN A 44 -5.22 -2.47 10.71
C ASN A 44 -4.45 -3.25 11.79
N GLY A 45 -3.14 -3.01 11.84
CA GLY A 45 -2.33 -3.61 12.90
C GLY A 45 -1.79 -4.98 12.55
N ARG A 46 -2.31 -5.60 11.50
CA ARG A 46 -1.87 -6.93 11.09
C ARG A 46 -0.85 -6.83 9.96
N VAL A 47 0.24 -7.59 10.06
CA VAL A 47 1.20 -7.69 8.99
C VAL A 47 0.53 -8.23 7.73
N LEU A 48 0.59 -7.41 6.70
CA LEU A 48 -0.09 -7.70 5.46
C LEU A 48 0.77 -8.60 4.57
N LYS A 49 0.70 -9.89 4.83
CA LYS A 49 1.52 -10.87 4.14
C LYS A 49 1.06 -11.03 2.70
N PRO A 50 1.98 -10.89 1.74
CA PRO A 50 1.66 -11.02 0.32
C PRO A 50 1.45 -12.48 -0.09
N GLN A 51 0.27 -13.01 0.20
CA GLN A 51 -0.06 -14.37 -0.15
C GLN A 51 -1.25 -14.38 -1.12
N GLY A 52 -0.95 -14.56 -2.41
CA GLY A 52 -1.99 -14.69 -3.42
C GLY A 52 -2.74 -13.40 -3.66
N ARG A 53 -3.77 -13.17 -2.85
CA ARG A 53 -4.63 -12.00 -3.00
C ARG A 53 -3.87 -10.71 -2.67
N VAL A 54 -2.76 -10.84 -1.96
CA VAL A 54 -1.96 -9.71 -1.57
C VAL A 54 -0.59 -9.80 -2.22
N LYS A 55 -0.06 -8.67 -2.64
CA LYS A 55 1.25 -8.61 -3.25
C LYS A 55 1.97 -7.35 -2.81
N THR A 56 3.27 -7.46 -2.67
CA THR A 56 4.08 -6.34 -2.21
C THR A 56 5.29 -6.13 -3.11
N GLU A 57 5.16 -5.22 -4.06
CA GLU A 57 6.25 -4.93 -4.99
C GLU A 57 7.02 -3.70 -4.55
N VAL A 58 8.23 -3.55 -5.08
CA VAL A 58 9.03 -2.38 -4.79
C VAL A 58 9.88 -1.99 -5.99
N GLU A 59 9.85 -0.71 -6.33
CA GLU A 59 10.74 -0.16 -7.35
C GLU A 59 11.83 0.63 -6.64
N HIS A 60 12.54 1.50 -7.36
CA HIS A 60 13.59 2.33 -6.76
C HIS A 60 13.13 2.93 -5.44
N LYS A 61 12.18 3.85 -5.47
CA LYS A 61 11.71 4.47 -4.23
C LYS A 61 10.32 3.97 -3.84
N VAL A 62 9.44 3.74 -4.80
CA VAL A 62 8.06 3.49 -4.47
C VAL A 62 7.80 2.01 -4.17
N HIS A 63 7.00 1.79 -3.15
CA HIS A 63 6.59 0.46 -2.74
C HIS A 63 5.14 0.27 -3.12
N LYS A 64 4.85 -0.82 -3.79
CA LYS A 64 3.55 -1.03 -4.39
C LYS A 64 2.80 -2.14 -3.69
N LEU A 65 1.52 -1.94 -3.48
CA LEU A 65 0.68 -2.91 -2.83
C LEU A 65 -0.40 -3.38 -3.79
N THR A 66 -0.39 -4.65 -4.13
CA THR A 66 -1.34 -5.20 -5.07
C THR A 66 -2.31 -6.13 -4.39
N ILE A 67 -3.58 -5.84 -4.51
CA ILE A 67 -4.60 -6.74 -4.01
C ILE A 67 -5.48 -7.18 -5.17
N ALA A 68 -5.24 -8.38 -5.70
CA ALA A 68 -6.08 -8.92 -6.75
C ALA A 68 -7.37 -9.44 -6.17
N ASP A 69 -8.48 -9.10 -6.80
CA ASP A 69 -9.81 -9.52 -6.35
C ASP A 69 -10.02 -9.09 -4.89
N VAL A 70 -10.12 -7.78 -4.69
CA VAL A 70 -10.26 -7.23 -3.34
C VAL A 70 -11.57 -7.64 -2.68
N ARG A 71 -11.56 -7.68 -1.37
CA ARG A 71 -12.76 -7.91 -0.58
C ARG A 71 -12.98 -6.73 0.36
N ALA A 72 -14.22 -6.53 0.79
CA ALA A 72 -14.54 -5.49 1.75
C ALA A 72 -13.91 -5.78 3.10
N GLU A 73 -13.47 -7.03 3.28
CA GLU A 73 -12.81 -7.43 4.52
C GLU A 73 -11.35 -6.99 4.52
N ASP A 74 -10.85 -6.75 3.34
CA ASP A 74 -9.47 -6.27 3.17
C ASP A 74 -9.48 -4.75 3.16
N GLN A 75 -10.48 -4.16 3.79
CA GLN A 75 -10.65 -2.72 3.76
C GLN A 75 -10.40 -2.09 5.14
N GLY A 76 -10.12 -0.80 5.13
CA GLY A 76 -10.02 -0.02 6.35
C GLY A 76 -8.78 0.85 6.40
N GLN A 77 -7.62 0.23 6.55
CA GLN A 77 -6.38 0.97 6.64
C GLN A 77 -5.21 0.14 6.15
N TYR A 78 -4.41 0.73 5.31
CA TYR A 78 -3.19 0.12 4.83
C TYR A 78 -2.01 0.99 5.19
N THR A 79 -1.13 0.43 5.99
CA THR A 79 0.04 1.14 6.48
C THR A 79 1.31 0.51 5.94
N CYS A 80 2.20 1.33 5.43
CA CYS A 80 3.50 0.87 4.98
C CYS A 80 4.56 1.39 5.94
N LYS A 81 5.32 0.49 6.52
CA LYS A 81 6.29 0.88 7.53
C LYS A 81 7.68 0.37 7.21
N HIS A 82 8.64 1.22 7.45
CA HIS A 82 10.05 0.84 7.37
C HIS A 82 10.73 1.23 8.66
N GLU A 83 10.63 0.33 9.62
CA GLU A 83 11.29 0.46 10.92
C GLU A 83 10.73 1.65 11.69
N ASP A 84 11.31 2.82 11.47
CA ASP A 84 10.92 4.02 12.18
C ASP A 84 9.87 4.80 11.40
N LEU A 85 10.03 4.85 10.09
CA LEU A 85 9.15 5.63 9.24
C LEU A 85 7.93 4.85 8.82
N GLU A 86 6.79 5.52 8.80
CA GLU A 86 5.52 4.88 8.50
C GLU A 86 4.66 5.74 7.56
N THR A 87 3.69 5.10 6.94
CA THR A 87 2.70 5.81 6.14
C THR A 87 1.42 5.00 6.11
N SER A 88 0.33 5.62 5.70
CA SER A 88 -0.97 4.98 5.79
C SER A 88 -1.95 5.55 4.78
N ALA A 89 -2.85 4.70 4.32
CA ALA A 89 -3.95 5.11 3.48
C ALA A 89 -5.19 4.30 3.85
N GLU A 90 -6.34 4.91 3.65
CA GLU A 90 -7.60 4.25 3.92
C GLU A 90 -8.08 3.51 2.69
N LEU A 91 -8.19 2.20 2.78
CA LEU A 91 -8.66 1.41 1.65
C LEU A 91 -10.15 1.15 1.81
N ARG A 92 -10.95 1.82 1.01
CA ARG A 92 -12.39 1.71 1.13
C ARG A 92 -12.96 0.94 -0.04
N ILE A 93 -13.60 -0.18 0.27
CA ILE A 93 -14.29 -0.97 -0.74
C ILE A 93 -15.74 -0.50 -0.79
N GLU A 94 -16.10 0.16 -1.89
CA GLU A 94 -17.36 0.99 -1.91
C GLU A 94 -18.56 0.11 -2.25
N LYS A 95 -18.81 -0.07 -3.54
CA LYS A 95 -18.80 -1.41 -4.02
C LYS A 95 -19.95 -2.14 -4.69
N GLY A 96 -21.03 -2.18 -3.96
CA GLY A 96 -22.22 -2.84 -4.41
C GLY A 96 -23.47 -2.17 -3.87
N GLU A 97 -24.09 -1.36 -4.72
CA GLU A 97 -25.29 -0.64 -4.32
C GLU A 97 -26.54 -1.32 -4.87
N LEU A 98 -27.65 -0.60 -4.90
CA LEU A 98 -28.92 -1.17 -5.34
C LEU A 98 -28.84 -1.71 -6.77
N ARG A 99 -28.01 -1.09 -7.59
CA ARG A 99 -27.88 -1.51 -8.99
C ARG A 99 -26.91 -2.68 -9.12
N SER A 100 -26.26 -3.03 -8.02
CA SER A 100 -25.34 -4.15 -8.03
C SER A 100 -26.00 -5.39 -7.42
N GLY A 101 -26.53 -5.23 -6.21
CA GLY A 101 -27.20 -6.33 -5.55
C GLY A 101 -26.85 -6.40 -4.09
N CYS A 102 -27.37 -5.47 -3.32
CA CYS A 102 -27.14 -5.46 -1.88
C CYS A 102 -28.35 -6.05 -1.16
N GLY A 1 26.81 14.31 -12.53
CA GLY A 1 25.49 14.21 -13.21
C GLY A 1 24.64 13.13 -12.61
N ILE A 2 25.08 11.87 -12.72
CA ILE A 2 24.40 10.76 -12.09
C ILE A 2 24.51 10.88 -10.58
N ASP A 3 25.75 11.06 -10.11
CA ASP A 3 26.04 11.28 -8.70
C ASP A 3 25.40 10.21 -7.81
N PRO A 4 26.11 9.09 -7.60
CA PRO A 4 25.61 7.96 -6.81
C PRO A 4 25.57 8.27 -5.32
N PHE A 5 24.45 8.79 -4.86
CA PHE A 5 24.25 9.08 -3.44
C PHE A 5 22.91 8.52 -2.99
N THR A 6 22.91 7.90 -1.83
CA THR A 6 21.68 7.35 -1.28
C THR A 6 20.87 8.43 -0.59
N ILE A 7 19.68 8.66 -1.12
CA ILE A 7 18.77 9.63 -0.55
C ILE A 7 18.35 9.18 0.85
N GLU A 8 18.68 10.00 1.83
CA GLU A 8 18.25 9.77 3.21
C GLU A 8 16.76 9.47 3.28
N PRO A 9 16.42 8.38 3.98
CA PRO A 9 15.07 7.83 4.02
C PRO A 9 14.02 8.83 4.51
N ALA A 10 12.95 8.94 3.73
CA ALA A 10 11.85 9.84 4.07
C ALA A 10 10.58 9.38 3.38
N TRP A 11 9.44 9.76 3.95
CA TRP A 11 8.15 9.50 3.31
C TRP A 11 7.66 10.74 2.60
N GLU A 12 8.04 10.87 1.34
CA GLU A 12 7.60 11.99 0.52
C GLU A 12 6.17 11.75 0.06
N ARG A 13 5.97 10.66 -0.67
CA ARG A 13 4.65 10.28 -1.12
C ARG A 13 4.06 9.26 -0.17
N HIS A 14 3.17 9.73 0.68
CA HIS A 14 2.53 8.87 1.67
C HIS A 14 1.52 7.98 0.97
N LEU A 15 1.12 6.89 1.64
CA LEU A 15 0.14 5.98 1.08
C LEU A 15 -1.14 6.71 0.72
N GLN A 16 -1.64 6.44 -0.47
CA GLN A 16 -2.80 7.13 -0.97
C GLN A 16 -4.04 6.27 -0.76
N ASP A 17 -5.12 6.92 -0.35
CA ASP A 17 -6.37 6.23 -0.09
C ASP A 17 -7.05 5.89 -1.40
N VAL A 18 -7.42 4.63 -1.54
CA VAL A 18 -8.02 4.15 -2.78
C VAL A 18 -9.40 3.55 -2.53
N THR A 19 -10.32 3.74 -3.47
CA THR A 19 -11.64 3.14 -3.41
C THR A 19 -11.80 2.17 -4.58
N LEU A 20 -12.36 0.99 -4.33
CA LEU A 20 -12.46 -0.06 -5.36
C LEU A 20 -13.74 -0.86 -5.20
N LYS A 21 -14.01 -1.71 -6.18
CA LYS A 21 -15.11 -2.66 -6.10
C LYS A 21 -14.55 -4.03 -5.73
N GLU A 22 -15.31 -4.78 -4.94
CA GLU A 22 -14.94 -6.14 -4.60
C GLU A 22 -14.87 -6.99 -5.87
N GLY A 23 -13.65 -7.38 -6.23
CA GLY A 23 -13.43 -8.07 -7.50
C GLY A 23 -12.42 -7.35 -8.36
N GLN A 24 -12.20 -6.07 -8.07
CA GLN A 24 -11.17 -5.29 -8.75
C GLN A 24 -9.80 -5.57 -8.13
N THR A 25 -8.76 -5.15 -8.82
CA THR A 25 -7.40 -5.34 -8.34
C THR A 25 -6.83 -4.02 -7.83
N CYS A 26 -6.22 -4.09 -6.66
CA CYS A 26 -5.69 -2.93 -5.97
C CYS A 26 -4.19 -2.78 -6.22
N THR A 27 -3.74 -1.54 -6.28
CA THR A 27 -2.32 -1.25 -6.27
C THR A 27 -2.06 0.07 -5.57
N MET A 28 -1.86 -0.01 -4.26
CA MET A 28 -1.57 1.17 -3.45
C MET A 28 -0.07 1.43 -3.51
N THR A 29 0.32 2.68 -3.72
CA THR A 29 1.74 2.99 -3.86
C THR A 29 2.20 3.99 -2.81
N CYS A 30 3.48 3.93 -2.50
CA CYS A 30 4.11 4.87 -1.59
C CYS A 30 5.58 5.05 -1.94
N GLN A 31 5.97 6.28 -2.22
CA GLN A 31 7.34 6.59 -2.62
C GLN A 31 8.23 6.77 -1.40
N PHE A 32 9.11 5.80 -1.19
CA PHE A 32 10.08 5.84 -0.11
C PHE A 32 11.43 6.27 -0.67
N SER A 33 12.01 7.28 -0.05
CA SER A 33 13.21 7.94 -0.60
C SER A 33 14.40 6.99 -0.78
N VAL A 34 14.37 5.82 -0.15
CA VAL A 34 15.48 4.87 -0.28
C VAL A 34 15.18 3.86 -1.40
N PRO A 35 16.16 3.66 -2.30
CA PRO A 35 15.99 2.79 -3.45
C PRO A 35 16.07 1.30 -3.12
N ASN A 36 15.10 0.57 -3.67
CA ASN A 36 15.08 -0.89 -3.68
C ASN A 36 15.07 -1.52 -2.29
N VAL A 37 14.55 -0.80 -1.32
CA VAL A 37 14.41 -1.36 0.03
C VAL A 37 13.01 -1.88 0.25
N LYS A 38 12.90 -2.84 1.13
CA LYS A 38 11.64 -3.47 1.44
C LYS A 38 10.98 -2.80 2.64
N SER A 39 9.71 -3.07 2.83
CA SER A 39 8.97 -2.52 3.96
C SER A 39 7.86 -3.47 4.39
N GLU A 40 7.52 -3.42 5.66
CA GLU A 40 6.43 -4.24 6.17
C GLU A 40 5.12 -3.52 5.98
N TRP A 41 4.15 -4.22 5.41
CA TRP A 41 2.83 -3.68 5.24
C TRP A 41 1.94 -4.11 6.39
N PHE A 42 1.06 -3.23 6.80
CA PHE A 42 0.13 -3.51 7.88
C PHE A 42 -1.28 -3.16 7.46
N ARG A 43 -2.21 -4.06 7.72
CA ARG A 43 -3.62 -3.81 7.48
C ARG A 43 -4.31 -3.65 8.83
N ASN A 44 -4.36 -2.41 9.31
CA ASN A 44 -4.88 -2.09 10.63
C ASN A 44 -4.07 -2.80 11.71
N GLY A 45 -2.76 -2.55 11.72
CA GLY A 45 -1.89 -3.06 12.77
C GLY A 45 -1.41 -4.49 12.52
N ARG A 46 -2.11 -5.20 11.63
CA ARG A 46 -1.79 -6.58 11.34
C ARG A 46 -0.81 -6.67 10.17
N VAL A 47 0.28 -7.42 10.36
CA VAL A 47 1.24 -7.64 9.28
C VAL A 47 0.56 -8.23 8.07
N LEU A 48 0.68 -7.50 6.98
CA LEU A 48 0.05 -7.86 5.75
C LEU A 48 1.02 -8.68 4.90
N LYS A 49 0.87 -9.99 4.96
CA LYS A 49 1.76 -10.88 4.23
C LYS A 49 1.24 -11.11 2.82
N PRO A 50 2.10 -10.90 1.82
CA PRO A 50 1.74 -11.04 0.41
C PRO A 50 1.48 -12.50 0.01
N GLN A 51 0.29 -12.98 0.32
CA GLN A 51 -0.09 -14.34 0.02
C GLN A 51 -1.21 -14.37 -1.02
N GLY A 52 -0.93 -15.00 -2.15
CA GLY A 52 -1.94 -15.24 -3.17
C GLY A 52 -2.41 -13.96 -3.86
N ARG A 53 -3.45 -13.37 -3.32
CA ARG A 53 -4.06 -12.18 -3.91
C ARG A 53 -3.26 -10.92 -3.58
N VAL A 54 -2.53 -10.97 -2.48
CA VAL A 54 -1.77 -9.82 -2.03
C VAL A 54 -0.33 -9.93 -2.50
N LYS A 55 0.19 -8.82 -3.01
CA LYS A 55 1.57 -8.74 -3.43
C LYS A 55 2.18 -7.45 -2.95
N THR A 56 3.37 -7.54 -2.39
CA THR A 56 4.08 -6.38 -1.92
C THR A 56 5.26 -6.09 -2.84
N GLU A 57 5.02 -5.31 -3.86
CA GLU A 57 6.03 -5.04 -4.86
C GLU A 57 6.87 -3.84 -4.44
N VAL A 58 8.07 -3.79 -4.97
CA VAL A 58 8.96 -2.70 -4.66
C VAL A 58 9.76 -2.29 -5.89
N GLU A 59 9.82 -0.99 -6.11
CA GLU A 59 10.63 -0.43 -7.16
C GLU A 59 11.75 0.39 -6.54
N HIS A 60 12.38 1.27 -7.31
CA HIS A 60 13.42 2.15 -6.79
C HIS A 60 12.96 2.82 -5.51
N LYS A 61 12.11 3.82 -5.61
CA LYS A 61 11.64 4.49 -4.41
C LYS A 61 10.24 4.03 -4.01
N VAL A 62 9.38 3.78 -4.98
CA VAL A 62 8.00 3.51 -4.65
C VAL A 62 7.78 2.05 -4.26
N HIS A 63 6.93 1.86 -3.27
CA HIS A 63 6.54 0.55 -2.79
C HIS A 63 5.08 0.34 -3.12
N LYS A 64 4.73 -0.84 -3.59
CA LYS A 64 3.40 -1.07 -4.13
C LYS A 64 2.70 -2.23 -3.44
N LEU A 65 1.42 -2.08 -3.23
CA LEU A 65 0.60 -3.12 -2.64
C LEU A 65 -0.46 -3.56 -3.64
N THR A 66 -0.28 -4.76 -4.16
CA THR A 66 -1.17 -5.27 -5.20
C THR A 66 -2.11 -6.31 -4.65
N ILE A 67 -3.38 -6.15 -4.92
CA ILE A 67 -4.37 -7.12 -4.49
C ILE A 67 -5.33 -7.47 -5.61
N ALA A 68 -5.25 -8.67 -6.14
CA ALA A 68 -6.20 -9.09 -7.14
C ALA A 68 -7.49 -9.54 -6.48
N ASP A 69 -8.61 -9.12 -7.05
CA ASP A 69 -9.94 -9.49 -6.56
C ASP A 69 -10.10 -9.13 -5.08
N VAL A 70 -10.08 -7.83 -4.81
CA VAL A 70 -10.18 -7.32 -3.44
C VAL A 70 -11.55 -7.54 -2.83
N ARG A 71 -11.60 -7.53 -1.51
CA ARG A 71 -12.83 -7.63 -0.78
C ARG A 71 -12.93 -6.48 0.21
N ALA A 72 -14.13 -6.25 0.74
CA ALA A 72 -14.34 -5.25 1.78
C ALA A 72 -13.74 -5.73 3.10
N GLU A 73 -13.24 -6.96 3.10
CA GLU A 73 -12.56 -7.51 4.25
C GLU A 73 -11.14 -6.97 4.32
N ASP A 74 -10.66 -6.50 3.18
CA ASP A 74 -9.33 -5.93 3.08
C ASP A 74 -9.38 -4.43 3.31
N GLN A 75 -10.57 -3.89 3.49
CA GLN A 75 -10.72 -2.45 3.52
C GLN A 75 -10.50 -1.89 4.93
N GLY A 76 -10.20 -0.62 4.99
CA GLY A 76 -10.07 0.09 6.24
C GLY A 76 -8.80 0.91 6.33
N GLN A 77 -7.65 0.26 6.43
CA GLN A 77 -6.41 0.98 6.59
C GLN A 77 -5.22 0.13 6.15
N TYR A 78 -4.35 0.74 5.38
CA TYR A 78 -3.08 0.15 5.02
C TYR A 78 -1.95 1.03 5.47
N THR A 79 -0.91 0.43 5.98
CA THR A 79 0.21 1.14 6.53
C THR A 79 1.51 0.50 6.07
N CYS A 80 2.34 1.29 5.41
CA CYS A 80 3.63 0.82 4.94
C CYS A 80 4.72 1.34 5.87
N LYS A 81 5.42 0.44 6.53
CA LYS A 81 6.38 0.85 7.55
C LYS A 81 7.76 0.29 7.27
N HIS A 82 8.74 1.15 7.45
CA HIS A 82 10.14 0.79 7.34
C HIS A 82 10.85 1.23 8.60
N GLU A 83 10.88 0.33 9.57
CA GLU A 83 11.56 0.54 10.85
C GLU A 83 10.93 1.68 11.63
N ASP A 84 11.43 2.89 11.41
CA ASP A 84 10.96 4.07 12.08
C ASP A 84 9.88 4.77 11.28
N LEU A 85 10.08 4.85 9.98
CA LEU A 85 9.19 5.59 9.11
C LEU A 85 7.97 4.76 8.74
N GLU A 86 6.82 5.41 8.70
CA GLU A 86 5.56 4.75 8.43
C GLU A 86 4.67 5.62 7.56
N THR A 87 3.64 5.02 7.00
CA THR A 87 2.67 5.73 6.21
C THR A 87 1.38 4.93 6.15
N SER A 88 0.29 5.58 5.79
CA SER A 88 -1.01 4.94 5.87
C SER A 88 -2.03 5.58 4.95
N ALA A 89 -3.02 4.78 4.56
CA ALA A 89 -4.14 5.25 3.78
C ALA A 89 -5.37 4.41 4.09
N GLU A 90 -6.54 4.98 3.89
CA GLU A 90 -7.79 4.26 4.10
C GLU A 90 -8.24 3.63 2.79
N LEU A 91 -8.29 2.31 2.75
CA LEU A 91 -8.74 1.63 1.55
C LEU A 91 -10.24 1.39 1.65
N ARG A 92 -10.98 1.93 0.71
CA ARG A 92 -12.43 1.82 0.72
C ARG A 92 -12.91 0.92 -0.40
N ILE A 93 -13.44 -0.23 -0.06
CA ILE A 93 -13.96 -1.14 -1.06
C ILE A 93 -15.49 -1.10 -1.04
N GLU A 94 -16.13 -0.38 -1.95
CA GLU A 94 -17.63 -0.31 -1.90
C GLU A 94 -18.20 0.13 -3.25
N LYS A 95 -18.63 1.39 -3.37
CA LYS A 95 -18.06 2.20 -4.40
C LYS A 95 -18.76 2.96 -5.53
N GLY A 96 -18.61 4.27 -5.57
CA GLY A 96 -19.09 5.02 -6.72
C GLY A 96 -18.41 4.54 -7.99
N GLU A 97 -19.15 3.83 -8.83
CA GLU A 97 -18.56 3.15 -9.97
C GLU A 97 -19.40 3.31 -11.23
N LEU A 98 -18.72 3.35 -12.37
CA LEU A 98 -19.38 3.42 -13.67
C LEU A 98 -19.43 2.03 -14.27
N ARG A 99 -20.61 1.43 -14.31
CA ARG A 99 -20.77 0.06 -14.80
C ARG A 99 -20.78 0.03 -16.32
N SER A 100 -19.92 0.84 -16.93
CA SER A 100 -19.76 0.95 -18.38
C SER A 100 -21.11 1.18 -19.07
N GLY A 101 -21.97 1.96 -18.43
CA GLY A 101 -23.26 2.28 -19.00
C GLY A 101 -23.44 3.77 -19.18
N CYS A 102 -22.57 4.37 -19.97
CA CYS A 102 -22.62 5.80 -20.21
C CYS A 102 -22.18 6.09 -21.65
N GLY A 1 31.13 18.95 -2.28
CA GLY A 1 31.92 17.87 -1.62
C GLY A 1 31.03 16.81 -1.03
N ILE A 2 31.35 15.55 -1.32
CA ILE A 2 30.58 14.41 -0.82
C ILE A 2 29.17 14.41 -1.40
N ASP A 3 29.00 13.70 -2.51
CA ASP A 3 27.69 13.55 -3.12
C ASP A 3 26.96 12.37 -2.51
N PRO A 4 25.85 12.60 -1.81
CA PRO A 4 25.07 11.53 -1.20
C PRO A 4 24.48 10.59 -2.25
N PHE A 5 25.16 9.48 -2.49
CA PHE A 5 24.72 8.51 -3.49
C PHE A 5 23.50 7.76 -2.99
N THR A 6 23.37 7.70 -1.68
CA THR A 6 22.20 7.11 -1.04
C THR A 6 21.21 8.20 -0.69
N ILE A 7 20.05 8.13 -1.30
CA ILE A 7 19.00 9.08 -1.02
C ILE A 7 18.44 8.84 0.38
N GLU A 8 18.68 9.81 1.26
CA GLU A 8 18.23 9.74 2.65
C GLU A 8 16.77 9.35 2.75
N PRO A 9 16.47 8.43 3.68
CA PRO A 9 15.13 7.89 3.86
C PRO A 9 14.14 8.96 4.27
N ALA A 10 13.05 9.03 3.51
CA ALA A 10 12.00 9.99 3.75
C ALA A 10 10.72 9.53 3.09
N TRP A 11 9.59 9.96 3.61
CA TRP A 11 8.32 9.63 3.00
C TRP A 11 7.84 10.77 2.11
N GLU A 12 8.26 10.71 0.86
CA GLU A 12 7.92 11.72 -0.12
C GLU A 12 6.45 11.64 -0.47
N ARG A 13 6.02 10.45 -0.88
CA ARG A 13 4.61 10.22 -1.18
C ARG A 13 4.05 9.22 -0.21
N HIS A 14 3.19 9.72 0.66
CA HIS A 14 2.55 8.90 1.67
C HIS A 14 1.51 8.01 0.99
N LEU A 15 1.05 6.98 1.69
CA LEU A 15 0.07 6.05 1.13
C LEU A 15 -1.22 6.77 0.76
N GLN A 16 -1.78 6.38 -0.39
CA GLN A 16 -2.92 7.04 -0.96
C GLN A 16 -4.18 6.25 -0.70
N ASP A 17 -5.20 6.97 -0.26
CA ASP A 17 -6.51 6.40 0.03
C ASP A 17 -7.20 5.99 -1.25
N VAL A 18 -7.41 4.70 -1.42
CA VAL A 18 -8.04 4.19 -2.63
C VAL A 18 -9.44 3.65 -2.32
N THR A 19 -10.38 3.92 -3.21
CA THR A 19 -11.74 3.45 -3.07
C THR A 19 -12.20 2.82 -4.37
N LEU A 20 -12.54 1.53 -4.33
CA LEU A 20 -12.86 0.80 -5.55
C LEU A 20 -13.84 -0.33 -5.28
N LYS A 21 -14.20 -1.04 -6.33
CA LYS A 21 -15.16 -2.13 -6.25
C LYS A 21 -14.44 -3.47 -6.12
N GLU A 22 -15.14 -4.45 -5.54
CA GLU A 22 -14.58 -5.80 -5.37
C GLU A 22 -14.41 -6.49 -6.72
N GLY A 23 -13.53 -7.47 -6.75
CA GLY A 23 -13.26 -8.18 -7.99
C GLY A 23 -12.16 -7.52 -8.79
N GLN A 24 -11.86 -6.27 -8.46
CA GLN A 24 -10.82 -5.53 -9.15
C GLN A 24 -9.49 -5.71 -8.41
N THR A 25 -8.40 -5.46 -9.12
CA THR A 25 -7.08 -5.52 -8.50
C THR A 25 -6.61 -4.13 -8.09
N CYS A 26 -6.12 -4.03 -6.88
CA CYS A 26 -5.68 -2.76 -6.32
C CYS A 26 -4.17 -2.69 -6.27
N THR A 27 -3.64 -1.49 -6.34
CA THR A 27 -2.21 -1.27 -6.18
C THR A 27 -1.95 0.00 -5.39
N MET A 28 -1.84 -0.16 -4.08
CA MET A 28 -1.59 0.97 -3.21
C MET A 28 -0.10 1.30 -3.22
N THR A 29 0.25 2.51 -3.63
CA THR A 29 1.64 2.87 -3.77
C THR A 29 2.06 3.95 -2.79
N CYS A 30 3.34 3.93 -2.45
CA CYS A 30 3.93 4.94 -1.59
C CYS A 30 5.40 5.11 -1.93
N GLN A 31 5.79 6.34 -2.24
CA GLN A 31 7.17 6.62 -2.66
C GLN A 31 8.08 6.83 -1.46
N PHE A 32 8.88 5.83 -1.16
CA PHE A 32 9.86 5.92 -0.08
C PHE A 32 11.19 6.35 -0.65
N SER A 33 11.80 7.34 -0.03
CA SER A 33 12.98 7.99 -0.57
C SER A 33 14.18 7.04 -0.74
N VAL A 34 14.17 5.88 -0.09
CA VAL A 34 15.28 4.94 -0.24
C VAL A 34 14.98 3.94 -1.36
N PRO A 35 15.87 3.87 -2.35
CA PRO A 35 15.70 2.99 -3.50
C PRO A 35 15.96 1.53 -3.17
N ASN A 36 15.01 0.70 -3.58
CA ASN A 36 15.12 -0.76 -3.54
C ASN A 36 15.21 -1.31 -2.11
N VAL A 37 14.42 -0.75 -1.20
CA VAL A 37 14.32 -1.31 0.15
C VAL A 37 12.93 -1.85 0.40
N LYS A 38 12.86 -2.83 1.28
CA LYS A 38 11.59 -3.45 1.62
C LYS A 38 10.94 -2.76 2.81
N SER A 39 9.67 -3.04 3.02
CA SER A 39 8.92 -2.46 4.12
C SER A 39 7.83 -3.40 4.59
N GLU A 40 7.50 -3.35 5.86
CA GLU A 40 6.40 -4.12 6.39
C GLU A 40 5.08 -3.46 6.04
N TRP A 41 4.21 -4.23 5.42
CA TRP A 41 2.88 -3.78 5.11
C TRP A 41 1.93 -4.18 6.21
N PHE A 42 0.94 -3.36 6.46
CA PHE A 42 -0.04 -3.64 7.50
C PHE A 42 -1.45 -3.43 7.00
N ARG A 43 -2.23 -4.50 7.06
CA ARG A 43 -3.64 -4.45 6.73
C ARG A 43 -4.45 -4.33 8.01
N ASN A 44 -4.96 -3.14 8.26
CA ASN A 44 -5.78 -2.86 9.44
C ASN A 44 -5.01 -3.16 10.73
N GLY A 45 -3.70 -2.89 10.70
CA GLY A 45 -2.89 -3.07 11.89
C GLY A 45 -2.14 -4.38 11.93
N ARG A 46 -2.53 -5.32 11.07
CA ARG A 46 -1.90 -6.63 11.03
C ARG A 46 -0.88 -6.69 9.91
N VAL A 47 0.26 -7.33 10.18
CA VAL A 47 1.29 -7.52 9.17
C VAL A 47 0.70 -8.22 7.95
N LEU A 48 0.79 -7.54 6.83
CA LEU A 48 0.19 -8.01 5.62
C LEU A 48 1.19 -8.80 4.78
N LYS A 49 0.90 -10.08 4.60
CA LYS A 49 1.77 -10.95 3.86
C LYS A 49 1.14 -11.29 2.51
N PRO A 50 1.96 -11.38 1.45
CA PRO A 50 1.48 -11.66 0.09
C PRO A 50 0.91 -13.07 -0.07
N GLN A 51 -0.34 -13.22 0.35
CA GLN A 51 -1.03 -14.50 0.26
C GLN A 51 -2.25 -14.39 -0.65
N GLY A 52 -2.30 -15.21 -1.69
CA GLY A 52 -3.47 -15.26 -2.55
C GLY A 52 -3.74 -13.96 -3.28
N ARG A 53 -4.62 -13.16 -2.69
CA ARG A 53 -5.02 -11.89 -3.29
C ARG A 53 -3.91 -10.86 -3.14
N VAL A 54 -3.11 -11.02 -2.10
CA VAL A 54 -2.15 -10.00 -1.71
C VAL A 54 -0.80 -10.25 -2.37
N LYS A 55 -0.16 -9.16 -2.77
CA LYS A 55 1.19 -9.21 -3.27
C LYS A 55 1.92 -7.94 -2.86
N THR A 56 3.15 -8.10 -2.42
CA THR A 56 3.95 -6.97 -1.96
C THR A 56 5.06 -6.67 -2.94
N GLU A 57 4.96 -5.53 -3.61
CA GLU A 57 5.93 -5.16 -4.63
C GLU A 57 6.75 -3.96 -4.20
N VAL A 58 7.94 -3.85 -4.74
CA VAL A 58 8.79 -2.72 -4.47
C VAL A 58 9.57 -2.32 -5.72
N GLU A 59 9.55 -1.04 -6.02
CA GLU A 59 10.35 -0.48 -7.10
C GLU A 59 11.47 0.35 -6.47
N HIS A 60 12.08 1.24 -7.26
CA HIS A 60 13.16 2.08 -6.73
C HIS A 60 12.73 2.78 -5.45
N LYS A 61 11.94 3.84 -5.56
CA LYS A 61 11.49 4.54 -4.38
C LYS A 61 10.12 4.05 -3.94
N VAL A 62 9.24 3.76 -4.90
CA VAL A 62 7.87 3.48 -4.56
C VAL A 62 7.66 2.03 -4.16
N HIS A 63 6.84 1.86 -3.15
CA HIS A 63 6.46 0.56 -2.64
C HIS A 63 5.02 0.31 -3.00
N LYS A 64 4.73 -0.84 -3.56
CA LYS A 64 3.41 -1.09 -4.13
C LYS A 64 2.75 -2.28 -3.47
N LEU A 65 1.46 -2.16 -3.25
CA LEU A 65 0.70 -3.22 -2.63
C LEU A 65 -0.41 -3.67 -3.57
N THR A 66 -0.33 -4.91 -4.02
CA THR A 66 -1.28 -5.42 -4.97
C THR A 66 -2.28 -6.34 -4.31
N ILE A 67 -3.54 -6.02 -4.48
CA ILE A 67 -4.59 -6.91 -4.05
C ILE A 67 -5.44 -7.31 -5.26
N ALA A 68 -5.24 -8.51 -5.76
CA ALA A 68 -6.07 -9.01 -6.86
C ALA A 68 -7.41 -9.48 -6.33
N ASP A 69 -8.47 -9.10 -7.02
CA ASP A 69 -9.81 -9.43 -6.59
C ASP A 69 -10.05 -8.98 -5.15
N VAL A 70 -10.09 -7.67 -4.95
CA VAL A 70 -10.20 -7.09 -3.61
C VAL A 70 -11.50 -7.45 -2.92
N ARG A 71 -11.56 -7.20 -1.63
CA ARG A 71 -12.74 -7.46 -0.82
C ARG A 71 -12.88 -6.39 0.26
N ALA A 72 -14.10 -6.17 0.71
CA ALA A 72 -14.39 -5.27 1.82
C ALA A 72 -13.71 -5.77 3.10
N GLU A 73 -13.30 -7.03 3.10
CA GLU A 73 -12.56 -7.57 4.23
C GLU A 73 -11.15 -7.03 4.24
N ASP A 74 -10.61 -6.82 3.06
CA ASP A 74 -9.26 -6.25 2.92
C ASP A 74 -9.31 -4.74 2.87
N GLN A 75 -10.23 -4.14 3.63
CA GLN A 75 -10.30 -2.69 3.64
C GLN A 75 -10.22 -2.14 5.06
N GLY A 76 -9.88 -0.86 5.14
CA GLY A 76 -9.86 -0.15 6.39
C GLY A 76 -8.62 0.73 6.52
N GLN A 77 -7.47 0.13 6.72
CA GLN A 77 -6.23 0.87 6.82
C GLN A 77 -5.06 0.07 6.28
N TYR A 78 -4.22 0.74 5.52
CA TYR A 78 -2.98 0.14 5.06
C TYR A 78 -1.82 1.03 5.44
N THR A 79 -0.87 0.44 6.14
CA THR A 79 0.28 1.16 6.61
C THR A 79 1.56 0.52 6.08
N CYS A 80 2.43 1.34 5.52
CA CYS A 80 3.70 0.88 5.01
C CYS A 80 4.81 1.40 5.92
N LYS A 81 5.52 0.50 6.57
CA LYS A 81 6.52 0.89 7.55
C LYS A 81 7.90 0.39 7.19
N HIS A 82 8.84 1.31 7.22
CA HIS A 82 10.25 0.97 7.10
C HIS A 82 11.00 1.62 8.23
N GLU A 83 11.17 0.83 9.28
CA GLU A 83 11.90 1.27 10.46
C GLU A 83 11.16 2.38 11.19
N ASP A 84 11.85 3.48 11.36
CA ASP A 84 11.29 4.67 11.97
C ASP A 84 10.11 5.21 11.18
N LEU A 85 10.25 5.23 9.86
CA LEU A 85 9.27 5.88 8.99
C LEU A 85 8.11 4.96 8.64
N GLU A 86 6.90 5.53 8.74
CA GLU A 86 5.69 4.82 8.42
C GLU A 86 4.76 5.68 7.58
N THR A 87 3.74 5.06 7.03
CA THR A 87 2.73 5.79 6.28
C THR A 87 1.45 4.98 6.26
N SER A 88 0.35 5.61 5.88
CA SER A 88 -0.95 4.97 5.97
C SER A 88 -1.97 5.59 5.04
N ALA A 89 -2.87 4.75 4.56
CA ALA A 89 -4.03 5.19 3.80
C ALA A 89 -5.22 4.33 4.15
N GLU A 90 -6.40 4.88 3.99
CA GLU A 90 -7.62 4.14 4.24
C GLU A 90 -8.09 3.49 2.95
N LEU A 91 -8.04 2.17 2.90
CA LEU A 91 -8.52 1.46 1.72
C LEU A 91 -10.00 1.23 1.86
N ARG A 92 -10.76 1.79 0.95
CA ARG A 92 -12.20 1.72 1.04
C ARG A 92 -12.78 0.95 -0.13
N ILE A 93 -13.34 -0.21 0.15
CA ILE A 93 -14.12 -0.92 -0.84
C ILE A 93 -15.50 -0.28 -0.86
N GLU A 94 -15.94 0.12 -2.05
CA GLU A 94 -17.09 1.09 -2.18
C GLU A 94 -18.42 0.36 -2.07
N LYS A 95 -19.05 0.03 -3.20
CA LYS A 95 -19.44 -1.32 -3.32
C LYS A 95 -20.81 -1.88 -2.96
N GLY A 96 -21.70 -1.90 -3.93
CA GLY A 96 -23.05 -2.39 -3.70
C GLY A 96 -23.12 -3.89 -3.79
N GLU A 97 -23.61 -4.53 -2.73
CA GLU A 97 -23.72 -5.97 -2.69
C GLU A 97 -24.90 -6.44 -3.53
N LEU A 98 -26.11 -6.06 -3.11
CA LEU A 98 -27.34 -6.48 -3.77
C LEU A 98 -27.37 -8.00 -3.86
N ARG A 99 -27.25 -8.64 -2.70
CA ARG A 99 -27.18 -10.09 -2.62
C ARG A 99 -28.58 -10.69 -2.64
N SER A 100 -29.53 -9.98 -2.02
CA SER A 100 -30.93 -10.40 -2.02
C SER A 100 -31.09 -11.84 -1.55
N GLY A 101 -30.69 -12.08 -0.31
CA GLY A 101 -30.83 -13.39 0.27
C GLY A 101 -32.17 -13.57 0.94
N CYS A 102 -32.28 -13.04 2.15
CA CYS A 102 -33.52 -13.09 2.89
C CYS A 102 -33.56 -11.94 3.90
N GLY A 1 35.68 5.51 -7.91
CA GLY A 1 35.53 5.15 -6.47
C GLY A 1 34.18 4.53 -6.21
N ILE A 2 33.62 4.82 -5.05
CA ILE A 2 32.32 4.30 -4.68
C ILE A 2 31.38 5.43 -4.25
N ASP A 3 30.34 5.64 -5.06
CA ASP A 3 29.35 6.66 -4.75
C ASP A 3 27.97 6.01 -4.59
N PRO A 4 27.66 5.54 -3.37
CA PRO A 4 26.39 4.91 -3.07
C PRO A 4 25.21 5.87 -3.20
N PHE A 5 24.26 5.51 -4.05
CA PHE A 5 23.10 6.36 -4.29
C PHE A 5 22.03 6.14 -3.22
N THR A 6 22.47 6.07 -1.98
CA THR A 6 21.55 5.92 -0.87
C THR A 6 20.90 7.24 -0.53
N ILE A 7 19.69 7.40 -1.03
CA ILE A 7 18.91 8.60 -0.80
C ILE A 7 18.33 8.55 0.61
N GLU A 8 18.72 9.52 1.43
CA GLU A 8 18.30 9.61 2.81
C GLU A 8 16.79 9.43 2.97
N PRO A 9 16.42 8.50 3.86
CA PRO A 9 15.04 8.05 4.04
C PRO A 9 14.08 9.18 4.37
N ALA A 10 12.94 9.15 3.70
CA ALA A 10 11.90 10.14 3.88
C ALA A 10 10.61 9.65 3.27
N TRP A 11 9.49 9.95 3.90
CA TRP A 11 8.21 9.63 3.32
C TRP A 11 7.71 10.80 2.48
N GLU A 12 8.08 10.77 1.21
CA GLU A 12 7.74 11.83 0.28
C GLU A 12 6.29 11.71 -0.14
N ARG A 13 6.00 10.68 -0.94
CA ARG A 13 4.63 10.41 -1.34
C ARG A 13 4.07 9.33 -0.42
N HIS A 14 3.24 9.76 0.52
CA HIS A 14 2.67 8.85 1.51
C HIS A 14 1.67 7.91 0.84
N LEU A 15 1.26 6.87 1.55
CA LEU A 15 0.29 5.93 1.00
C LEU A 15 -0.99 6.65 0.63
N GLN A 16 -1.56 6.27 -0.50
CA GLN A 16 -2.73 6.94 -1.02
C GLN A 16 -3.98 6.13 -0.81
N ASP A 17 -5.03 6.83 -0.45
CA ASP A 17 -6.31 6.21 -0.15
C ASP A 17 -7.06 5.87 -1.42
N VAL A 18 -7.14 4.58 -1.73
CA VAL A 18 -7.86 4.13 -2.91
C VAL A 18 -9.22 3.54 -2.54
N THR A 19 -10.24 3.90 -3.32
CA THR A 19 -11.57 3.34 -3.16
C THR A 19 -12.04 2.72 -4.47
N LEU A 20 -12.40 1.44 -4.43
CA LEU A 20 -12.80 0.72 -5.63
C LEU A 20 -13.77 -0.40 -5.28
N LYS A 21 -14.22 -1.15 -6.29
CA LYS A 21 -15.25 -2.16 -6.09
C LYS A 21 -14.62 -3.53 -5.85
N GLU A 22 -15.35 -4.38 -5.14
CA GLU A 22 -14.94 -5.76 -4.93
C GLU A 22 -14.83 -6.50 -6.27
N GLY A 23 -13.87 -7.41 -6.34
CA GLY A 23 -13.66 -8.18 -7.56
C GLY A 23 -12.58 -7.60 -8.43
N GLN A 24 -12.19 -6.37 -8.14
CA GLN A 24 -11.13 -5.71 -8.89
C GLN A 24 -9.80 -5.86 -8.20
N THR A 25 -8.72 -5.69 -8.94
CA THR A 25 -7.38 -5.71 -8.36
C THR A 25 -6.95 -4.30 -7.99
N CYS A 26 -6.35 -4.16 -6.83
CA CYS A 26 -5.91 -2.88 -6.34
C CYS A 26 -4.39 -2.81 -6.35
N THR A 27 -3.85 -1.63 -6.53
CA THR A 27 -2.42 -1.41 -6.41
C THR A 27 -2.15 -0.05 -5.82
N MET A 28 -1.97 0.00 -4.51
CA MET A 28 -1.69 1.25 -3.83
C MET A 28 -0.19 1.44 -3.71
N THR A 29 0.27 2.68 -3.87
CA THR A 29 1.69 2.95 -3.91
C THR A 29 2.11 4.00 -2.89
N CYS A 30 3.36 3.94 -2.49
CA CYS A 30 3.96 4.93 -1.60
C CYS A 30 5.43 5.13 -1.92
N GLN A 31 5.83 6.37 -2.13
CA GLN A 31 7.20 6.69 -2.53
C GLN A 31 8.09 6.90 -1.30
N PHE A 32 8.94 5.90 -1.03
CA PHE A 32 9.90 6.00 0.05
C PHE A 32 11.24 6.43 -0.51
N SER A 33 11.81 7.47 0.07
CA SER A 33 13.02 8.10 -0.47
C SER A 33 14.20 7.13 -0.62
N VAL A 34 14.17 5.99 0.06
CA VAL A 34 15.27 5.05 -0.04
C VAL A 34 14.99 4.02 -1.14
N PRO A 35 15.94 3.89 -2.08
CA PRO A 35 15.75 3.06 -3.26
C PRO A 35 16.00 1.58 -3.00
N ASN A 36 15.03 0.78 -3.44
CA ASN A 36 15.14 -0.68 -3.44
C ASN A 36 15.24 -1.26 -2.03
N VAL A 37 14.49 -0.70 -1.10
CA VAL A 37 14.43 -1.26 0.24
C VAL A 37 13.09 -1.90 0.50
N LYS A 38 13.09 -2.86 1.42
CA LYS A 38 11.89 -3.60 1.77
C LYS A 38 11.11 -2.86 2.85
N SER A 39 9.85 -3.22 3.01
CA SER A 39 9.02 -2.64 4.05
C SER A 39 7.98 -3.63 4.55
N GLU A 40 7.60 -3.51 5.81
CA GLU A 40 6.51 -4.28 6.36
C GLU A 40 5.19 -3.59 6.04
N TRP A 41 4.27 -4.33 5.48
CA TRP A 41 2.96 -3.82 5.21
C TRP A 41 2.01 -4.20 6.33
N PHE A 42 1.04 -3.36 6.59
CA PHE A 42 0.05 -3.62 7.62
C PHE A 42 -1.35 -3.35 7.11
N ARG A 43 -2.22 -4.32 7.35
CA ARG A 43 -3.63 -4.17 7.04
C ARG A 43 -4.43 -4.28 8.33
N ASN A 44 -5.03 -3.17 8.75
CA ASN A 44 -5.83 -3.12 9.97
C ASN A 44 -4.98 -3.48 11.19
N GLY A 45 -3.71 -3.06 11.17
CA GLY A 45 -2.85 -3.24 12.32
C GLY A 45 -2.07 -4.54 12.31
N ARG A 46 -2.36 -5.41 11.34
CA ARG A 46 -1.68 -6.69 11.25
C ARG A 46 -0.76 -6.74 10.03
N VAL A 47 0.39 -7.39 10.17
CA VAL A 47 1.35 -7.51 9.08
C VAL A 47 0.70 -8.16 7.87
N LEU A 48 0.70 -7.42 6.78
CA LEU A 48 0.06 -7.84 5.57
C LEU A 48 1.00 -8.69 4.73
N LYS A 49 1.04 -9.97 5.04
CA LYS A 49 1.88 -10.91 4.32
C LYS A 49 1.29 -11.21 2.94
N PRO A 50 2.13 -11.12 1.89
CA PRO A 50 1.69 -11.32 0.50
C PRO A 50 1.37 -12.78 0.19
N GLN A 51 0.13 -13.18 0.48
CA GLN A 51 -0.33 -14.52 0.16
C GLN A 51 -1.65 -14.45 -0.60
N GLY A 52 -1.73 -15.20 -1.68
CA GLY A 52 -2.96 -15.26 -2.47
C GLY A 52 -3.29 -13.94 -3.14
N ARG A 53 -4.28 -13.25 -2.59
CA ARG A 53 -4.74 -11.99 -3.14
C ARG A 53 -3.70 -10.88 -2.95
N VAL A 54 -2.87 -11.02 -1.95
CA VAL A 54 -1.97 -9.95 -1.56
C VAL A 54 -0.60 -10.11 -2.20
N LYS A 55 -0.09 -9.03 -2.75
CA LYS A 55 1.26 -9.01 -3.29
C LYS A 55 1.95 -7.73 -2.85
N THR A 56 3.16 -7.87 -2.34
CA THR A 56 3.94 -6.74 -1.91
C THR A 56 5.11 -6.50 -2.86
N GLU A 57 5.09 -5.38 -3.55
CA GLU A 57 6.10 -5.07 -4.54
C GLU A 57 6.86 -3.81 -4.16
N VAL A 58 8.05 -3.65 -4.71
CA VAL A 58 8.84 -2.48 -4.47
C VAL A 58 9.68 -2.09 -5.67
N GLU A 59 9.56 -0.84 -6.07
CA GLU A 59 10.40 -0.27 -7.11
C GLU A 59 11.53 0.51 -6.44
N HIS A 60 12.17 1.42 -7.17
CA HIS A 60 13.25 2.22 -6.60
C HIS A 60 12.80 2.91 -5.31
N LYS A 61 12.03 3.98 -5.42
CA LYS A 61 11.54 4.64 -4.21
C LYS A 61 10.17 4.14 -3.82
N VAL A 62 9.32 3.87 -4.79
CA VAL A 62 7.92 3.60 -4.49
C VAL A 62 7.70 2.13 -4.17
N HIS A 63 6.83 1.93 -3.21
CA HIS A 63 6.43 0.61 -2.76
C HIS A 63 5.01 0.37 -3.22
N LYS A 64 4.77 -0.77 -3.83
CA LYS A 64 3.47 -1.03 -4.43
C LYS A 64 2.78 -2.18 -3.71
N LEU A 65 1.49 -2.06 -3.54
CA LEU A 65 0.71 -3.08 -2.86
C LEU A 65 -0.41 -3.55 -3.77
N THR A 66 -0.35 -4.81 -4.16
CA THR A 66 -1.33 -5.34 -5.10
C THR A 66 -2.27 -6.32 -4.44
N ILE A 67 -3.56 -6.03 -4.52
CA ILE A 67 -4.55 -6.94 -4.01
C ILE A 67 -5.46 -7.37 -5.16
N ALA A 68 -5.36 -8.62 -5.59
CA ALA A 68 -6.23 -9.11 -6.65
C ALA A 68 -7.58 -9.49 -6.07
N ASP A 69 -8.64 -9.19 -6.82
CA ASP A 69 -10.01 -9.52 -6.41
C ASP A 69 -10.28 -9.04 -4.99
N VAL A 70 -10.22 -7.73 -4.80
CA VAL A 70 -10.34 -7.14 -3.47
C VAL A 70 -11.72 -7.39 -2.88
N ARG A 71 -11.76 -7.50 -1.57
CA ARG A 71 -13.00 -7.65 -0.83
C ARG A 71 -13.09 -6.54 0.19
N ALA A 72 -14.28 -6.30 0.72
CA ALA A 72 -14.47 -5.30 1.77
C ALA A 72 -13.83 -5.78 3.07
N GLU A 73 -13.40 -7.03 3.09
CA GLU A 73 -12.68 -7.56 4.24
C GLU A 73 -11.24 -7.10 4.23
N ASP A 74 -10.79 -6.70 3.06
CA ASP A 74 -9.41 -6.28 2.87
C ASP A 74 -9.33 -4.75 2.92
N GLN A 75 -10.30 -4.11 3.56
CA GLN A 75 -10.31 -2.65 3.57
C GLN A 75 -10.16 -2.07 4.97
N GLY A 76 -9.95 -0.76 5.02
CA GLY A 76 -9.90 -0.04 6.27
C GLY A 76 -8.65 0.81 6.41
N GLN A 77 -7.50 0.18 6.56
CA GLN A 77 -6.25 0.91 6.72
C GLN A 77 -5.08 0.09 6.20
N TYR A 78 -4.26 0.73 5.39
CA TYR A 78 -3.04 0.14 4.90
C TYR A 78 -1.86 0.98 5.33
N THR A 79 -0.82 0.34 5.81
CA THR A 79 0.33 1.04 6.31
C THR A 79 1.62 0.40 5.80
N CYS A 80 2.50 1.22 5.28
CA CYS A 80 3.80 0.76 4.82
C CYS A 80 4.87 1.28 5.75
N LYS A 81 5.57 0.37 6.42
CA LYS A 81 6.55 0.77 7.41
C LYS A 81 7.95 0.29 7.05
N HIS A 82 8.90 1.15 7.29
CA HIS A 82 10.30 0.81 7.15
C HIS A 82 11.04 1.18 8.42
N GLU A 83 11.00 0.26 9.38
CA GLU A 83 11.72 0.39 10.65
C GLU A 83 11.15 1.52 11.49
N ASP A 84 11.60 2.73 11.22
CA ASP A 84 11.17 3.90 11.97
C ASP A 84 10.06 4.64 11.25
N LEU A 85 10.25 4.87 9.96
CA LEU A 85 9.29 5.63 9.17
C LEU A 85 8.12 4.76 8.74
N GLU A 86 6.93 5.35 8.78
CA GLU A 86 5.70 4.66 8.45
C GLU A 86 4.80 5.54 7.59
N THR A 87 3.84 4.92 6.93
CA THR A 87 2.85 5.67 6.18
C THR A 87 1.55 4.88 6.12
N SER A 88 0.47 5.56 5.81
CA SER A 88 -0.84 4.93 5.88
C SER A 88 -1.81 5.53 4.87
N ALA A 89 -2.76 4.72 4.45
CA ALA A 89 -3.85 5.15 3.61
C ALA A 89 -5.10 4.38 3.97
N GLU A 90 -6.24 4.97 3.72
CA GLU A 90 -7.51 4.33 3.99
C GLU A 90 -8.02 3.66 2.73
N LEU A 91 -8.12 2.34 2.77
CA LEU A 91 -8.60 1.60 1.61
C LEU A 91 -10.09 1.37 1.76
N ARG A 92 -10.86 1.87 0.82
CA ARG A 92 -12.30 1.69 0.85
C ARG A 92 -12.75 0.83 -0.32
N ILE A 93 -13.50 -0.20 -0.03
CA ILE A 93 -14.01 -1.07 -1.07
C ILE A 93 -15.52 -0.94 -1.14
N GLU A 94 -16.03 -0.14 -2.07
CA GLU A 94 -17.52 0.08 -2.16
C GLU A 94 -17.91 0.39 -3.60
N LYS A 95 -18.50 1.57 -3.82
CA LYS A 95 -17.88 2.42 -4.78
C LYS A 95 -18.41 2.88 -6.13
N GLY A 96 -19.10 4.02 -6.12
CA GLY A 96 -19.54 4.63 -7.36
C GLY A 96 -20.91 4.14 -7.80
N GLU A 97 -20.93 3.27 -8.80
CA GLU A 97 -22.17 2.86 -9.43
C GLU A 97 -22.78 1.65 -8.72
N LEU A 98 -23.40 1.88 -7.58
CA LEU A 98 -24.16 0.84 -6.89
C LEU A 98 -25.65 1.17 -6.92
N ARG A 99 -25.99 2.16 -7.74
CA ARG A 99 -27.38 2.55 -7.93
C ARG A 99 -27.91 1.93 -9.22
N SER A 100 -27.00 1.61 -10.12
CA SER A 100 -27.33 1.01 -11.39
C SER A 100 -26.19 0.12 -11.85
N GLY A 101 -26.36 -0.52 -13.00
CA GLY A 101 -25.34 -1.39 -13.54
C GLY A 101 -25.86 -2.21 -14.69
N CYS A 102 -25.19 -3.30 -14.98
CA CYS A 102 -25.60 -4.18 -16.06
C CYS A 102 -26.38 -5.38 -15.50
N GLY A 1 29.16 18.67 5.41
CA GLY A 1 27.82 18.70 4.79
C GLY A 1 27.22 17.31 4.70
N ILE A 2 26.23 17.14 3.85
CA ILE A 2 25.63 15.84 3.61
C ILE A 2 26.01 15.35 2.23
N ASP A 3 26.29 14.06 2.12
CA ASP A 3 26.62 13.45 0.83
C ASP A 3 25.34 13.13 0.06
N PRO A 4 25.02 13.93 -0.98
CA PRO A 4 23.76 13.79 -1.73
C PRO A 4 23.80 12.62 -2.72
N PHE A 5 24.37 11.50 -2.31
CA PHE A 5 24.46 10.33 -3.15
C PHE A 5 23.53 9.26 -2.64
N THR A 6 23.43 9.17 -1.34
CA THR A 6 22.48 8.30 -0.67
C THR A 6 21.31 9.12 -0.20
N ILE A 7 20.20 8.92 -0.86
CA ILE A 7 18.97 9.61 -0.53
C ILE A 7 18.51 9.20 0.86
N GLU A 8 18.47 10.18 1.75
CA GLU A 8 18.03 9.98 3.12
C GLU A 8 16.63 9.36 3.19
N PRO A 9 16.37 8.55 4.22
CA PRO A 9 15.08 7.90 4.43
C PRO A 9 13.99 8.91 4.79
N ALA A 10 12.92 8.91 4.01
CA ALA A 10 11.83 9.85 4.20
C ALA A 10 10.56 9.34 3.54
N TRP A 11 9.42 9.79 4.04
CA TRP A 11 8.14 9.49 3.40
C TRP A 11 7.65 10.69 2.62
N GLU A 12 8.05 10.74 1.35
CA GLU A 12 7.67 11.84 0.47
C GLU A 12 6.23 11.68 0.03
N ARG A 13 5.99 10.69 -0.83
CA ARG A 13 4.64 10.38 -1.25
C ARG A 13 4.06 9.32 -0.34
N HIS A 14 3.14 9.73 0.51
CA HIS A 14 2.54 8.84 1.49
C HIS A 14 1.63 7.84 0.80
N LEU A 15 1.26 6.79 1.52
CA LEU A 15 0.32 5.82 0.99
C LEU A 15 -0.96 6.52 0.55
N GLN A 16 -1.48 6.13 -0.60
CA GLN A 16 -2.63 6.80 -1.13
C GLN A 16 -3.91 6.06 -0.88
N ASP A 17 -4.96 6.82 -0.74
CA ASP A 17 -6.26 6.30 -0.35
C ASP A 17 -7.04 5.87 -1.59
N VAL A 18 -7.04 4.59 -1.89
CA VAL A 18 -7.78 4.10 -3.05
C VAL A 18 -9.16 3.57 -2.66
N THR A 19 -10.16 3.98 -3.42
CA THR A 19 -11.53 3.48 -3.26
C THR A 19 -11.95 2.69 -4.49
N LEU A 20 -12.46 1.49 -4.29
CA LEU A 20 -12.84 0.62 -5.40
C LEU A 20 -13.93 -0.34 -4.97
N LYS A 21 -14.37 -1.19 -5.90
CA LYS A 21 -15.40 -2.15 -5.62
C LYS A 21 -14.81 -3.55 -5.54
N GLU A 22 -15.51 -4.46 -4.88
CA GLU A 22 -15.04 -5.83 -4.69
C GLU A 22 -14.92 -6.55 -6.03
N GLY A 23 -13.90 -7.39 -6.14
CA GLY A 23 -13.70 -8.14 -7.38
C GLY A 23 -12.61 -7.52 -8.24
N GLN A 24 -12.18 -6.33 -7.87
CA GLN A 24 -11.13 -5.64 -8.60
C GLN A 24 -9.77 -5.94 -7.99
N THR A 25 -8.72 -5.71 -8.76
CA THR A 25 -7.38 -5.81 -8.24
C THR A 25 -6.86 -4.41 -7.92
N CYS A 26 -6.26 -4.28 -6.75
CA CYS A 26 -5.79 -3.01 -6.27
C CYS A 26 -4.27 -2.93 -6.35
N THR A 27 -3.75 -1.74 -6.54
CA THR A 27 -2.32 -1.51 -6.49
C THR A 27 -2.03 -0.15 -5.92
N MET A 28 -1.89 -0.08 -4.60
CA MET A 28 -1.62 1.18 -3.93
C MET A 28 -0.11 1.36 -3.79
N THR A 29 0.35 2.59 -3.92
CA THR A 29 1.77 2.84 -3.89
C THR A 29 2.16 3.87 -2.84
N CYS A 30 3.43 3.84 -2.47
CA CYS A 30 3.99 4.80 -1.53
C CYS A 30 5.46 5.02 -1.86
N GLN A 31 5.86 6.28 -1.98
CA GLN A 31 7.22 6.60 -2.39
C GLN A 31 8.12 6.81 -1.17
N PHE A 32 8.89 5.78 -0.85
CA PHE A 32 9.84 5.85 0.24
C PHE A 32 11.16 6.39 -0.29
N SER A 33 11.70 7.37 0.39
CA SER A 33 12.90 8.07 -0.08
C SER A 33 14.18 7.23 0.08
N VAL A 34 14.07 5.93 -0.10
CA VAL A 34 15.25 5.06 -0.16
C VAL A 34 15.09 4.05 -1.29
N PRO A 35 16.07 4.02 -2.21
CA PRO A 35 16.00 3.18 -3.38
C PRO A 35 16.17 1.68 -3.08
N ASN A 36 15.18 0.92 -3.53
CA ASN A 36 15.24 -0.55 -3.58
C ASN A 36 15.30 -1.20 -2.20
N VAL A 37 14.65 -0.58 -1.23
CA VAL A 37 14.52 -1.19 0.10
C VAL A 37 13.14 -1.78 0.27
N LYS A 38 13.05 -2.76 1.13
CA LYS A 38 11.79 -3.43 1.40
C LYS A 38 11.09 -2.80 2.59
N SER A 39 9.82 -3.13 2.76
CA SER A 39 9.04 -2.61 3.87
C SER A 39 7.99 -3.61 4.32
N GLU A 40 7.57 -3.50 5.57
CA GLU A 40 6.48 -4.32 6.07
C GLU A 40 5.16 -3.62 5.82
N TRP A 41 4.26 -4.32 5.15
CA TRP A 41 2.93 -3.80 4.92
C TRP A 41 2.00 -4.23 6.04
N PHE A 42 1.08 -3.36 6.38
CA PHE A 42 0.11 -3.64 7.43
C PHE A 42 -1.30 -3.32 6.97
N ARG A 43 -2.22 -4.20 7.31
CA ARG A 43 -3.64 -3.95 7.07
C ARG A 43 -4.32 -3.67 8.40
N ASN A 44 -4.25 -2.41 8.82
CA ASN A 44 -4.82 -1.97 10.09
C ASN A 44 -4.16 -2.70 11.27
N GLY A 45 -2.84 -2.57 11.36
CA GLY A 45 -2.12 -3.08 12.51
C GLY A 45 -1.51 -4.45 12.29
N ARG A 46 -2.13 -5.25 11.44
CA ARG A 46 -1.65 -6.61 11.18
C ARG A 46 -0.76 -6.66 9.95
N VAL A 47 0.35 -7.39 10.05
CA VAL A 47 1.25 -7.55 8.92
C VAL A 47 0.52 -8.15 7.74
N LEU A 48 0.53 -7.42 6.65
CA LEU A 48 -0.14 -7.81 5.44
C LEU A 48 0.80 -8.67 4.60
N LYS A 49 0.83 -9.95 4.90
CA LYS A 49 1.74 -10.86 4.21
C LYS A 49 1.24 -11.14 2.80
N PRO A 50 2.13 -10.97 1.80
CA PRO A 50 1.80 -11.18 0.39
C PRO A 50 1.53 -12.64 0.04
N GLN A 51 0.32 -13.10 0.35
CA GLN A 51 -0.05 -14.46 0.06
C GLN A 51 -1.25 -14.50 -0.91
N GLY A 52 -1.01 -15.05 -2.08
CA GLY A 52 -2.08 -15.22 -3.05
C GLY A 52 -2.53 -13.92 -3.68
N ARG A 53 -3.61 -13.36 -3.17
CA ARG A 53 -4.16 -12.11 -3.68
C ARG A 53 -3.23 -10.95 -3.39
N VAL A 54 -2.55 -11.03 -2.25
CA VAL A 54 -1.69 -9.96 -1.79
C VAL A 54 -0.30 -10.09 -2.40
N LYS A 55 0.20 -9.01 -2.95
CA LYS A 55 1.54 -8.97 -3.50
C LYS A 55 2.23 -7.68 -3.10
N THR A 56 3.45 -7.81 -2.64
CA THR A 56 4.22 -6.67 -2.19
C THR A 56 5.41 -6.42 -3.11
N GLU A 57 5.27 -5.43 -3.97
CA GLU A 57 6.32 -5.07 -4.89
C GLU A 57 7.09 -3.85 -4.45
N VAL A 58 8.23 -3.64 -5.07
CA VAL A 58 9.09 -2.54 -4.72
C VAL A 58 9.88 -2.06 -5.93
N GLU A 59 10.01 -0.75 -6.06
CA GLU A 59 10.83 -0.14 -7.08
C GLU A 59 11.89 0.70 -6.38
N HIS A 60 12.52 1.64 -7.09
CA HIS A 60 13.51 2.52 -6.48
C HIS A 60 12.97 3.13 -5.19
N LYS A 61 12.11 4.13 -5.28
CA LYS A 61 11.58 4.73 -4.09
C LYS A 61 10.22 4.17 -3.72
N VAL A 62 9.39 3.90 -4.71
CA VAL A 62 8.01 3.54 -4.42
C VAL A 62 7.87 2.06 -4.10
N HIS A 63 6.98 1.79 -3.18
CA HIS A 63 6.64 0.44 -2.77
C HIS A 63 5.21 0.18 -3.17
N LYS A 64 4.96 -0.90 -3.89
CA LYS A 64 3.66 -1.12 -4.48
C LYS A 64 2.96 -2.29 -3.83
N LEU A 65 1.67 -2.13 -3.61
CA LEU A 65 0.88 -3.14 -2.95
C LEU A 65 -0.24 -3.59 -3.88
N THR A 66 -0.21 -4.86 -4.25
CA THR A 66 -1.22 -5.41 -5.15
C THR A 66 -2.13 -6.38 -4.44
N ILE A 67 -3.43 -6.14 -4.54
CA ILE A 67 -4.40 -7.08 -4.03
C ILE A 67 -5.35 -7.51 -5.14
N ALA A 68 -5.26 -8.75 -5.57
CA ALA A 68 -6.23 -9.26 -6.54
C ALA A 68 -7.52 -9.64 -5.81
N ASP A 69 -8.64 -9.41 -6.46
CA ASP A 69 -9.95 -9.79 -5.92
C ASP A 69 -10.15 -9.20 -4.53
N VAL A 70 -10.27 -7.89 -4.46
CA VAL A 70 -10.42 -7.20 -3.19
C VAL A 70 -11.83 -7.34 -2.63
N ARG A 71 -11.92 -7.34 -1.30
CA ARG A 71 -13.20 -7.43 -0.62
C ARG A 71 -13.29 -6.38 0.48
N ALA A 72 -14.50 -6.16 0.99
CA ALA A 72 -14.75 -5.21 2.07
C ALA A 72 -14.02 -5.63 3.36
N GLU A 73 -13.55 -6.87 3.41
CA GLU A 73 -12.80 -7.36 4.56
C GLU A 73 -11.34 -6.91 4.45
N ASP A 74 -10.93 -6.62 3.24
CA ASP A 74 -9.57 -6.19 2.98
C ASP A 74 -9.49 -4.67 2.94
N GLN A 75 -10.46 -4.00 3.51
CA GLN A 75 -10.50 -2.54 3.45
C GLN A 75 -10.33 -1.92 4.83
N GLY A 76 -10.08 -0.63 4.84
CA GLY A 76 -10.05 0.15 6.05
C GLY A 76 -8.80 1.00 6.17
N GLN A 77 -7.67 0.37 6.41
CA GLN A 77 -6.43 1.10 6.57
C GLN A 77 -5.25 0.25 6.13
N TYR A 78 -4.42 0.84 5.30
CA TYR A 78 -3.19 0.20 4.88
C TYR A 78 -2.02 1.05 5.32
N THR A 79 -0.97 0.38 5.77
CA THR A 79 0.19 1.06 6.28
C THR A 79 1.46 0.41 5.74
N CYS A 80 2.33 1.24 5.22
CA CYS A 80 3.62 0.78 4.75
C CYS A 80 4.69 1.28 5.69
N LYS A 81 5.40 0.37 6.33
CA LYS A 81 6.37 0.74 7.33
C LYS A 81 7.76 0.26 7.01
N HIS A 82 8.73 1.06 7.34
CA HIS A 82 10.12 0.66 7.31
C HIS A 82 10.77 0.97 8.64
N GLU A 83 10.57 0.04 9.57
CA GLU A 83 11.11 0.14 10.93
C GLU A 83 10.59 1.38 11.66
N ASP A 84 11.27 2.50 11.47
CA ASP A 84 10.90 3.74 12.11
C ASP A 84 9.81 4.46 11.32
N LEU A 85 10.07 4.73 10.05
CA LEU A 85 9.15 5.50 9.24
C LEU A 85 7.96 4.68 8.79
N GLU A 86 6.79 5.30 8.83
CA GLU A 86 5.54 4.64 8.51
C GLU A 86 4.66 5.54 7.64
N THR A 87 3.72 4.93 6.94
CA THR A 87 2.74 5.68 6.18
C THR A 87 1.44 4.91 6.12
N SER A 88 0.36 5.58 5.79
CA SER A 88 -0.95 4.97 5.87
C SER A 88 -1.95 5.58 4.89
N ALA A 89 -2.93 4.79 4.51
CA ALA A 89 -4.01 5.23 3.65
C ALA A 89 -5.27 4.44 3.93
N GLU A 90 -6.40 5.03 3.62
CA GLU A 90 -7.68 4.38 3.80
C GLU A 90 -8.11 3.67 2.53
N LEU A 91 -8.10 2.35 2.55
CA LEU A 91 -8.56 1.58 1.42
C LEU A 91 -10.04 1.35 1.57
N ARG A 92 -10.83 1.89 0.65
CA ARG A 92 -12.26 1.87 0.81
C ARG A 92 -12.93 1.04 -0.27
N ILE A 93 -13.50 -0.09 0.12
CA ILE A 93 -14.37 -0.85 -0.76
C ILE A 93 -15.72 -0.17 -0.74
N GLU A 94 -16.11 0.36 -1.89
CA GLU A 94 -17.27 1.34 -1.96
C GLU A 94 -18.60 0.59 -2.02
N LYS A 95 -19.12 0.33 -3.23
CA LYS A 95 -19.53 -1.02 -3.43
C LYS A 95 -20.94 -1.55 -3.23
N GLY A 96 -21.45 -1.19 -2.08
CA GLY A 96 -22.78 -1.58 -1.66
C GLY A 96 -23.12 -0.92 -0.35
N GLU A 97 -24.29 -0.29 -0.29
CA GLU A 97 -24.68 0.50 0.87
C GLU A 97 -23.68 1.64 1.08
N LEU A 98 -23.76 2.64 0.22
CA LEU A 98 -22.81 3.74 0.24
C LEU A 98 -23.41 4.99 0.90
N ARG A 99 -24.30 4.76 1.86
CA ARG A 99 -24.89 5.86 2.62
C ARG A 99 -24.06 6.13 3.87
N SER A 100 -22.74 6.06 3.71
CA SER A 100 -21.78 6.18 4.83
C SER A 100 -21.88 4.98 5.76
N GLY A 101 -23.01 4.86 6.45
CA GLY A 101 -23.26 3.74 7.30
C GLY A 101 -24.59 3.08 6.98
N CYS A 102 -25.08 2.26 7.88
CA CYS A 102 -26.37 1.61 7.69
C CYS A 102 -27.03 1.36 9.04
N GLY A 1 30.99 19.96 -1.17
CA GLY A 1 31.79 19.30 -0.10
C GLY A 1 30.94 18.35 0.70
N ILE A 2 31.46 17.14 0.94
CA ILE A 2 30.72 16.06 1.60
C ILE A 2 29.61 15.56 0.68
N ASP A 3 28.57 16.38 0.53
CA ASP A 3 27.44 16.08 -0.37
C ASP A 3 26.90 14.67 -0.16
N PRO A 4 26.01 14.50 0.83
CA PRO A 4 25.37 13.21 1.10
C PRO A 4 24.49 12.76 -0.06
N PHE A 5 25.07 11.99 -0.98
CA PHE A 5 24.37 11.52 -2.15
C PHE A 5 23.40 10.40 -1.78
N THR A 6 23.79 9.63 -0.77
CA THR A 6 22.93 8.59 -0.25
C THR A 6 21.75 9.18 0.47
N ILE A 7 20.61 8.94 -0.11
CA ILE A 7 19.36 9.52 0.32
C ILE A 7 19.02 9.12 1.74
N GLU A 8 19.04 10.08 2.66
CA GLU A 8 18.50 9.88 3.98
C GLU A 8 17.01 9.58 3.88
N PRO A 9 16.59 8.49 4.51
CA PRO A 9 15.23 7.95 4.38
C PRO A 9 14.17 8.98 4.72
N ALA A 10 13.15 9.06 3.86
CA ALA A 10 12.08 10.01 4.02
C ALA A 10 10.82 9.50 3.33
N TRP A 11 9.67 9.94 3.80
CA TRP A 11 8.43 9.63 3.13
C TRP A 11 8.00 10.79 2.26
N GLU A 12 8.45 10.76 1.01
CA GLU A 12 8.16 11.82 0.05
C GLU A 12 6.70 11.76 -0.36
N ARG A 13 6.27 10.59 -0.81
CA ARG A 13 4.89 10.40 -1.20
C ARG A 13 4.26 9.30 -0.36
N HIS A 14 3.41 9.73 0.56
CA HIS A 14 2.74 8.82 1.50
C HIS A 14 1.73 7.95 0.77
N LEU A 15 1.28 6.88 1.44
CA LEU A 15 0.30 5.98 0.87
C LEU A 15 -0.99 6.70 0.51
N GLN A 16 -1.62 6.26 -0.57
CA GLN A 16 -2.84 6.91 -1.04
C GLN A 16 -4.06 6.06 -0.81
N ASP A 17 -5.16 6.75 -0.59
CA ASP A 17 -6.41 6.11 -0.24
C ASP A 17 -7.16 5.71 -1.51
N VAL A 18 -7.43 4.43 -1.63
CA VAL A 18 -8.09 3.91 -2.82
C VAL A 18 -9.46 3.34 -2.47
N THR A 19 -10.43 3.59 -3.33
CA THR A 19 -11.79 3.12 -3.13
C THR A 19 -12.25 2.33 -4.37
N LEU A 20 -12.78 1.12 -4.17
CA LEU A 20 -12.98 0.19 -5.28
C LEU A 20 -14.23 -0.65 -5.08
N LYS A 21 -14.48 -1.52 -6.04
CA LYS A 21 -15.54 -2.51 -5.94
C LYS A 21 -14.91 -3.90 -5.85
N GLU A 22 -15.55 -4.80 -5.09
CA GLU A 22 -15.03 -6.15 -4.93
C GLU A 22 -14.90 -6.84 -6.27
N GLY A 23 -13.76 -7.48 -6.49
CA GLY A 23 -13.53 -8.12 -7.76
C GLY A 23 -12.46 -7.41 -8.57
N GLN A 24 -12.17 -6.19 -8.17
CA GLN A 24 -11.16 -5.39 -8.84
C GLN A 24 -9.79 -5.61 -8.21
N THR A 25 -8.74 -5.25 -8.92
CA THR A 25 -7.39 -5.34 -8.40
C THR A 25 -6.89 -3.96 -7.99
N CYS A 26 -6.26 -3.89 -6.83
CA CYS A 26 -5.80 -2.64 -6.27
C CYS A 26 -4.28 -2.57 -6.32
N THR A 27 -3.75 -1.35 -6.40
CA THR A 27 -2.32 -1.13 -6.32
C THR A 27 -2.05 0.15 -5.54
N MET A 28 -1.90 0.00 -4.23
CA MET A 28 -1.61 1.12 -3.36
C MET A 28 -0.12 1.41 -3.38
N THR A 29 0.27 2.59 -3.81
CA THR A 29 1.67 2.91 -3.93
C THR A 29 2.09 4.00 -2.94
N CYS A 30 3.36 3.97 -2.57
CA CYS A 30 3.93 4.98 -1.69
C CYS A 30 5.41 5.17 -2.01
N GLN A 31 5.80 6.41 -2.24
CA GLN A 31 7.18 6.72 -2.62
C GLN A 31 8.07 6.92 -1.38
N PHE A 32 8.85 5.90 -1.06
CA PHE A 32 9.82 5.99 0.02
C PHE A 32 11.14 6.45 -0.56
N SER A 33 11.74 7.45 0.06
CA SER A 33 12.89 8.15 -0.52
C SER A 33 14.07 7.21 -0.74
N VAL A 34 14.09 6.08 -0.04
CA VAL A 34 15.23 5.16 -0.15
C VAL A 34 14.97 4.11 -1.22
N PRO A 35 15.87 4.02 -2.20
CA PRO A 35 15.74 3.10 -3.31
C PRO A 35 15.97 1.64 -2.93
N ASN A 36 15.05 0.80 -3.40
CA ASN A 36 15.17 -0.65 -3.36
C ASN A 36 15.23 -1.21 -1.95
N VAL A 37 14.55 -0.57 -1.01
CA VAL A 37 14.46 -1.09 0.34
C VAL A 37 13.11 -1.73 0.60
N LYS A 38 13.12 -2.69 1.49
CA LYS A 38 11.91 -3.45 1.82
C LYS A 38 11.18 -2.81 2.99
N SER A 39 9.92 -3.15 3.14
CA SER A 39 9.10 -2.60 4.21
C SER A 39 8.04 -3.60 4.65
N GLU A 40 7.61 -3.50 5.89
CA GLU A 40 6.50 -4.29 6.38
C GLU A 40 5.19 -3.63 6.00
N TRP A 41 4.27 -4.41 5.52
CA TRP A 41 2.94 -3.92 5.22
C TRP A 41 1.99 -4.31 6.32
N PHE A 42 1.06 -3.44 6.63
CA PHE A 42 0.07 -3.69 7.65
C PHE A 42 -1.32 -3.42 7.12
N ARG A 43 -2.26 -4.29 7.46
CA ARG A 43 -3.65 -4.07 7.14
C ARG A 43 -4.45 -3.99 8.43
N ASN A 44 -5.06 -2.81 8.65
CA ASN A 44 -5.86 -2.52 9.84
C ASN A 44 -5.19 -2.98 11.14
N GLY A 45 -3.87 -2.80 11.21
CA GLY A 45 -3.14 -3.06 12.46
C GLY A 45 -2.39 -4.38 12.46
N ARG A 46 -2.61 -5.21 11.45
CA ARG A 46 -1.96 -6.52 11.40
C ARG A 46 -0.97 -6.61 10.25
N VAL A 47 0.17 -7.26 10.49
CA VAL A 47 1.15 -7.54 9.44
C VAL A 47 0.49 -8.23 8.26
N LEU A 48 0.61 -7.60 7.11
CA LEU A 48 -0.01 -8.08 5.92
C LEU A 48 0.91 -9.04 5.19
N LYS A 49 0.46 -10.27 5.02
CA LYS A 49 1.24 -11.28 4.33
C LYS A 49 0.77 -11.43 2.89
N PRO A 50 1.69 -11.37 1.93
CA PRO A 50 1.39 -11.52 0.51
C PRO A 50 0.98 -12.93 0.13
N GLN A 51 -0.28 -13.26 0.42
CA GLN A 51 -0.82 -14.55 0.10
C GLN A 51 -2.01 -14.41 -0.84
N GLY A 52 -2.00 -15.17 -1.93
CA GLY A 52 -3.12 -15.17 -2.85
C GLY A 52 -3.36 -13.82 -3.51
N ARG A 53 -4.36 -13.11 -3.01
CA ARG A 53 -4.74 -11.82 -3.57
C ARG A 53 -3.67 -10.76 -3.32
N VAL A 54 -2.94 -10.91 -2.23
CA VAL A 54 -2.02 -9.89 -1.77
C VAL A 54 -0.64 -10.07 -2.39
N LYS A 55 -0.10 -8.99 -2.93
CA LYS A 55 1.23 -8.99 -3.48
C LYS A 55 1.96 -7.73 -3.07
N THR A 56 3.19 -7.88 -2.63
CA THR A 56 3.98 -6.75 -2.17
C THR A 56 5.17 -6.52 -3.07
N GLU A 57 5.17 -5.40 -3.79
CA GLU A 57 6.24 -5.08 -4.70
C GLU A 57 7.01 -3.87 -4.24
N VAL A 58 8.27 -3.80 -4.63
CA VAL A 58 9.07 -2.64 -4.34
C VAL A 58 9.84 -2.19 -5.57
N GLU A 59 9.71 -0.92 -5.88
CA GLU A 59 10.48 -0.30 -6.95
C GLU A 59 11.66 0.45 -6.33
N HIS A 60 12.26 1.37 -7.09
CA HIS A 60 13.31 2.22 -6.54
C HIS A 60 12.81 2.91 -5.27
N LYS A 61 12.02 3.94 -5.41
CA LYS A 61 11.52 4.64 -4.24
C LYS A 61 10.13 4.15 -3.84
N VAL A 62 9.29 3.87 -4.81
CA VAL A 62 7.90 3.57 -4.49
C VAL A 62 7.69 2.11 -4.15
N HIS A 63 6.82 1.89 -3.19
CA HIS A 63 6.44 0.57 -2.75
C HIS A 63 5.01 0.32 -3.16
N LYS A 64 4.74 -0.82 -3.77
CA LYS A 64 3.42 -1.05 -4.36
C LYS A 64 2.74 -2.22 -3.70
N LEU A 65 1.48 -2.04 -3.39
CA LEU A 65 0.68 -3.06 -2.76
C LEU A 65 -0.43 -3.50 -3.70
N THR A 66 -0.36 -4.73 -4.17
CA THR A 66 -1.34 -5.24 -5.11
C THR A 66 -2.29 -6.19 -4.44
N ILE A 67 -3.57 -5.89 -4.56
CA ILE A 67 -4.58 -6.80 -4.11
C ILE A 67 -5.50 -7.17 -5.26
N ALA A 68 -5.38 -8.37 -5.78
CA ALA A 68 -6.28 -8.82 -6.83
C ALA A 68 -7.59 -9.28 -6.22
N ASP A 69 -8.70 -8.99 -6.89
CA ASP A 69 -10.02 -9.40 -6.43
C ASP A 69 -10.27 -8.94 -5.00
N VAL A 70 -10.26 -7.62 -4.81
CA VAL A 70 -10.38 -7.02 -3.48
C VAL A 70 -11.73 -7.32 -2.83
N ARG A 71 -11.72 -7.46 -1.52
CA ARG A 71 -12.94 -7.63 -0.74
C ARG A 71 -13.11 -6.46 0.20
N ALA A 72 -14.31 -6.27 0.71
CA ALA A 72 -14.57 -5.24 1.70
C ALA A 72 -13.97 -5.62 3.05
N GLU A 73 -13.48 -6.85 3.15
CA GLU A 73 -12.82 -7.29 4.36
C GLU A 73 -11.33 -6.96 4.30
N ASP A 74 -10.87 -6.63 3.11
CA ASP A 74 -9.48 -6.25 2.90
C ASP A 74 -9.35 -4.73 2.92
N GLN A 75 -10.39 -4.04 3.33
CA GLN A 75 -10.34 -2.58 3.37
C GLN A 75 -10.13 -2.08 4.80
N GLY A 76 -9.88 -0.80 4.92
CA GLY A 76 -9.78 -0.16 6.21
C GLY A 76 -8.55 0.72 6.31
N GLN A 77 -7.38 0.12 6.35
CA GLN A 77 -6.15 0.86 6.47
C GLN A 77 -4.97 0.01 6.08
N TYR A 78 -4.09 0.59 5.28
CA TYR A 78 -2.85 -0.05 4.90
C TYR A 78 -1.68 0.83 5.28
N THR A 79 -0.70 0.23 5.90
CA THR A 79 0.47 0.94 6.37
C THR A 79 1.74 0.32 5.79
N CYS A 80 2.57 1.16 5.21
CA CYS A 80 3.86 0.74 4.71
C CYS A 80 4.93 1.31 5.64
N LYS A 81 5.57 0.45 6.41
CA LYS A 81 6.48 0.91 7.43
C LYS A 81 7.89 0.35 7.23
N HIS A 82 8.86 1.23 7.30
CA HIS A 82 10.27 0.85 7.23
C HIS A 82 10.98 1.31 8.49
N GLU A 83 10.92 0.44 9.50
CA GLU A 83 11.58 0.66 10.79
C GLU A 83 10.99 1.87 11.51
N ASP A 84 11.55 3.04 11.25
CA ASP A 84 11.11 4.25 11.92
C ASP A 84 10.01 4.94 11.14
N LEU A 85 10.21 5.07 9.84
CA LEU A 85 9.29 5.80 9.00
C LEU A 85 8.12 4.92 8.58
N GLU A 86 6.94 5.47 8.69
CA GLU A 86 5.71 4.77 8.37
C GLU A 86 4.83 5.59 7.45
N THR A 87 3.89 4.95 6.81
CA THR A 87 2.88 5.63 6.02
C THR A 87 1.62 4.80 6.00
N SER A 88 0.51 5.42 5.65
CA SER A 88 -0.77 4.76 5.74
C SER A 88 -1.82 5.40 4.85
N ALA A 89 -2.75 4.58 4.40
CA ALA A 89 -3.90 5.04 3.65
C ALA A 89 -5.12 4.23 4.02
N GLU A 90 -6.28 4.83 3.88
CA GLU A 90 -7.51 4.16 4.17
C GLU A 90 -8.05 3.52 2.90
N LEU A 91 -8.06 2.20 2.85
CA LEU A 91 -8.54 1.50 1.67
C LEU A 91 -10.02 1.25 1.81
N ARG A 92 -10.78 1.48 0.76
CA ARG A 92 -12.21 1.37 0.83
C ARG A 92 -12.77 0.59 -0.33
N ILE A 93 -13.74 -0.24 -0.05
CA ILE A 93 -14.53 -0.90 -1.09
C ILE A 93 -15.96 -0.40 -0.94
N GLU A 94 -16.57 0.01 -2.05
CA GLU A 94 -17.84 0.83 -2.00
C GLU A 94 -19.05 -0.10 -1.81
N LYS A 95 -19.81 -0.35 -2.89
CA LYS A 95 -20.08 -1.73 -3.11
C LYS A 95 -21.33 -2.44 -2.57
N GLY A 96 -22.47 -1.80 -2.75
CA GLY A 96 -23.71 -2.33 -2.23
C GLY A 96 -24.09 -1.68 -0.91
N GLU A 97 -25.09 -0.82 -0.94
CA GLU A 97 -25.53 -0.15 0.28
C GLU A 97 -26.51 -1.02 1.04
N LEU A 98 -26.23 -1.19 2.34
CA LEU A 98 -27.03 -2.06 3.21
C LEU A 98 -27.02 -3.48 2.67
N ARG A 99 -25.90 -4.16 2.84
CA ARG A 99 -25.78 -5.54 2.42
C ARG A 99 -26.14 -6.46 3.57
N SER A 100 -25.86 -6.01 4.78
CA SER A 100 -26.23 -6.73 5.98
C SER A 100 -27.58 -6.27 6.49
N GLY A 101 -28.61 -7.07 6.22
CA GLY A 101 -29.95 -6.74 6.64
C GLY A 101 -30.97 -7.60 5.94
N CYS A 102 -32.12 -7.78 6.56
CA CYS A 102 -33.17 -8.59 5.98
C CYS A 102 -34.23 -7.69 5.33
N GLY A 1 33.26 14.59 -3.98
CA GLY A 1 32.12 13.94 -4.68
C GLY A 1 31.54 12.79 -3.87
N ILE A 2 30.22 12.73 -3.81
CA ILE A 2 29.53 11.66 -3.09
C ILE A 2 28.34 11.15 -3.90
N ASP A 3 27.63 12.07 -4.55
CA ASP A 3 26.44 11.72 -5.35
C ASP A 3 25.47 10.88 -4.53
N PRO A 4 24.67 11.54 -3.68
CA PRO A 4 23.73 10.86 -2.77
C PRO A 4 22.55 10.25 -3.52
N PHE A 5 22.79 9.12 -4.16
CA PHE A 5 21.74 8.38 -4.84
C PHE A 5 20.80 7.76 -3.81
N THR A 6 21.39 7.32 -2.71
CA THR A 6 20.62 6.82 -1.60
C THR A 6 20.08 7.98 -0.79
N ILE A 7 18.82 8.30 -1.03
CA ILE A 7 18.16 9.39 -0.34
C ILE A 7 17.79 8.95 1.07
N GLU A 8 18.36 9.64 2.04
CA GLU A 8 18.08 9.38 3.44
C GLU A 8 16.59 9.29 3.70
N PRO A 9 16.23 8.32 4.55
CA PRO A 9 14.87 7.82 4.70
C PRO A 9 13.85 8.90 5.05
N ALA A 10 12.95 9.12 4.11
CA ALA A 10 11.89 10.09 4.25
C ALA A 10 10.62 9.57 3.59
N TRP A 11 9.47 10.00 4.10
CA TRP A 11 8.20 9.66 3.48
C TRP A 11 7.68 10.82 2.65
N GLU A 12 8.08 10.83 1.38
CA GLU A 12 7.67 11.88 0.46
C GLU A 12 6.23 11.65 0.03
N ARG A 13 5.99 10.50 -0.57
CA ARG A 13 4.65 10.13 -1.00
C ARG A 13 4.03 9.21 0.01
N HIS A 14 3.13 9.76 0.77
CA HIS A 14 2.41 9.00 1.77
C HIS A 14 1.37 8.14 1.07
N LEU A 15 1.09 6.96 1.63
CA LEU A 15 0.15 6.02 1.02
C LEU A 15 -1.15 6.70 0.64
N GLN A 16 -1.71 6.32 -0.49
CA GLN A 16 -2.90 6.95 -1.02
C GLN A 16 -4.14 6.15 -0.71
N ASP A 17 -5.22 6.85 -0.45
CA ASP A 17 -6.48 6.22 -0.14
C ASP A 17 -7.19 5.81 -1.43
N VAL A 18 -7.23 4.52 -1.68
CA VAL A 18 -7.89 4.03 -2.88
C VAL A 18 -9.30 3.53 -2.58
N THR A 19 -10.24 3.89 -3.45
CA THR A 19 -11.61 3.43 -3.33
C THR A 19 -12.03 2.71 -4.61
N LEU A 20 -12.46 1.45 -4.50
CA LEU A 20 -12.81 0.66 -5.67
C LEU A 20 -13.83 -0.41 -5.30
N LYS A 21 -14.21 -1.23 -6.27
CA LYS A 21 -15.22 -2.25 -6.08
C LYS A 21 -14.59 -3.62 -5.81
N GLU A 22 -15.30 -4.43 -5.03
CA GLU A 22 -14.86 -5.81 -4.76
C GLU A 22 -14.79 -6.61 -6.06
N GLY A 23 -13.73 -7.38 -6.19
CA GLY A 23 -13.54 -8.17 -7.40
C GLY A 23 -12.50 -7.58 -8.31
N GLN A 24 -12.14 -6.32 -8.04
CA GLN A 24 -11.10 -5.64 -8.81
C GLN A 24 -9.75 -5.83 -8.16
N THR A 25 -8.70 -5.54 -8.90
CA THR A 25 -7.34 -5.64 -8.38
C THR A 25 -6.83 -4.25 -8.00
N CYS A 26 -6.28 -4.15 -6.81
CA CYS A 26 -5.78 -2.91 -6.29
C CYS A 26 -4.27 -2.90 -6.30
N THR A 27 -3.68 -1.73 -6.42
CA THR A 27 -2.25 -1.57 -6.28
C THR A 27 -1.93 -0.20 -5.70
N MET A 28 -1.88 -0.13 -4.38
CA MET A 28 -1.62 1.14 -3.72
C MET A 28 -0.12 1.36 -3.59
N THR A 29 0.32 2.57 -3.88
CA THR A 29 1.73 2.87 -3.90
C THR A 29 2.13 3.90 -2.86
N CYS A 30 3.41 3.88 -2.51
CA CYS A 30 3.99 4.87 -1.61
C CYS A 30 5.47 5.05 -1.92
N GLN A 31 5.88 6.29 -2.15
CA GLN A 31 7.26 6.56 -2.53
C GLN A 31 8.13 6.80 -1.31
N PHE A 32 8.98 5.83 -1.00
CA PHE A 32 9.94 5.96 0.07
C PHE A 32 11.29 6.35 -0.51
N SER A 33 11.99 7.21 0.19
CA SER A 33 13.18 7.87 -0.33
C SER A 33 14.31 6.90 -0.68
N VAL A 34 14.31 5.72 -0.08
CA VAL A 34 15.40 4.78 -0.29
C VAL A 34 15.09 3.82 -1.43
N PRO A 35 15.95 3.83 -2.46
CA PRO A 35 15.76 2.98 -3.62
C PRO A 35 16.10 1.52 -3.35
N ASN A 36 15.18 0.65 -3.74
CA ASN A 36 15.35 -0.79 -3.63
C ASN A 36 15.51 -1.22 -2.16
N VAL A 37 14.67 -0.63 -1.32
CA VAL A 37 14.63 -1.01 0.08
C VAL A 37 13.35 -1.74 0.37
N LYS A 38 13.30 -2.31 1.54
CA LYS A 38 12.18 -3.13 1.95
C LYS A 38 11.44 -2.49 3.10
N SER A 39 10.15 -2.74 3.18
CA SER A 39 9.33 -2.25 4.28
C SER A 39 8.20 -3.21 4.58
N GLU A 40 7.72 -3.20 5.82
CA GLU A 40 6.62 -4.05 6.20
C GLU A 40 5.29 -3.42 5.86
N TRP A 41 4.41 -4.21 5.27
CA TRP A 41 3.06 -3.78 4.96
C TRP A 41 2.10 -4.21 6.05
N PHE A 42 1.09 -3.41 6.28
CA PHE A 42 0.09 -3.70 7.29
C PHE A 42 -1.32 -3.48 6.74
N ARG A 43 -2.17 -4.47 6.93
CA ARG A 43 -3.58 -4.34 6.60
C ARG A 43 -4.37 -4.19 7.89
N ASN A 44 -4.72 -2.94 8.20
CA ASN A 44 -5.46 -2.60 9.41
C ASN A 44 -4.70 -3.03 10.66
N GLY A 45 -3.39 -2.81 10.65
CA GLY A 45 -2.57 -3.11 11.82
C GLY A 45 -1.87 -4.46 11.74
N ARG A 46 -2.41 -5.35 10.92
CA ARG A 46 -1.88 -6.70 10.77
C ARG A 46 -0.82 -6.75 9.67
N VAL A 47 0.34 -7.33 9.97
CA VAL A 47 1.39 -7.52 8.97
C VAL A 47 0.82 -8.22 7.76
N LEU A 48 0.89 -7.55 6.63
CA LEU A 48 0.31 -8.03 5.41
C LEU A 48 1.34 -8.82 4.62
N LYS A 49 1.01 -10.07 4.33
CA LYS A 49 1.92 -10.95 3.64
C LYS A 49 1.35 -11.32 2.27
N PRO A 50 2.21 -11.33 1.23
CA PRO A 50 1.78 -11.57 -0.16
C PRO A 50 1.36 -13.00 -0.42
N GLN A 51 0.13 -13.31 -0.03
CA GLN A 51 -0.43 -14.63 -0.25
C GLN A 51 -1.70 -14.54 -1.08
N GLY A 52 -1.73 -15.28 -2.19
CA GLY A 52 -2.92 -15.34 -3.03
C GLY A 52 -3.31 -14.00 -3.62
N ARG A 53 -4.28 -13.35 -2.98
CA ARG A 53 -4.77 -12.05 -3.41
C ARG A 53 -3.71 -10.97 -3.24
N VAL A 54 -2.87 -11.12 -2.23
CA VAL A 54 -1.94 -10.08 -1.86
C VAL A 54 -0.60 -10.29 -2.55
N LYS A 55 -0.04 -9.20 -3.05
CA LYS A 55 1.31 -9.21 -3.61
C LYS A 55 2.02 -7.94 -3.23
N THR A 56 3.20 -8.10 -2.67
CA THR A 56 3.98 -6.97 -2.19
C THR A 56 5.15 -6.70 -3.12
N GLU A 57 5.11 -5.57 -3.80
CA GLU A 57 6.13 -5.23 -4.77
C GLU A 57 6.90 -3.99 -4.34
N VAL A 58 8.15 -3.92 -4.76
CA VAL A 58 8.96 -2.75 -4.49
C VAL A 58 9.69 -2.30 -5.74
N GLU A 59 9.59 -1.01 -6.01
CA GLU A 59 10.31 -0.37 -7.11
C GLU A 59 11.53 0.33 -6.52
N HIS A 60 12.10 1.27 -7.27
CA HIS A 60 13.20 2.07 -6.74
C HIS A 60 12.79 2.74 -5.43
N LYS A 61 12.07 3.84 -5.51
CA LYS A 61 11.65 4.53 -4.31
C LYS A 61 10.27 4.07 -3.87
N VAL A 62 9.37 3.80 -4.82
CA VAL A 62 8.00 3.50 -4.46
C VAL A 62 7.80 2.02 -4.14
N HIS A 63 6.90 1.80 -3.21
CA HIS A 63 6.51 0.46 -2.81
C HIS A 63 5.06 0.26 -3.19
N LYS A 64 4.74 -0.89 -3.71
CA LYS A 64 3.41 -1.12 -4.26
C LYS A 64 2.75 -2.29 -3.56
N LEU A 65 1.44 -2.19 -3.41
CA LEU A 65 0.67 -3.23 -2.75
C LEU A 65 -0.46 -3.69 -3.66
N THR A 66 -0.33 -4.89 -4.18
CA THR A 66 -1.30 -5.42 -5.11
C THR A 66 -2.26 -6.37 -4.42
N ILE A 67 -3.55 -6.09 -4.54
CA ILE A 67 -4.55 -7.00 -4.06
C ILE A 67 -5.48 -7.39 -5.20
N ALA A 68 -5.36 -8.62 -5.68
CA ALA A 68 -6.26 -9.11 -6.72
C ALA A 68 -7.59 -9.50 -6.11
N ASP A 69 -8.67 -9.18 -6.82
CA ASP A 69 -10.02 -9.54 -6.38
C ASP A 69 -10.26 -9.09 -4.93
N VAL A 70 -10.19 -7.78 -4.73
CA VAL A 70 -10.31 -7.20 -3.39
C VAL A 70 -11.67 -7.47 -2.78
N ARG A 71 -11.72 -7.54 -1.46
CA ARG A 71 -12.97 -7.64 -0.74
C ARG A 71 -13.10 -6.45 0.21
N ALA A 72 -14.32 -6.18 0.64
CA ALA A 72 -14.57 -5.09 1.56
C ALA A 72 -14.03 -5.41 2.95
N GLU A 73 -13.61 -6.66 3.13
CA GLU A 73 -13.05 -7.08 4.40
C GLU A 73 -11.55 -6.82 4.43
N ASP A 74 -10.99 -6.62 3.26
CA ASP A 74 -9.58 -6.27 3.13
C ASP A 74 -9.43 -4.76 3.18
N GLN A 75 -10.46 -4.09 3.69
CA GLN A 75 -10.49 -2.64 3.69
C GLN A 75 -10.28 -2.08 5.08
N GLY A 76 -9.97 -0.79 5.13
CA GLY A 76 -9.87 -0.07 6.38
C GLY A 76 -8.64 0.81 6.44
N GLN A 77 -7.46 0.20 6.58
CA GLN A 77 -6.24 0.97 6.58
C GLN A 77 -5.07 0.15 6.07
N TYR A 78 -4.24 0.77 5.27
CA TYR A 78 -3.00 0.15 4.81
C TYR A 78 -1.82 1.01 5.20
N THR A 79 -0.86 0.38 5.85
CA THR A 79 0.31 1.07 6.33
C THR A 79 1.58 0.46 5.76
N CYS A 80 2.45 1.30 5.26
CA CYS A 80 3.76 0.87 4.80
C CYS A 80 4.81 1.48 5.71
N LYS A 81 5.52 0.64 6.43
CA LYS A 81 6.45 1.12 7.44
C LYS A 81 7.85 0.60 7.19
N HIS A 82 8.81 1.51 7.27
CA HIS A 82 10.21 1.16 7.21
C HIS A 82 10.86 1.50 8.54
N GLU A 83 10.94 0.49 9.40
CA GLU A 83 11.54 0.61 10.73
C GLU A 83 10.74 1.56 11.61
N ASP A 84 11.05 2.85 11.52
CA ASP A 84 10.31 3.84 12.26
C ASP A 84 9.28 4.51 11.37
N LEU A 85 9.75 5.01 10.24
CA LEU A 85 8.92 5.76 9.31
C LEU A 85 7.78 4.92 8.78
N GLU A 86 6.58 5.35 9.07
CA GLU A 86 5.39 4.64 8.67
C GLU A 86 4.46 5.55 7.88
N THR A 87 3.83 4.99 6.87
CA THR A 87 2.82 5.73 6.13
C THR A 87 1.54 4.93 6.10
N SER A 88 0.43 5.57 5.76
CA SER A 88 -0.86 4.94 5.86
C SER A 88 -1.88 5.56 4.92
N ALA A 89 -2.84 4.73 4.53
CA ALA A 89 -3.95 5.17 3.72
C ALA A 89 -5.19 4.38 4.08
N GLU A 90 -6.34 4.97 3.85
CA GLU A 90 -7.60 4.34 4.16
C GLU A 90 -8.17 3.67 2.90
N LEU A 91 -8.17 2.36 2.87
CA LEU A 91 -8.65 1.64 1.70
C LEU A 91 -10.15 1.46 1.80
N ARG A 92 -10.88 1.98 0.82
CA ARG A 92 -12.33 1.94 0.84
C ARG A 92 -12.85 1.12 -0.34
N ILE A 93 -13.47 0.00 -0.03
CA ILE A 93 -14.00 -0.88 -1.06
C ILE A 93 -15.51 -0.83 -1.03
N GLU A 94 -16.14 -0.14 -1.98
CA GLU A 94 -17.65 -0.12 -1.98
C GLU A 94 -18.20 0.27 -3.35
N LYS A 95 -18.93 1.40 -3.46
CA LYS A 95 -18.47 2.40 -4.40
C LYS A 95 -19.26 3.18 -5.43
N GLY A 96 -19.62 4.42 -5.13
CA GLY A 96 -20.28 5.27 -6.11
C GLY A 96 -21.78 5.33 -5.95
N GLU A 97 -22.46 4.20 -6.11
CA GLU A 97 -23.91 4.17 -6.04
C GLU A 97 -24.41 2.85 -5.44
N LEU A 98 -25.50 2.93 -4.70
CA LEU A 98 -26.06 1.75 -4.03
C LEU A 98 -26.66 0.80 -5.07
N ARG A 99 -26.37 -0.48 -4.91
CA ARG A 99 -26.86 -1.53 -5.81
C ARG A 99 -26.35 -1.33 -7.23
N SER A 100 -25.25 -0.56 -7.36
CA SER A 100 -24.64 -0.28 -8.66
C SER A 100 -25.64 0.36 -9.62
N GLY A 101 -26.43 1.30 -9.11
CA GLY A 101 -27.42 1.96 -9.95
C GLY A 101 -26.78 2.91 -10.94
N CYS A 102 -27.42 3.08 -12.10
CA CYS A 102 -26.92 3.97 -13.13
C CYS A 102 -28.00 4.22 -14.17
N GLY A 1 31.81 3.11 -11.44
CA GLY A 1 30.85 4.20 -11.17
C GLY A 1 31.40 5.21 -10.19
N ILE A 2 30.58 5.66 -9.26
CA ILE A 2 31.01 6.66 -8.29
C ILE A 2 30.41 6.36 -6.90
N ASP A 3 29.81 5.17 -6.78
CA ASP A 3 29.15 4.74 -5.54
C ASP A 3 28.00 5.67 -5.18
N PRO A 4 26.79 5.37 -5.67
CA PRO A 4 25.60 6.18 -5.42
C PRO A 4 25.27 6.31 -3.94
N PHE A 5 25.34 7.53 -3.43
CA PHE A 5 25.02 7.80 -2.04
C PHE A 5 23.56 7.45 -1.76
N THR A 6 23.30 6.94 -0.56
CA THR A 6 21.95 6.55 -0.20
C THR A 6 21.09 7.78 0.06
N ILE A 7 20.03 7.91 -0.73
CA ILE A 7 19.06 8.98 -0.54
C ILE A 7 18.42 8.82 0.84
N GLU A 8 18.72 9.77 1.72
CA GLU A 8 18.21 9.75 3.09
C GLU A 8 16.71 9.49 3.15
N PRO A 9 16.31 8.61 4.06
CA PRO A 9 14.94 8.15 4.18
C PRO A 9 13.95 9.28 4.45
N ALA A 10 12.82 9.21 3.77
CA ALA A 10 11.77 10.19 3.88
C ALA A 10 10.52 9.67 3.20
N TRP A 11 9.36 10.08 3.69
CA TRP A 11 8.11 9.72 3.05
C TRP A 11 7.61 10.84 2.16
N GLU A 12 8.04 10.80 0.91
CA GLU A 12 7.70 11.82 -0.07
C GLU A 12 6.25 11.70 -0.48
N ARG A 13 5.90 10.58 -1.08
CA ARG A 13 4.52 10.30 -1.41
C ARG A 13 3.98 9.25 -0.48
N HIS A 14 3.11 9.68 0.43
CA HIS A 14 2.53 8.79 1.41
C HIS A 14 1.52 7.86 0.75
N LEU A 15 1.07 6.85 1.46
CA LEU A 15 0.08 5.93 0.92
C LEU A 15 -1.20 6.68 0.58
N GLN A 16 -1.79 6.33 -0.55
CA GLN A 16 -2.91 7.06 -1.09
C GLN A 16 -4.23 6.34 -0.80
N ASP A 17 -5.26 7.13 -0.57
CA ASP A 17 -6.59 6.62 -0.30
C ASP A 17 -7.21 6.07 -1.57
N VAL A 18 -7.23 4.75 -1.68
CA VAL A 18 -7.77 4.10 -2.86
C VAL A 18 -9.15 3.49 -2.58
N THR A 19 -10.05 3.60 -3.55
CA THR A 19 -11.40 3.06 -3.42
C THR A 19 -11.71 2.09 -4.57
N LEU A 20 -12.27 0.92 -4.25
CA LEU A 20 -12.50 -0.11 -5.25
C LEU A 20 -13.81 -0.84 -4.99
N LYS A 21 -14.22 -1.67 -5.93
CA LYS A 21 -15.38 -2.52 -5.77
C LYS A 21 -14.91 -3.96 -5.58
N GLU A 22 -15.68 -4.74 -4.82
CA GLU A 22 -15.36 -6.15 -4.61
C GLU A 22 -15.17 -6.87 -5.93
N GLY A 23 -13.96 -7.33 -6.19
CA GLY A 23 -13.65 -8.01 -7.44
C GLY A 23 -12.55 -7.31 -8.20
N GLN A 24 -12.39 -6.01 -7.94
CA GLN A 24 -11.35 -5.23 -8.60
C GLN A 24 -9.99 -5.48 -7.93
N THR A 25 -8.92 -5.14 -8.63
CA THR A 25 -7.58 -5.32 -8.09
C THR A 25 -6.96 -3.98 -7.71
N CYS A 26 -6.31 -3.97 -6.56
CA CYS A 26 -5.78 -2.76 -5.97
C CYS A 26 -4.28 -2.68 -6.14
N THR A 27 -3.75 -1.45 -6.19
CA THR A 27 -2.31 -1.24 -6.18
C THR A 27 -1.99 0.00 -5.36
N MET A 28 -1.79 -0.20 -4.07
CA MET A 28 -1.47 0.89 -3.15
C MET A 28 0.01 1.21 -3.23
N THR A 29 0.35 2.42 -3.67
CA THR A 29 1.74 2.78 -3.83
C THR A 29 2.18 3.83 -2.82
N CYS A 30 3.45 3.76 -2.45
CA CYS A 30 4.05 4.74 -1.55
C CYS A 30 5.52 4.98 -1.91
N GLN A 31 5.87 6.23 -2.09
CA GLN A 31 7.24 6.60 -2.51
C GLN A 31 8.14 6.82 -1.29
N PHE A 32 8.96 5.83 -0.99
CA PHE A 32 9.92 5.92 0.10
C PHE A 32 11.27 6.37 -0.45
N SER A 33 11.81 7.41 0.15
CA SER A 33 13.01 8.06 -0.35
C SER A 33 14.23 7.13 -0.43
N VAL A 34 14.18 5.99 0.25
CA VAL A 34 15.31 5.05 0.20
C VAL A 34 15.08 4.02 -0.89
N PRO A 35 16.04 3.91 -1.81
CA PRO A 35 15.92 3.04 -2.98
C PRO A 35 16.22 1.57 -2.67
N ASN A 36 15.32 0.73 -3.17
CA ASN A 36 15.48 -0.72 -3.14
C ASN A 36 15.55 -1.27 -1.71
N VAL A 37 14.73 -0.71 -0.84
CA VAL A 37 14.56 -1.27 0.50
C VAL A 37 13.20 -1.89 0.64
N LYS A 38 13.09 -2.83 1.55
CA LYS A 38 11.84 -3.51 1.81
C LYS A 38 11.17 -2.94 3.06
N SER A 39 9.86 -3.01 3.09
CA SER A 39 9.10 -2.49 4.22
C SER A 39 7.91 -3.39 4.52
N GLU A 40 7.51 -3.43 5.78
CA GLU A 40 6.39 -4.24 6.20
C GLU A 40 5.08 -3.58 5.82
N TRP A 41 4.18 -4.37 5.28
CA TRP A 41 2.86 -3.90 4.92
C TRP A 41 1.86 -4.30 5.99
N PHE A 42 0.85 -3.47 6.18
CA PHE A 42 -0.17 -3.75 7.19
C PHE A 42 -1.56 -3.59 6.62
N ARG A 43 -2.36 -4.63 6.76
CA ARG A 43 -3.77 -4.58 6.42
C ARG A 43 -4.58 -4.41 7.71
N ASN A 44 -4.85 -3.16 8.05
CA ASN A 44 -5.56 -2.81 9.28
C ASN A 44 -4.81 -3.35 10.50
N GLY A 45 -3.55 -2.94 10.62
CA GLY A 45 -2.75 -3.27 11.79
C GLY A 45 -2.00 -4.58 11.66
N ARG A 46 -2.54 -5.50 10.89
CA ARG A 46 -1.98 -6.84 10.76
C ARG A 46 -0.95 -6.88 9.64
N VAL A 47 0.21 -7.49 9.92
CA VAL A 47 1.24 -7.68 8.90
C VAL A 47 0.67 -8.40 7.70
N LEU A 48 0.76 -7.73 6.56
CA LEU A 48 0.16 -8.21 5.35
C LEU A 48 1.15 -9.08 4.58
N LYS A 49 0.88 -10.36 4.52
CA LYS A 49 1.75 -11.30 3.85
C LYS A 49 1.34 -11.47 2.39
N PRO A 50 2.30 -11.34 1.47
CA PRO A 50 2.05 -11.44 0.02
C PRO A 50 1.81 -12.87 -0.44
N GLN A 51 0.59 -13.34 -0.22
CA GLN A 51 0.23 -14.69 -0.63
C GLN A 51 -1.05 -14.66 -1.47
N GLY A 52 -0.98 -15.26 -2.66
CA GLY A 52 -2.15 -15.34 -3.52
C GLY A 52 -2.64 -13.99 -3.99
N ARG A 53 -3.68 -13.50 -3.33
CA ARG A 53 -4.32 -12.23 -3.69
C ARG A 53 -3.38 -11.07 -3.45
N VAL A 54 -2.50 -11.22 -2.48
CA VAL A 54 -1.62 -10.14 -2.06
C VAL A 54 -0.28 -10.24 -2.77
N LYS A 55 0.18 -9.11 -3.30
CA LYS A 55 1.50 -9.03 -3.88
C LYS A 55 2.20 -7.78 -3.40
N THR A 56 3.38 -7.95 -2.86
CA THR A 56 4.14 -6.83 -2.34
C THR A 56 5.31 -6.52 -3.26
N GLU A 57 5.20 -5.42 -3.99
CA GLU A 57 6.22 -5.05 -4.95
C GLU A 57 7.00 -3.85 -4.45
N VAL A 58 8.24 -3.76 -4.88
CA VAL A 58 9.06 -2.63 -4.53
C VAL A 58 9.88 -2.15 -5.72
N GLU A 59 9.80 -0.85 -5.96
CA GLU A 59 10.58 -0.22 -7.01
C GLU A 59 11.77 0.46 -6.35
N HIS A 60 12.41 1.39 -7.04
CA HIS A 60 13.48 2.16 -6.43
C HIS A 60 12.99 2.83 -5.16
N LYS A 61 12.16 3.86 -5.29
CA LYS A 61 11.64 4.53 -4.12
C LYS A 61 10.24 4.03 -3.75
N VAL A 62 9.41 3.78 -4.74
CA VAL A 62 8.02 3.50 -4.46
C VAL A 62 7.77 2.03 -4.22
N HIS A 63 6.87 1.77 -3.29
CA HIS A 63 6.47 0.42 -2.95
C HIS A 63 5.04 0.22 -3.39
N LYS A 64 4.75 -0.91 -3.99
CA LYS A 64 3.43 -1.14 -4.55
C LYS A 64 2.78 -2.34 -3.89
N LEU A 65 1.52 -2.19 -3.55
CA LEU A 65 0.77 -3.24 -2.89
C LEU A 65 -0.39 -3.67 -3.76
N THR A 66 -0.30 -4.86 -4.31
CA THR A 66 -1.32 -5.36 -5.21
C THR A 66 -2.20 -6.36 -4.52
N ILE A 67 -3.50 -6.09 -4.53
CA ILE A 67 -4.46 -7.04 -4.05
C ILE A 67 -5.42 -7.40 -5.17
N ALA A 68 -5.38 -8.64 -5.63
CA ALA A 68 -6.31 -9.08 -6.66
C ALA A 68 -7.66 -9.44 -6.07
N ASP A 69 -8.71 -9.04 -6.77
CA ASP A 69 -10.08 -9.34 -6.37
C ASP A 69 -10.35 -8.92 -4.92
N VAL A 70 -10.29 -7.63 -4.67
CA VAL A 70 -10.42 -7.08 -3.32
C VAL A 70 -11.83 -7.33 -2.74
N ARG A 71 -11.88 -7.49 -1.43
CA ARG A 71 -13.14 -7.62 -0.70
C ARG A 71 -13.26 -6.44 0.25
N ALA A 72 -14.41 -6.32 0.90
CA ALA A 72 -14.59 -5.26 1.88
C ALA A 72 -13.87 -5.61 3.18
N GLU A 73 -13.40 -6.84 3.27
CA GLU A 73 -12.63 -7.30 4.40
C GLU A 73 -11.17 -6.89 4.26
N ASP A 74 -10.82 -6.47 3.06
CA ASP A 74 -9.44 -6.09 2.78
C ASP A 74 -9.27 -4.58 2.88
N GLN A 75 -10.22 -3.89 3.50
CA GLN A 75 -10.10 -2.45 3.60
C GLN A 75 -9.99 -1.95 5.02
N GLY A 76 -9.92 -0.64 5.09
CA GLY A 76 -9.85 0.07 6.36
C GLY A 76 -8.61 0.94 6.45
N GLN A 77 -7.45 0.32 6.57
CA GLN A 77 -6.21 1.06 6.65
C GLN A 77 -5.05 0.23 6.13
N TYR A 78 -4.22 0.86 5.34
CA TYR A 78 -2.99 0.24 4.89
C TYR A 78 -1.81 1.08 5.28
N THR A 79 -0.87 0.45 5.94
CA THR A 79 0.32 1.13 6.41
C THR A 79 1.56 0.47 5.84
N CYS A 80 2.42 1.28 5.26
CA CYS A 80 3.71 0.82 4.78
C CYS A 80 4.79 1.38 5.70
N LYS A 81 5.51 0.49 6.35
CA LYS A 81 6.42 0.92 7.40
C LYS A 81 7.82 0.38 7.19
N HIS A 82 8.80 1.26 7.29
CA HIS A 82 10.20 0.88 7.21
C HIS A 82 10.94 1.37 8.43
N GLU A 83 11.03 0.48 9.42
CA GLU A 83 11.76 0.73 10.66
C GLU A 83 11.09 1.82 11.49
N ASP A 84 11.43 3.07 11.19
CA ASP A 84 10.82 4.18 11.89
C ASP A 84 9.71 4.79 11.05
N LEU A 85 10.05 5.17 9.83
CA LEU A 85 9.12 5.86 8.96
C LEU A 85 7.98 4.96 8.52
N GLU A 86 6.77 5.42 8.80
CA GLU A 86 5.57 4.70 8.42
C GLU A 86 4.70 5.59 7.55
N THR A 87 3.79 4.98 6.81
CA THR A 87 2.80 5.73 6.07
C THR A 87 1.51 4.95 6.07
N SER A 88 0.41 5.61 5.77
CA SER A 88 -0.89 4.99 5.90
C SER A 88 -1.95 5.69 5.07
N ALA A 89 -2.89 4.90 4.57
CA ALA A 89 -4.06 5.42 3.87
C ALA A 89 -5.25 4.52 4.14
N GLU A 90 -6.43 5.08 4.05
CA GLU A 90 -7.64 4.32 4.23
C GLU A 90 -8.03 3.66 2.92
N LEU A 91 -8.06 2.34 2.91
CA LEU A 91 -8.50 1.64 1.71
C LEU A 91 -10.00 1.47 1.79
N ARG A 92 -10.70 1.75 0.72
CA ARG A 92 -12.14 1.67 0.73
C ARG A 92 -12.65 0.82 -0.42
N ILE A 93 -13.08 -0.38 -0.11
CA ILE A 93 -13.80 -1.19 -1.08
C ILE A 93 -15.29 -0.95 -0.87
N GLU A 94 -15.93 -0.24 -1.80
CA GLU A 94 -17.38 0.11 -1.60
C GLU A 94 -17.99 0.48 -2.95
N LYS A 95 -18.37 1.75 -3.15
CA LYS A 95 -17.89 2.36 -4.35
C LYS A 95 -18.70 2.69 -5.61
N GLY A 96 -18.82 3.97 -5.92
CA GLY A 96 -19.57 4.39 -7.08
C GLY A 96 -21.06 4.52 -6.78
N GLU A 97 -21.60 3.51 -6.13
CA GLU A 97 -23.01 3.51 -5.73
C GLU A 97 -23.18 4.20 -4.37
N LEU A 98 -22.27 5.11 -4.07
CA LEU A 98 -22.33 5.85 -2.82
C LEU A 98 -23.56 6.76 -2.83
N ARG A 99 -24.60 6.35 -2.12
CA ARG A 99 -25.88 7.03 -2.13
C ARG A 99 -25.79 8.38 -1.44
N SER A 100 -24.85 8.49 -0.51
CA SER A 100 -24.60 9.71 0.25
C SER A 100 -25.77 10.00 1.19
N GLY A 101 -26.54 8.96 1.47
CA GLY A 101 -27.69 9.08 2.34
C GLY A 101 -28.24 7.72 2.73
N CYS A 102 -28.10 7.37 3.99
CA CYS A 102 -28.58 6.09 4.49
C CYS A 102 -29.80 6.27 5.38
N GLY A 1 15.93 18.86 -4.74
CA GLY A 1 16.96 18.72 -5.79
C GLY A 1 17.34 17.27 -6.01
N ILE A 2 18.60 17.03 -6.35
CA ILE A 2 19.09 15.68 -6.56
C ILE A 2 19.80 15.16 -5.31
N ASP A 3 19.41 13.96 -4.90
CA ASP A 3 20.06 13.31 -3.76
C ASP A 3 21.13 12.34 -4.26
N PRO A 4 22.39 12.57 -3.89
CA PRO A 4 23.52 11.75 -4.32
C PRO A 4 23.38 10.28 -3.90
N PHE A 5 23.33 9.39 -4.90
CA PHE A 5 23.21 7.94 -4.72
C PHE A 5 22.29 7.54 -3.58
N THR A 6 22.85 7.36 -2.39
CA THR A 6 22.09 6.95 -1.23
C THR A 6 21.25 8.10 -0.69
N ILE A 7 19.97 8.03 -0.97
CA ILE A 7 19.03 9.03 -0.52
C ILE A 7 18.58 8.72 0.89
N GLU A 8 18.79 9.67 1.79
CA GLU A 8 18.30 9.55 3.16
C GLU A 8 16.82 9.24 3.17
N PRO A 9 16.45 8.26 3.99
CA PRO A 9 15.09 7.74 4.06
C PRO A 9 14.07 8.79 4.46
N ALA A 10 13.03 8.93 3.65
CA ALA A 10 11.97 9.87 3.92
C ALA A 10 10.68 9.41 3.27
N TRP A 11 9.56 9.84 3.82
CA TRP A 11 8.27 9.60 3.19
C TRP A 11 7.84 10.82 2.41
N GLU A 12 8.25 10.86 1.15
CA GLU A 12 7.95 11.99 0.28
C GLU A 12 6.51 11.91 -0.18
N ARG A 13 6.13 10.75 -0.70
CA ARG A 13 4.76 10.51 -1.12
C ARG A 13 4.13 9.45 -0.22
N HIS A 14 3.17 9.86 0.59
CA HIS A 14 2.51 8.96 1.51
C HIS A 14 1.48 8.13 0.78
N LEU A 15 1.02 7.04 1.40
CA LEU A 15 0.05 6.14 0.80
C LEU A 15 -1.25 6.86 0.44
N GLN A 16 -1.88 6.42 -0.64
CA GLN A 16 -3.12 7.04 -1.11
C GLN A 16 -4.31 6.18 -0.75
N ASP A 17 -5.43 6.83 -0.54
CA ASP A 17 -6.64 6.15 -0.12
C ASP A 17 -7.41 5.68 -1.34
N VAL A 18 -7.25 4.41 -1.68
CA VAL A 18 -7.92 3.87 -2.86
C VAL A 18 -9.29 3.27 -2.52
N THR A 19 -10.28 3.58 -3.35
CA THR A 19 -11.61 3.04 -3.21
C THR A 19 -11.96 2.16 -4.42
N LEU A 20 -12.61 1.00 -4.21
CA LEU A 20 -12.78 0.04 -5.30
C LEU A 20 -14.06 -0.77 -5.11
N LYS A 21 -14.34 -1.61 -6.10
CA LYS A 21 -15.42 -2.57 -6.02
C LYS A 21 -14.82 -3.97 -5.87
N GLU A 22 -15.52 -4.84 -5.15
CA GLU A 22 -15.01 -6.17 -4.87
C GLU A 22 -14.82 -6.97 -6.15
N GLY A 23 -13.62 -7.49 -6.36
CA GLY A 23 -13.34 -8.25 -7.55
C GLY A 23 -12.31 -7.59 -8.43
N GLN A 24 -11.99 -6.34 -8.12
CA GLN A 24 -10.98 -5.60 -8.86
C GLN A 24 -9.63 -5.69 -8.17
N THR A 25 -8.56 -5.45 -8.90
CA THR A 25 -7.21 -5.50 -8.35
C THR A 25 -6.73 -4.10 -7.97
N CYS A 26 -6.11 -4.00 -6.81
CA CYS A 26 -5.62 -2.73 -6.30
C CYS A 26 -4.10 -2.68 -6.38
N THR A 27 -3.58 -1.48 -6.50
CA THR A 27 -2.15 -1.25 -6.45
C THR A 27 -1.87 0.09 -5.80
N MET A 28 -1.68 0.07 -4.48
CA MET A 28 -1.43 1.31 -3.75
C MET A 28 0.07 1.54 -3.63
N THR A 29 0.52 2.74 -3.98
CA THR A 29 1.94 3.03 -4.01
C THR A 29 2.34 4.06 -2.96
N CYS A 30 3.57 3.93 -2.48
CA CYS A 30 4.14 4.90 -1.54
C CYS A 30 5.62 5.11 -1.83
N GLN A 31 5.99 6.36 -2.09
CA GLN A 31 7.36 6.69 -2.49
C GLN A 31 8.27 6.86 -1.27
N PHE A 32 9.11 5.88 -1.04
CA PHE A 32 10.08 5.92 0.04
C PHE A 32 11.44 6.31 -0.52
N SER A 33 12.07 7.28 0.12
CA SER A 33 13.31 7.88 -0.41
C SER A 33 14.45 6.89 -0.63
N VAL A 34 14.39 5.73 0.01
CA VAL A 34 15.48 4.77 -0.10
C VAL A 34 15.21 3.78 -1.23
N PRO A 35 16.19 3.61 -2.13
CA PRO A 35 16.03 2.79 -3.31
C PRO A 35 16.16 1.30 -3.06
N ASN A 36 15.18 0.57 -3.56
CA ASN A 36 15.18 -0.90 -3.58
C ASN A 36 15.19 -1.49 -2.18
N VAL A 37 14.50 -0.84 -1.25
CA VAL A 37 14.31 -1.39 0.08
C VAL A 37 12.88 -1.86 0.26
N LYS A 38 12.72 -2.87 1.07
CA LYS A 38 11.42 -3.43 1.33
C LYS A 38 10.88 -2.92 2.65
N SER A 39 9.60 -3.07 2.86
CA SER A 39 8.95 -2.59 4.07
C SER A 39 7.84 -3.53 4.46
N GLU A 40 7.43 -3.49 5.72
CA GLU A 40 6.31 -4.27 6.15
C GLU A 40 5.01 -3.56 5.87
N TRP A 41 4.04 -4.34 5.47
CA TRP A 41 2.74 -3.82 5.16
C TRP A 41 1.77 -4.19 6.26
N PHE A 42 0.82 -3.32 6.53
CA PHE A 42 -0.16 -3.55 7.57
C PHE A 42 -1.56 -3.25 7.08
N ARG A 43 -2.49 -4.11 7.44
CA ARG A 43 -3.89 -3.89 7.20
C ARG A 43 -4.63 -3.88 8.52
N ASN A 44 -5.22 -2.72 8.82
CA ASN A 44 -5.96 -2.47 10.07
C ASN A 44 -5.28 -3.07 11.30
N GLY A 45 -3.95 -2.92 11.36
CA GLY A 45 -3.20 -3.33 12.53
C GLY A 45 -2.45 -4.63 12.35
N ARG A 46 -2.79 -5.39 11.33
CA ARG A 46 -2.20 -6.71 11.12
C ARG A 46 -1.18 -6.68 9.99
N VAL A 47 -0.12 -7.46 10.12
CA VAL A 47 0.87 -7.58 9.05
C VAL A 47 0.23 -8.15 7.81
N LEU A 48 0.34 -7.38 6.73
CA LEU A 48 -0.26 -7.74 5.47
C LEU A 48 0.69 -8.60 4.65
N LYS A 49 0.62 -9.90 4.89
CA LYS A 49 1.50 -10.84 4.22
C LYS A 49 1.05 -11.06 2.78
N PRO A 50 2.00 -11.01 1.83
CA PRO A 50 1.70 -11.17 0.40
C PRO A 50 1.39 -12.61 0.02
N GLN A 51 0.17 -13.03 0.30
CA GLN A 51 -0.27 -14.36 -0.02
C GLN A 51 -1.56 -14.30 -0.83
N GLY A 52 -1.58 -14.98 -1.97
CA GLY A 52 -2.76 -15.06 -2.79
C GLY A 52 -3.17 -13.71 -3.36
N ARG A 53 -4.17 -13.10 -2.75
CA ARG A 53 -4.68 -11.81 -3.19
C ARG A 53 -3.64 -10.71 -3.00
N VAL A 54 -2.83 -10.84 -1.96
CA VAL A 54 -1.88 -9.80 -1.61
C VAL A 54 -0.54 -10.05 -2.28
N LYS A 55 0.07 -8.98 -2.74
CA LYS A 55 1.39 -9.04 -3.32
C LYS A 55 2.13 -7.74 -3.02
N THR A 56 3.41 -7.82 -2.75
CA THR A 56 4.17 -6.66 -2.30
C THR A 56 5.33 -6.37 -3.24
N GLU A 57 5.12 -5.40 -4.13
CA GLU A 57 6.16 -4.99 -5.08
C GLU A 57 6.95 -3.82 -4.54
N VAL A 58 8.15 -3.65 -5.06
CA VAL A 58 8.97 -2.52 -4.70
C VAL A 58 9.79 -2.03 -5.90
N GLU A 59 9.67 -0.74 -6.17
CA GLU A 59 10.45 -0.09 -7.20
C GLU A 59 11.67 0.56 -6.55
N HIS A 60 12.29 1.50 -7.26
CA HIS A 60 13.40 2.25 -6.68
C HIS A 60 12.96 2.88 -5.36
N LYS A 61 12.15 3.92 -5.44
CA LYS A 61 11.69 4.58 -4.23
C LYS A 61 10.29 4.12 -3.84
N VAL A 62 9.41 3.91 -4.80
CA VAL A 62 8.03 3.63 -4.47
C VAL A 62 7.81 2.16 -4.15
N HIS A 63 6.99 1.94 -3.14
CA HIS A 63 6.63 0.61 -2.71
C HIS A 63 5.19 0.36 -3.14
N LYS A 64 4.95 -0.76 -3.79
CA LYS A 64 3.65 -1.00 -4.39
C LYS A 64 2.94 -2.14 -3.67
N LEU A 65 1.66 -1.97 -3.46
CA LEU A 65 0.85 -2.97 -2.81
C LEU A 65 -0.24 -3.47 -3.75
N THR A 66 -0.15 -4.72 -4.13
CA THR A 66 -1.11 -5.29 -5.05
C THR A 66 -2.09 -6.19 -4.34
N ILE A 67 -3.36 -5.88 -4.49
CA ILE A 67 -4.39 -6.74 -3.99
C ILE A 67 -5.30 -7.17 -5.14
N ALA A 68 -5.15 -8.40 -5.59
CA ALA A 68 -6.04 -8.91 -6.62
C ALA A 68 -7.37 -9.31 -6.01
N ASP A 69 -8.45 -9.01 -6.72
CA ASP A 69 -9.80 -9.35 -6.27
C ASP A 69 -10.06 -8.83 -4.86
N VAL A 70 -10.10 -7.51 -4.72
CA VAL A 70 -10.27 -6.88 -3.41
C VAL A 70 -11.61 -7.21 -2.78
N ARG A 71 -11.64 -7.22 -1.46
CA ARG A 71 -12.85 -7.44 -0.69
C ARG A 71 -12.98 -6.35 0.36
N ALA A 72 -14.21 -6.09 0.80
CA ALA A 72 -14.47 -5.08 1.81
C ALA A 72 -13.95 -5.53 3.17
N GLU A 73 -13.61 -6.81 3.30
CA GLU A 73 -13.08 -7.32 4.55
C GLU A 73 -11.58 -7.18 4.60
N ASP A 74 -11.01 -6.77 3.48
CA ASP A 74 -9.59 -6.46 3.39
C ASP A 74 -9.42 -4.95 3.41
N GLN A 75 -10.37 -4.25 4.00
CA GLN A 75 -10.36 -2.80 3.95
C GLN A 75 -9.95 -2.18 5.28
N GLY A 76 -9.91 -0.86 5.27
CA GLY A 76 -9.78 -0.06 6.48
C GLY A 76 -8.51 0.76 6.53
N GLN A 77 -7.38 0.10 6.72
CA GLN A 77 -6.12 0.79 6.87
C GLN A 77 -5.01 0.02 6.21
N TYR A 78 -4.26 0.70 5.38
CA TYR A 78 -3.08 0.13 4.77
C TYR A 78 -1.88 0.99 5.09
N THR A 79 -0.98 0.42 5.85
CA THR A 79 0.19 1.13 6.32
C THR A 79 1.45 0.48 5.80
N CYS A 80 2.32 1.30 5.24
CA CYS A 80 3.62 0.85 4.78
C CYS A 80 4.68 1.37 5.73
N LYS A 81 5.39 0.46 6.37
CA LYS A 81 6.28 0.85 7.45
C LYS A 81 7.70 0.32 7.19
N HIS A 82 8.68 1.19 7.36
CA HIS A 82 10.08 0.79 7.25
C HIS A 82 10.82 1.21 8.49
N GLU A 83 10.90 0.28 9.43
CA GLU A 83 11.60 0.46 10.70
C GLU A 83 10.93 1.53 11.55
N ASP A 84 11.34 2.77 11.36
CA ASP A 84 10.78 3.89 12.10
C ASP A 84 9.67 4.55 11.30
N LEU A 85 10.01 4.94 10.08
CA LEU A 85 9.10 5.69 9.23
C LEU A 85 7.92 4.85 8.77
N GLU A 86 6.75 5.47 8.74
CA GLU A 86 5.52 4.79 8.37
C GLU A 86 4.69 5.66 7.44
N THR A 87 3.72 5.04 6.79
CA THR A 87 2.72 5.76 6.02
C THR A 87 1.44 4.94 6.01
N SER A 88 0.34 5.57 5.66
CA SER A 88 -0.95 4.94 5.80
C SER A 88 -2.01 5.58 4.91
N ALA A 89 -2.98 4.77 4.53
CA ALA A 89 -4.15 5.23 3.79
C ALA A 89 -5.31 4.30 4.07
N GLU A 90 -6.52 4.82 3.93
CA GLU A 90 -7.71 4.03 4.13
C GLU A 90 -8.09 3.33 2.83
N LEU A 91 -8.02 2.02 2.84
CA LEU A 91 -8.46 1.27 1.67
C LEU A 91 -9.95 1.01 1.80
N ARG A 92 -10.72 1.63 0.94
CA ARG A 92 -12.15 1.56 1.05
C ARG A 92 -12.76 0.87 -0.16
N ILE A 93 -13.44 -0.23 0.07
CA ILE A 93 -14.22 -0.85 -0.97
C ILE A 93 -15.61 -0.23 -0.90
N GLU A 94 -16.30 -0.07 -2.02
CA GLU A 94 -17.50 0.86 -2.05
C GLU A 94 -18.73 0.18 -1.43
N LYS A 95 -19.63 -0.33 -2.27
CA LYS A 95 -19.99 -1.69 -2.03
C LYS A 95 -21.27 -2.19 -1.36
N GLY A 96 -22.19 -2.73 -2.16
CA GLY A 96 -23.43 -3.20 -1.60
C GLY A 96 -24.12 -4.23 -2.46
N GLU A 97 -24.20 -5.45 -1.95
CA GLU A 97 -24.97 -6.50 -2.59
C GLU A 97 -26.30 -6.63 -1.88
N LEU A 98 -27.37 -6.85 -2.64
CA LEU A 98 -28.72 -6.84 -2.12
C LEU A 98 -28.99 -5.53 -1.37
N ARG A 99 -29.25 -4.47 -2.12
CA ARG A 99 -29.45 -3.14 -1.56
C ARG A 99 -30.71 -3.10 -0.70
N SER A 100 -31.63 -4.02 -0.96
CA SER A 100 -32.85 -4.13 -0.17
C SER A 100 -32.53 -4.73 1.20
N GLY A 101 -32.33 -3.85 2.18
CA GLY A 101 -32.01 -4.30 3.52
C GLY A 101 -30.83 -3.55 4.10
N CYS A 102 -29.62 -4.02 3.79
CA CYS A 102 -28.42 -3.38 4.29
C CYS A 102 -27.48 -3.09 3.12
N GLY A 1 28.74 13.79 8.30
CA GLY A 1 27.68 12.85 7.89
C GLY A 1 26.97 13.29 6.63
N ILE A 2 27.64 13.18 5.50
CA ILE A 2 27.06 13.56 4.22
C ILE A 2 26.52 12.33 3.49
N ASP A 3 25.77 12.57 2.44
CA ASP A 3 25.15 11.50 1.68
C ASP A 3 25.56 11.58 0.21
N PRO A 4 26.51 10.74 -0.22
CA PRO A 4 27.00 10.72 -1.60
C PRO A 4 25.95 10.21 -2.58
N PHE A 5 25.14 11.13 -3.10
CA PHE A 5 24.07 10.81 -4.06
C PHE A 5 23.04 9.87 -3.44
N THR A 6 23.11 9.70 -2.14
CA THR A 6 22.21 8.82 -1.42
C THR A 6 21.12 9.63 -0.77
N ILE A 7 19.91 9.35 -1.17
CA ILE A 7 18.75 10.03 -0.67
C ILE A 7 18.40 9.55 0.74
N GLU A 8 18.52 10.44 1.71
CA GLU A 8 18.10 10.18 3.08
C GLU A 8 16.64 9.77 3.14
N PRO A 9 16.36 8.72 3.92
CA PRO A 9 15.03 8.11 4.01
C PRO A 9 13.95 9.07 4.49
N ALA A 10 12.97 9.28 3.62
CA ALA A 10 11.85 10.14 3.91
C ALA A 10 10.60 9.64 3.22
N TRP A 11 9.45 9.87 3.82
CA TRP A 11 8.20 9.55 3.18
C TRP A 11 7.69 10.75 2.38
N GLU A 12 8.11 10.81 1.12
CA GLU A 12 7.70 11.88 0.22
C GLU A 12 6.23 11.73 -0.14
N ARG A 13 5.93 10.69 -0.91
CA ARG A 13 4.56 10.39 -1.25
C ARG A 13 4.06 9.29 -0.33
N HIS A 14 3.08 9.62 0.48
CA HIS A 14 2.55 8.70 1.47
C HIS A 14 1.58 7.75 0.79
N LEU A 15 1.04 6.80 1.54
CA LEU A 15 0.08 5.88 0.98
C LEU A 15 -1.19 6.60 0.56
N GLN A 16 -1.75 6.18 -0.56
CA GLN A 16 -2.90 6.84 -1.14
C GLN A 16 -4.19 6.11 -0.82
N ASP A 17 -5.20 6.90 -0.49
CA ASP A 17 -6.50 6.37 -0.08
C ASP A 17 -7.30 5.98 -1.31
N VAL A 18 -7.32 4.70 -1.61
CA VAL A 18 -8.01 4.22 -2.80
C VAL A 18 -9.40 3.69 -2.46
N THR A 19 -10.36 3.96 -3.32
CA THR A 19 -11.73 3.49 -3.12
C THR A 19 -12.21 2.77 -4.38
N LEU A 20 -12.57 1.50 -4.24
CA LEU A 20 -12.84 0.66 -5.40
C LEU A 20 -13.84 -0.44 -5.07
N LYS A 21 -14.34 -1.10 -6.09
CA LYS A 21 -15.35 -2.15 -5.92
C LYS A 21 -14.68 -3.51 -5.81
N GLU A 22 -15.37 -4.47 -5.19
CA GLU A 22 -14.81 -5.79 -4.96
C GLU A 22 -14.61 -6.54 -6.27
N GLY A 23 -13.58 -7.37 -6.34
CA GLY A 23 -13.29 -8.11 -7.54
C GLY A 23 -12.18 -7.46 -8.35
N GLN A 24 -12.00 -6.17 -8.14
CA GLN A 24 -10.93 -5.44 -8.79
C GLN A 24 -9.61 -5.72 -8.10
N THR A 25 -8.51 -5.52 -8.81
CA THR A 25 -7.20 -5.64 -8.20
C THR A 25 -6.70 -4.25 -7.80
N CYS A 26 -6.25 -4.14 -6.58
CA CYS A 26 -5.81 -2.87 -6.04
C CYS A 26 -4.30 -2.74 -6.13
N THR A 27 -3.83 -1.52 -6.29
CA THR A 27 -2.41 -1.25 -6.26
C THR A 27 -2.13 0.03 -5.49
N MET A 28 -1.90 -0.12 -4.20
CA MET A 28 -1.60 1.00 -3.34
C MET A 28 -0.11 1.27 -3.35
N THR A 29 0.30 2.49 -3.64
CA THR A 29 1.70 2.81 -3.75
C THR A 29 2.15 3.82 -2.71
N CYS A 30 3.42 3.77 -2.38
CA CYS A 30 4.02 4.72 -1.46
C CYS A 30 5.48 4.95 -1.84
N GLN A 31 5.84 6.20 -2.03
CA GLN A 31 7.18 6.55 -2.49
C GLN A 31 8.12 6.78 -1.31
N PHE A 32 8.94 5.79 -1.02
CA PHE A 32 9.95 5.91 0.03
C PHE A 32 11.24 6.39 -0.61
N SER A 33 11.83 7.40 -0.02
CA SER A 33 12.95 8.11 -0.64
C SER A 33 14.16 7.20 -0.91
N VAL A 34 14.24 6.06 -0.23
CA VAL A 34 15.40 5.19 -0.36
C VAL A 34 15.16 4.15 -1.44
N PRO A 35 16.10 4.05 -2.39
CA PRO A 35 15.99 3.13 -3.51
C PRO A 35 16.25 1.68 -3.13
N ASN A 36 15.32 0.82 -3.55
CA ASN A 36 15.46 -0.63 -3.45
C ASN A 36 15.48 -1.11 -2.01
N VAL A 37 14.59 -0.57 -1.18
CA VAL A 37 14.41 -1.08 0.17
C VAL A 37 13.02 -1.63 0.33
N LYS A 38 12.90 -2.62 1.19
CA LYS A 38 11.64 -3.30 1.40
C LYS A 38 11.01 -2.86 2.71
N SER A 39 9.72 -3.11 2.87
CA SER A 39 9.00 -2.65 4.04
C SER A 39 7.91 -3.64 4.42
N GLU A 40 7.49 -3.61 5.68
CA GLU A 40 6.38 -4.41 6.13
C GLU A 40 5.07 -3.71 5.86
N TRP A 41 4.13 -4.45 5.30
CA TRP A 41 2.80 -3.94 5.06
C TRP A 41 1.88 -4.37 6.17
N PHE A 42 0.89 -3.55 6.48
CA PHE A 42 -0.04 -3.84 7.55
C PHE A 42 -1.48 -3.68 7.11
N ARG A 43 -2.28 -4.68 7.43
CA ARG A 43 -3.70 -4.69 7.16
C ARG A 43 -4.46 -4.40 8.46
N ASN A 44 -4.58 -3.11 8.77
CA ASN A 44 -5.28 -2.64 9.97
C ASN A 44 -4.54 -3.11 11.23
N GLY A 45 -3.25 -2.83 11.28
CA GLY A 45 -2.47 -3.12 12.47
C GLY A 45 -1.75 -4.45 12.42
N ARG A 46 -2.26 -5.37 11.61
CA ARG A 46 -1.68 -6.72 11.53
C ARG A 46 -0.84 -6.85 10.26
N VAL A 47 0.29 -7.55 10.38
CA VAL A 47 1.20 -7.72 9.25
C VAL A 47 0.49 -8.35 8.06
N LEU A 48 0.52 -7.62 6.97
CA LEU A 48 -0.11 -8.05 5.75
C LEU A 48 0.83 -8.93 4.96
N LYS A 49 0.73 -10.23 5.18
CA LYS A 49 1.60 -11.18 4.51
C LYS A 49 1.17 -11.36 3.05
N PRO A 50 2.12 -11.24 2.11
CA PRO A 50 1.85 -11.42 0.68
C PRO A 50 1.46 -12.85 0.34
N GLN A 51 0.19 -13.17 0.55
CA GLN A 51 -0.33 -14.49 0.28
C GLN A 51 -1.63 -14.42 -0.52
N GLY A 52 -1.70 -15.21 -1.58
CA GLY A 52 -2.92 -15.30 -2.36
C GLY A 52 -3.23 -14.03 -3.12
N ARG A 53 -4.05 -13.17 -2.51
CA ARG A 53 -4.48 -11.93 -3.15
C ARG A 53 -3.40 -10.86 -3.07
N VAL A 54 -2.53 -11.00 -2.08
CA VAL A 54 -1.61 -9.94 -1.72
C VAL A 54 -0.26 -10.10 -2.42
N LYS A 55 0.20 -9.01 -3.02
CA LYS A 55 1.52 -8.95 -3.62
C LYS A 55 2.21 -7.66 -3.22
N THR A 56 3.44 -7.78 -2.80
CA THR A 56 4.21 -6.62 -2.35
C THR A 56 5.40 -6.38 -3.27
N GLU A 57 5.26 -5.41 -4.16
CA GLU A 57 6.33 -5.06 -5.08
C GLU A 57 7.14 -3.89 -4.54
N VAL A 58 8.37 -3.78 -5.00
CA VAL A 58 9.19 -2.65 -4.64
C VAL A 58 9.97 -2.14 -5.85
N GLU A 59 9.81 -0.88 -6.15
CA GLU A 59 10.59 -0.22 -7.16
C GLU A 59 11.74 0.52 -6.47
N HIS A 60 12.38 1.45 -7.16
CA HIS A 60 13.46 2.21 -6.51
C HIS A 60 12.94 2.95 -5.28
N LYS A 61 12.09 3.95 -5.45
CA LYS A 61 11.56 4.64 -4.29
C LYS A 61 10.21 4.09 -3.87
N VAL A 62 9.37 3.72 -4.83
CA VAL A 62 7.99 3.40 -4.47
C VAL A 62 7.80 1.93 -4.14
N HIS A 63 6.94 1.71 -3.17
CA HIS A 63 6.59 0.39 -2.71
C HIS A 63 5.13 0.14 -3.07
N LYS A 64 4.87 -0.95 -3.76
CA LYS A 64 3.54 -1.16 -4.32
C LYS A 64 2.84 -2.32 -3.63
N LEU A 65 1.57 -2.14 -3.36
CA LEU A 65 0.76 -3.15 -2.72
C LEU A 65 -0.35 -3.59 -3.66
N THR A 66 -0.31 -4.83 -4.09
CA THR A 66 -1.28 -5.34 -5.02
C THR A 66 -2.20 -6.34 -4.35
N ILE A 67 -3.48 -6.06 -4.42
CA ILE A 67 -4.46 -7.00 -3.92
C ILE A 67 -5.37 -7.44 -5.05
N ALA A 68 -5.22 -8.66 -5.52
CA ALA A 68 -6.11 -9.18 -6.54
C ALA A 68 -7.44 -9.57 -5.94
N ASP A 69 -8.51 -9.23 -6.63
CA ASP A 69 -9.87 -9.54 -6.18
C ASP A 69 -10.10 -9.03 -4.76
N VAL A 70 -10.08 -7.71 -4.61
CA VAL A 70 -10.25 -7.08 -3.30
C VAL A 70 -11.63 -7.33 -2.73
N ARG A 71 -11.70 -7.35 -1.42
CA ARG A 71 -12.96 -7.50 -0.72
C ARG A 71 -13.13 -6.41 0.33
N ALA A 72 -14.36 -6.24 0.82
CA ALA A 72 -14.65 -5.29 1.90
C ALA A 72 -13.86 -5.66 3.16
N GLU A 73 -13.29 -6.85 3.17
CA GLU A 73 -12.47 -7.31 4.28
C GLU A 73 -11.08 -6.70 4.20
N ASP A 74 -10.66 -6.42 3.00
CA ASP A 74 -9.34 -5.87 2.74
C ASP A 74 -9.40 -4.35 2.71
N GLN A 75 -10.44 -3.78 3.30
CA GLN A 75 -10.57 -2.34 3.31
C GLN A 75 -10.46 -1.79 4.72
N GLY A 76 -10.13 -0.52 4.79
CA GLY A 76 -10.08 0.19 6.05
C GLY A 76 -8.84 1.04 6.17
N GLN A 77 -7.69 0.39 6.29
CA GLN A 77 -6.44 1.09 6.45
C GLN A 77 -5.29 0.19 6.06
N TYR A 78 -4.35 0.75 5.33
CA TYR A 78 -3.09 0.09 5.02
C TYR A 78 -1.94 0.95 5.47
N THR A 79 -0.97 0.32 6.08
CA THR A 79 0.17 1.03 6.61
C THR A 79 1.47 0.38 6.13
N CYS A 80 2.29 1.17 5.46
CA CYS A 80 3.57 0.70 4.98
C CYS A 80 4.67 1.21 5.90
N LYS A 81 5.43 0.29 6.48
CA LYS A 81 6.38 0.66 7.50
C LYS A 81 7.78 0.16 7.19
N HIS A 82 8.76 1.03 7.39
CA HIS A 82 10.15 0.67 7.26
C HIS A 82 10.89 1.08 8.52
N GLU A 83 10.83 0.20 9.51
CA GLU A 83 11.49 0.37 10.80
C GLU A 83 10.93 1.57 11.56
N ASP A 84 11.49 2.74 11.32
CA ASP A 84 11.08 3.94 12.00
C ASP A 84 9.99 4.68 11.24
N LEU A 85 10.17 4.80 9.94
CA LEU A 85 9.24 5.56 9.12
C LEU A 85 8.07 4.71 8.66
N GLU A 86 6.87 5.27 8.77
CA GLU A 86 5.66 4.59 8.36
C GLU A 86 4.79 5.48 7.51
N THR A 87 3.75 4.90 6.95
CA THR A 87 2.76 5.64 6.19
C THR A 87 1.47 4.86 6.17
N SER A 88 0.39 5.51 5.80
CA SER A 88 -0.91 4.88 5.86
C SER A 88 -1.89 5.51 4.89
N ALA A 89 -2.88 4.73 4.49
CA ALA A 89 -3.97 5.20 3.67
C ALA A 89 -5.22 4.43 4.00
N GLU A 90 -6.36 5.06 3.77
CA GLU A 90 -7.64 4.43 4.02
C GLU A 90 -8.17 3.82 2.75
N LEU A 91 -8.19 2.50 2.70
CA LEU A 91 -8.70 1.80 1.53
C LEU A 91 -10.19 1.53 1.75
N ARG A 92 -10.98 1.68 0.70
CA ARG A 92 -12.41 1.48 0.86
C ARG A 92 -13.00 0.71 -0.31
N ILE A 93 -13.74 -0.34 0.01
CA ILE A 93 -14.56 -1.00 -0.97
C ILE A 93 -15.84 -0.20 -1.11
N GLU A 94 -16.09 0.24 -2.34
CA GLU A 94 -17.04 1.36 -2.62
C GLU A 94 -18.48 0.87 -2.69
N LYS A 95 -19.07 0.75 -3.88
CA LYS A 95 -19.81 -0.45 -4.07
C LYS A 95 -21.27 -0.60 -3.65
N GLY A 96 -22.17 -0.25 -4.57
CA GLY A 96 -23.58 -0.25 -4.25
C GLY A 96 -24.32 -1.49 -4.71
N GLU A 97 -25.31 -1.28 -5.56
CA GLU A 97 -26.22 -2.35 -5.96
C GLU A 97 -25.56 -3.32 -6.94
N LEU A 98 -24.76 -2.79 -7.86
CA LEU A 98 -24.14 -3.61 -8.90
C LEU A 98 -22.93 -4.36 -8.36
N ARG A 99 -23.18 -5.29 -7.44
CA ARG A 99 -22.11 -6.04 -6.79
C ARG A 99 -21.44 -7.00 -7.75
N SER A 100 -22.21 -7.58 -8.65
CA SER A 100 -21.66 -8.51 -9.63
C SER A 100 -21.29 -7.75 -10.90
N GLY A 101 -22.08 -6.76 -11.24
CA GLY A 101 -21.82 -5.96 -12.42
C GLY A 101 -23.09 -5.48 -13.07
N CYS A 102 -22.97 -4.93 -14.27
CA CYS A 102 -24.11 -4.45 -15.01
C CYS A 102 -24.70 -5.57 -15.87
N GLY A 1 31.96 18.10 -5.65
CA GLY A 1 31.26 18.20 -4.36
C GLY A 1 30.65 16.89 -3.94
N ILE A 2 29.86 16.89 -2.87
CA ILE A 2 29.24 15.68 -2.37
C ILE A 2 27.94 15.38 -3.11
N ASP A 3 27.89 14.25 -3.78
CA ASP A 3 26.69 13.79 -4.46
C ASP A 3 26.30 12.41 -3.97
N PRO A 4 25.48 12.36 -2.91
CA PRO A 4 25.05 11.10 -2.30
C PRO A 4 24.29 10.22 -3.28
N PHE A 5 24.83 9.03 -3.56
CA PHE A 5 24.16 8.09 -4.44
C PHE A 5 22.96 7.47 -3.73
N THR A 6 23.10 7.32 -2.44
CA THR A 6 22.03 6.79 -1.61
C THR A 6 21.11 7.92 -1.19
N ILE A 7 19.86 7.84 -1.63
CA ILE A 7 18.89 8.87 -1.29
C ILE A 7 18.35 8.64 0.11
N GLU A 8 18.72 9.54 1.01
CA GLU A 8 18.33 9.48 2.42
C GLU A 8 16.83 9.27 2.61
N PRO A 9 16.49 8.53 3.67
CA PRO A 9 15.14 8.04 3.92
C PRO A 9 14.14 9.14 4.26
N ALA A 10 13.07 9.19 3.49
CA ALA A 10 11.99 10.13 3.74
C ALA A 10 10.70 9.62 3.12
N TRP A 11 9.58 9.93 3.75
CA TRP A 11 8.29 9.61 3.17
C TRP A 11 7.79 10.80 2.36
N GLU A 12 8.17 10.81 1.08
CA GLU A 12 7.79 11.89 0.18
C GLU A 12 6.33 11.76 -0.21
N ARG A 13 6.00 10.63 -0.82
CA ARG A 13 4.62 10.32 -1.15
C ARG A 13 4.08 9.30 -0.16
N HIS A 14 3.20 9.76 0.70
CA HIS A 14 2.60 8.89 1.71
C HIS A 14 1.62 7.94 1.05
N LEU A 15 1.21 6.89 1.76
CA LEU A 15 0.30 5.91 1.19
C LEU A 15 -0.98 6.58 0.73
N GLN A 16 -1.43 6.21 -0.46
CA GLN A 16 -2.54 6.87 -1.09
C GLN A 16 -3.85 6.14 -0.83
N ASP A 17 -4.86 6.91 -0.44
CA ASP A 17 -6.19 6.39 -0.18
C ASP A 17 -6.86 5.94 -1.48
N VAL A 18 -7.14 4.66 -1.58
CA VAL A 18 -7.72 4.10 -2.80
C VAL A 18 -9.09 3.49 -2.53
N THR A 19 -10.03 3.71 -3.44
CA THR A 19 -11.37 3.15 -3.34
C THR A 19 -11.71 2.32 -4.58
N LEU A 20 -12.23 1.11 -4.38
CA LEU A 20 -12.48 0.18 -5.49
C LEU A 20 -13.66 -0.71 -5.15
N LYS A 21 -14.08 -1.52 -6.11
CA LYS A 21 -15.17 -2.42 -5.92
C LYS A 21 -14.64 -3.85 -5.81
N GLU A 22 -15.41 -4.71 -5.16
CA GLU A 22 -15.02 -6.09 -4.96
C GLU A 22 -14.94 -6.83 -6.30
N GLY A 23 -13.78 -7.41 -6.57
CA GLY A 23 -13.54 -8.05 -7.85
C GLY A 23 -12.50 -7.30 -8.66
N GLN A 24 -12.08 -6.17 -8.16
CA GLN A 24 -11.06 -5.35 -8.81
C GLN A 24 -9.72 -5.50 -8.10
N THR A 25 -8.64 -5.33 -8.85
CA THR A 25 -7.31 -5.41 -8.28
C THR A 25 -6.82 -4.04 -7.85
N CYS A 26 -6.17 -3.99 -6.70
CA CYS A 26 -5.68 -2.75 -6.13
C CYS A 26 -4.16 -2.68 -6.22
N THR A 27 -3.63 -1.47 -6.28
CA THR A 27 -2.21 -1.24 -6.19
C THR A 27 -1.93 0.04 -5.43
N MET A 28 -1.75 -0.09 -4.12
CA MET A 28 -1.47 1.05 -3.27
C MET A 28 0.02 1.35 -3.28
N THR A 29 0.39 2.54 -3.70
CA THR A 29 1.80 2.88 -3.79
C THR A 29 2.19 3.92 -2.75
N CYS A 30 3.45 3.85 -2.33
CA CYS A 30 4.01 4.83 -1.43
C CYS A 30 5.48 5.05 -1.78
N GLN A 31 5.83 6.29 -2.05
CA GLN A 31 7.18 6.63 -2.49
C GLN A 31 8.11 6.84 -1.32
N PHE A 32 8.92 5.84 -1.03
CA PHE A 32 9.93 5.94 0.01
C PHE A 32 11.23 6.41 -0.61
N SER A 33 11.83 7.41 -0.01
CA SER A 33 12.98 8.09 -0.60
C SER A 33 14.17 7.16 -0.84
N VAL A 34 14.21 6.00 -0.18
CA VAL A 34 15.32 5.08 -0.38
C VAL A 34 14.98 4.05 -1.46
N PRO A 35 15.84 3.94 -2.48
CA PRO A 35 15.62 3.04 -3.59
C PRO A 35 15.90 1.58 -3.24
N ASN A 36 14.97 0.74 -3.68
CA ASN A 36 15.11 -0.72 -3.65
C ASN A 36 15.19 -1.30 -2.24
N VAL A 37 14.60 -0.62 -1.28
CA VAL A 37 14.48 -1.17 0.06
C VAL A 37 13.10 -1.75 0.27
N LYS A 38 13.02 -2.70 1.20
CA LYS A 38 11.76 -3.37 1.48
C LYS A 38 11.18 -2.88 2.81
N SER A 39 9.87 -2.95 2.91
CA SER A 39 9.17 -2.50 4.10
C SER A 39 8.05 -3.48 4.44
N GLU A 40 7.62 -3.48 5.68
CA GLU A 40 6.49 -4.30 6.06
C GLU A 40 5.19 -3.59 5.79
N TRP A 41 4.16 -4.38 5.66
CA TRP A 41 2.84 -3.89 5.36
C TRP A 41 1.87 -4.30 6.45
N PHE A 42 0.89 -3.46 6.70
CA PHE A 42 -0.11 -3.74 7.71
C PHE A 42 -1.50 -3.46 7.16
N ARG A 43 -2.43 -4.34 7.48
CA ARG A 43 -3.83 -4.14 7.14
C ARG A 43 -4.62 -3.95 8.43
N ASN A 44 -4.76 -2.69 8.82
CA ASN A 44 -5.39 -2.31 10.08
C ASN A 44 -4.64 -2.90 11.28
N GLY A 45 -3.34 -2.59 11.33
CA GLY A 45 -2.54 -2.95 12.49
C GLY A 45 -1.83 -4.28 12.36
N ARG A 46 -2.41 -5.20 11.59
CA ARG A 46 -1.84 -6.53 11.48
C ARG A 46 -0.96 -6.66 10.25
N VAL A 47 0.19 -7.31 10.42
CA VAL A 47 1.13 -7.54 9.33
C VAL A 47 0.45 -8.21 8.15
N LEU A 48 0.57 -7.58 7.00
CA LEU A 48 -0.06 -8.06 5.79
C LEU A 48 0.94 -8.85 4.97
N LYS A 49 0.78 -10.16 4.97
CA LYS A 49 1.68 -11.03 4.25
C LYS A 49 1.18 -11.25 2.82
N PRO A 50 2.09 -11.14 1.84
CA PRO A 50 1.74 -11.27 0.42
C PRO A 50 1.42 -12.71 0.03
N GLN A 51 0.21 -13.14 0.36
CA GLN A 51 -0.26 -14.47 0.02
C GLN A 51 -1.67 -14.40 -0.56
N GLY A 52 -1.89 -15.12 -1.65
CA GLY A 52 -3.19 -15.13 -2.28
C GLY A 52 -3.44 -13.87 -3.09
N ARG A 53 -4.33 -13.02 -2.59
CA ARG A 53 -4.68 -11.78 -3.26
C ARG A 53 -3.59 -10.73 -3.09
N VAL A 54 -2.77 -10.91 -2.07
CA VAL A 54 -1.83 -9.89 -1.68
C VAL A 54 -0.47 -10.10 -2.32
N LYS A 55 0.09 -9.02 -2.84
CA LYS A 55 1.44 -9.04 -3.34
C LYS A 55 2.15 -7.75 -2.94
N THR A 56 3.32 -7.91 -2.36
CA THR A 56 4.07 -6.76 -1.89
C THR A 56 5.22 -6.48 -2.85
N GLU A 57 5.04 -5.47 -3.69
CA GLU A 57 6.01 -5.13 -4.71
C GLU A 57 6.82 -3.92 -4.31
N VAL A 58 7.97 -3.76 -4.94
CA VAL A 58 8.80 -2.62 -4.68
C VAL A 58 9.51 -2.17 -5.95
N GLU A 59 9.44 -0.87 -6.22
CA GLU A 59 10.20 -0.25 -7.29
C GLU A 59 11.34 0.53 -6.67
N HIS A 60 11.96 1.44 -7.41
CA HIS A 60 13.06 2.22 -6.86
C HIS A 60 12.67 2.93 -5.56
N LYS A 61 11.89 3.99 -5.62
CA LYS A 61 11.48 4.65 -4.40
C LYS A 61 10.15 4.10 -3.90
N VAL A 62 9.26 3.77 -4.81
CA VAL A 62 7.89 3.45 -4.38
C VAL A 62 7.73 1.99 -4.02
N HIS A 63 6.88 1.77 -3.04
CA HIS A 63 6.53 0.45 -2.58
C HIS A 63 5.08 0.22 -2.92
N LYS A 64 4.78 -0.89 -3.57
CA LYS A 64 3.47 -1.08 -4.16
C LYS A 64 2.78 -2.29 -3.57
N LEU A 65 1.53 -2.11 -3.19
CA LEU A 65 0.74 -3.14 -2.58
C LEU A 65 -0.37 -3.59 -3.52
N THR A 66 -0.26 -4.80 -4.02
CA THR A 66 -1.22 -5.34 -4.96
C THR A 66 -2.18 -6.28 -4.28
N ILE A 67 -3.47 -5.98 -4.41
CA ILE A 67 -4.49 -6.88 -3.95
C ILE A 67 -5.39 -7.26 -5.13
N ALA A 68 -5.25 -8.48 -5.62
CA ALA A 68 -6.12 -8.93 -6.71
C ALA A 68 -7.49 -9.29 -6.17
N ASP A 69 -8.53 -8.87 -6.90
CA ASP A 69 -9.91 -9.16 -6.52
C ASP A 69 -10.16 -8.74 -5.06
N VAL A 70 -10.16 -7.44 -4.82
CA VAL A 70 -10.30 -6.90 -3.47
C VAL A 70 -11.64 -7.24 -2.85
N ARG A 71 -11.66 -7.29 -1.53
CA ARG A 71 -12.88 -7.56 -0.77
C ARG A 71 -13.11 -6.44 0.24
N ALA A 72 -14.33 -6.35 0.74
CA ALA A 72 -14.66 -5.40 1.80
C ALA A 72 -14.00 -5.79 3.11
N GLU A 73 -13.54 -7.05 3.20
CA GLU A 73 -12.81 -7.51 4.38
C GLU A 73 -11.35 -7.12 4.26
N ASP A 74 -10.99 -6.66 3.09
CA ASP A 74 -9.63 -6.25 2.79
C ASP A 74 -9.56 -4.74 2.73
N GLN A 75 -10.53 -4.08 3.36
CA GLN A 75 -10.58 -2.63 3.32
C GLN A 75 -10.45 -2.04 4.72
N GLY A 76 -10.08 -0.78 4.77
CA GLY A 76 -10.02 -0.04 6.01
C GLY A 76 -8.82 0.87 6.09
N GLN A 77 -7.62 0.30 6.23
CA GLN A 77 -6.42 1.08 6.32
C GLN A 77 -5.19 0.21 6.11
N TYR A 78 -4.29 0.69 5.28
CA TYR A 78 -3.03 0.02 5.02
C TYR A 78 -1.87 0.89 5.45
N THR A 79 -0.88 0.26 6.04
CA THR A 79 0.27 0.96 6.55
C THR A 79 1.56 0.35 6.00
N CYS A 80 2.38 1.20 5.42
CA CYS A 80 3.68 0.80 4.93
C CYS A 80 4.74 1.32 5.88
N LYS A 81 5.54 0.42 6.44
CA LYS A 81 6.47 0.81 7.48
C LYS A 81 7.88 0.30 7.20
N HIS A 82 8.82 1.22 7.18
CA HIS A 82 10.24 0.88 7.09
C HIS A 82 10.94 1.46 8.28
N GLU A 83 11.05 0.64 9.32
CA GLU A 83 11.73 1.01 10.54
C GLU A 83 10.96 2.07 11.29
N ASP A 84 11.62 3.18 11.50
CA ASP A 84 11.03 4.34 12.15
C ASP A 84 9.93 4.95 11.30
N LEU A 85 10.17 5.05 10.00
CA LEU A 85 9.24 5.71 9.10
C LEU A 85 8.08 4.81 8.71
N GLU A 86 6.89 5.36 8.81
CA GLU A 86 5.67 4.65 8.49
C GLU A 86 4.72 5.54 7.71
N THR A 87 3.69 4.94 7.14
CA THR A 87 2.68 5.67 6.41
C THR A 87 1.42 4.83 6.29
N SER A 88 0.31 5.47 6.01
CA SER A 88 -0.97 4.79 5.99
C SER A 88 -1.96 5.46 5.03
N ALA A 89 -2.87 4.65 4.51
CA ALA A 89 -3.96 5.14 3.70
C ALA A 89 -5.19 4.28 3.92
N GLU A 90 -6.35 4.89 3.75
CA GLU A 90 -7.60 4.17 3.88
C GLU A 90 -7.94 3.51 2.57
N LEU A 91 -8.02 2.19 2.58
CA LEU A 91 -8.43 1.45 1.40
C LEU A 91 -9.91 1.17 1.51
N ARG A 92 -10.70 1.78 0.66
CA ARG A 92 -12.14 1.65 0.76
C ARG A 92 -12.69 0.85 -0.40
N ILE A 93 -13.31 -0.27 -0.08
CA ILE A 93 -13.96 -1.08 -1.08
C ILE A 93 -15.47 -0.85 -1.02
N GLU A 94 -16.05 -0.32 -2.09
CA GLU A 94 -17.54 -0.11 -2.14
C GLU A 94 -18.02 -0.23 -3.58
N LYS A 95 -18.56 0.86 -4.14
CA LYS A 95 -18.01 1.24 -5.39
C LYS A 95 -18.63 0.90 -6.74
N GLY A 96 -19.89 0.53 -6.71
CA GLY A 96 -20.61 0.26 -7.93
C GLY A 96 -20.75 1.51 -8.78
N GLU A 97 -20.38 1.39 -10.05
CA GLU A 97 -20.47 2.51 -10.98
C GLU A 97 -21.92 2.91 -11.18
N LEU A 98 -22.17 4.21 -11.24
CA LEU A 98 -23.52 4.73 -11.28
C LEU A 98 -24.09 4.66 -12.70
N ARG A 99 -24.13 3.46 -13.25
CA ARG A 99 -24.72 3.24 -14.56
C ARG A 99 -25.72 2.09 -14.48
N SER A 100 -26.06 1.71 -13.26
CA SER A 100 -27.03 0.66 -13.03
C SER A 100 -28.44 1.23 -13.05
N GLY A 101 -29.37 0.52 -13.67
CA GLY A 101 -30.73 0.99 -13.75
C GLY A 101 -31.08 1.48 -15.14
N CYS A 102 -30.29 1.07 -16.12
CA CYS A 102 -30.50 1.50 -17.50
C CYS A 102 -31.37 0.49 -18.24
N GLY A 1 34.14 9.45 -9.18
CA GLY A 1 33.03 9.03 -10.05
C GLY A 1 31.71 9.67 -9.64
N ILE A 2 30.62 8.97 -9.88
CA ILE A 2 29.30 9.48 -9.54
C ILE A 2 28.98 9.22 -8.06
N ASP A 3 29.38 8.05 -7.57
CA ASP A 3 29.05 7.62 -6.20
C ASP A 3 27.54 7.63 -5.97
N PRO A 4 26.89 6.49 -6.24
CA PRO A 4 25.44 6.34 -6.03
C PRO A 4 25.09 6.45 -4.54
N PHE A 5 24.72 7.64 -4.12
CA PHE A 5 24.43 7.88 -2.71
C PHE A 5 23.01 7.47 -2.37
N THR A 6 22.85 6.82 -1.23
CA THR A 6 21.56 6.36 -0.78
C THR A 6 20.74 7.53 -0.25
N ILE A 7 19.64 7.79 -0.94
CA ILE A 7 18.73 8.85 -0.52
C ILE A 7 18.24 8.60 0.90
N GLU A 8 18.50 9.56 1.76
CA GLU A 8 18.04 9.53 3.13
C GLU A 8 16.56 9.20 3.24
N PRO A 9 16.22 8.47 4.30
CA PRO A 9 14.89 7.90 4.50
C PRO A 9 13.83 8.96 4.77
N ALA A 10 12.85 9.04 3.88
CA ALA A 10 11.78 10.01 4.02
C ALA A 10 10.51 9.50 3.35
N TRP A 11 9.38 9.89 3.92
CA TRP A 11 8.09 9.59 3.31
C TRP A 11 7.60 10.79 2.52
N GLU A 12 7.98 10.84 1.25
CA GLU A 12 7.61 11.95 0.40
C GLU A 12 6.18 11.77 -0.12
N ARG A 13 5.94 10.68 -0.84
CA ARG A 13 4.59 10.36 -1.28
C ARG A 13 4.00 9.33 -0.34
N HIS A 14 3.13 9.80 0.55
CA HIS A 14 2.50 8.93 1.54
C HIS A 14 1.47 8.05 0.86
N LEU A 15 1.09 6.95 1.50
CA LEU A 15 0.11 6.03 0.93
C LEU A 15 -1.18 6.76 0.55
N GLN A 16 -1.77 6.36 -0.56
CA GLN A 16 -2.96 7.02 -1.07
C GLN A 16 -4.21 6.26 -0.67
N ASP A 17 -5.29 6.98 -0.48
CA ASP A 17 -6.54 6.38 -0.06
C ASP A 17 -7.30 5.91 -1.28
N VAL A 18 -7.17 4.63 -1.60
CA VAL A 18 -7.83 4.09 -2.78
C VAL A 18 -9.21 3.53 -2.44
N THR A 19 -10.16 3.74 -3.35
CA THR A 19 -11.51 3.21 -3.19
C THR A 19 -11.85 2.29 -4.37
N LEU A 20 -12.35 1.09 -4.08
CA LEU A 20 -12.49 0.07 -5.14
C LEU A 20 -13.76 -0.74 -4.98
N LYS A 21 -14.07 -1.50 -6.02
CA LYS A 21 -15.20 -2.42 -6.02
C LYS A 21 -14.68 -3.84 -5.79
N GLU A 22 -15.38 -4.62 -4.99
CA GLU A 22 -14.98 -6.01 -4.75
C GLU A 22 -14.90 -6.76 -6.07
N GLY A 23 -13.70 -7.24 -6.39
CA GLY A 23 -13.46 -7.89 -7.64
C GLY A 23 -12.38 -7.21 -8.45
N GLN A 24 -12.15 -5.93 -8.18
CA GLN A 24 -11.10 -5.18 -8.84
C GLN A 24 -9.75 -5.45 -8.18
N THR A 25 -8.67 -5.21 -8.90
CA THR A 25 -7.34 -5.38 -8.35
C THR A 25 -6.75 -4.03 -7.97
N CYS A 26 -6.09 -4.00 -6.83
CA CYS A 26 -5.53 -2.77 -6.28
C CYS A 26 -4.02 -2.77 -6.38
N THR A 27 -3.45 -1.59 -6.50
CA THR A 27 -2.01 -1.41 -6.38
C THR A 27 -1.72 -0.12 -5.63
N MET A 28 -1.64 -0.24 -4.31
CA MET A 28 -1.40 0.90 -3.44
C MET A 28 0.09 1.19 -3.36
N THR A 29 0.48 2.37 -3.80
CA THR A 29 1.88 2.71 -3.89
C THR A 29 2.29 3.77 -2.89
N CYS A 30 3.52 3.68 -2.43
CA CYS A 30 4.08 4.67 -1.53
C CYS A 30 5.55 4.92 -1.87
N GLN A 31 5.88 6.17 -2.17
CA GLN A 31 7.22 6.53 -2.57
C GLN A 31 8.10 6.73 -1.34
N PHE A 32 8.89 5.71 -1.04
CA PHE A 32 9.86 5.80 0.02
C PHE A 32 11.17 6.26 -0.57
N SER A 33 11.71 7.34 -0.04
CA SER A 33 12.83 8.03 -0.68
C SER A 33 14.06 7.12 -0.84
N VAL A 34 14.09 5.99 -0.14
CA VAL A 34 15.20 5.08 -0.24
C VAL A 34 14.95 4.03 -1.31
N PRO A 35 15.88 3.90 -2.26
CA PRO A 35 15.70 3.03 -3.41
C PRO A 35 16.02 1.57 -3.11
N ASN A 36 15.13 0.71 -3.58
CA ASN A 36 15.29 -0.74 -3.57
C ASN A 36 15.36 -1.31 -2.16
N VAL A 37 14.70 -0.65 -1.21
CA VAL A 37 14.59 -1.19 0.14
C VAL A 37 13.20 -1.75 0.37
N LYS A 38 13.09 -2.63 1.35
CA LYS A 38 11.83 -3.27 1.66
C LYS A 38 11.12 -2.55 2.81
N SER A 39 9.86 -2.87 2.98
CA SER A 39 9.07 -2.33 4.07
C SER A 39 8.01 -3.33 4.50
N GLU A 40 7.63 -3.30 5.77
CA GLU A 40 6.55 -4.15 6.25
C GLU A 40 5.21 -3.54 5.89
N TRP A 41 4.37 -4.34 5.26
CA TRP A 41 3.03 -3.91 4.92
C TRP A 41 2.05 -4.33 5.98
N PHE A 42 1.04 -3.51 6.20
CA PHE A 42 0.02 -3.80 7.18
C PHE A 42 -1.37 -3.62 6.60
N ARG A 43 -2.18 -4.66 6.75
CA ARG A 43 -3.57 -4.60 6.36
C ARG A 43 -4.42 -4.50 7.62
N ASN A 44 -4.88 -3.28 7.90
CA ASN A 44 -5.76 -3.02 9.04
C ASN A 44 -5.05 -3.32 10.35
N GLY A 45 -3.78 -2.94 10.44
CA GLY A 45 -3.04 -3.07 11.69
C GLY A 45 -2.24 -4.35 11.82
N ARG A 46 -2.53 -5.33 10.97
CA ARG A 46 -1.82 -6.61 11.02
C ARG A 46 -0.88 -6.75 9.82
N VAL A 47 0.26 -7.40 10.03
CA VAL A 47 1.23 -7.61 8.96
C VAL A 47 0.57 -8.28 7.77
N LEU A 48 0.72 -7.64 6.62
CA LEU A 48 0.08 -8.11 5.42
C LEU A 48 1.04 -8.98 4.62
N LYS A 49 0.87 -10.29 4.78
CA LYS A 49 1.67 -11.24 4.03
C LYS A 49 1.03 -11.50 2.67
N PRO A 50 1.86 -11.56 1.61
CA PRO A 50 1.40 -11.83 0.25
C PRO A 50 0.80 -13.23 0.11
N GLN A 51 -0.46 -13.36 0.50
CA GLN A 51 -1.17 -14.63 0.42
C GLN A 51 -2.29 -14.55 -0.60
N GLY A 52 -2.18 -15.34 -1.67
CA GLY A 52 -3.24 -15.42 -2.66
C GLY A 52 -3.47 -14.13 -3.40
N ARG A 53 -4.41 -13.33 -2.90
CA ARG A 53 -4.79 -12.07 -3.54
C ARG A 53 -3.76 -10.98 -3.29
N VAL A 54 -2.91 -11.20 -2.30
CA VAL A 54 -1.97 -10.18 -1.87
C VAL A 54 -0.61 -10.36 -2.53
N LYS A 55 -0.05 -9.25 -3.01
CA LYS A 55 1.29 -9.23 -3.55
C LYS A 55 2.02 -7.99 -3.07
N THR A 56 3.24 -8.17 -2.63
CA THR A 56 4.06 -7.04 -2.19
C THR A 56 5.20 -6.83 -3.18
N GLU A 57 5.23 -5.66 -3.78
CA GLU A 57 6.25 -5.33 -4.77
C GLU A 57 7.02 -4.09 -4.36
N VAL A 58 8.25 -3.98 -4.85
CA VAL A 58 9.05 -2.82 -4.58
C VAL A 58 9.77 -2.34 -5.84
N GLU A 59 9.60 -1.07 -6.13
CA GLU A 59 10.32 -0.42 -7.22
C GLU A 59 11.51 0.30 -6.63
N HIS A 60 12.08 1.25 -7.36
CA HIS A 60 13.18 2.05 -6.83
C HIS A 60 12.77 2.71 -5.52
N LYS A 61 11.99 3.77 -5.59
CA LYS A 61 11.56 4.44 -4.37
C LYS A 61 10.18 3.99 -3.94
N VAL A 62 9.30 3.76 -4.90
CA VAL A 62 7.91 3.45 -4.54
C VAL A 62 7.74 1.98 -4.21
N HIS A 63 6.94 1.76 -3.20
CA HIS A 63 6.62 0.42 -2.73
C HIS A 63 5.18 0.15 -3.09
N LYS A 64 4.91 -0.99 -3.71
CA LYS A 64 3.59 -1.25 -4.26
C LYS A 64 2.92 -2.41 -3.54
N LEU A 65 1.61 -2.32 -3.44
CA LEU A 65 0.82 -3.35 -2.80
C LEU A 65 -0.30 -3.77 -3.73
N THR A 66 -0.21 -4.98 -4.24
CA THR A 66 -1.19 -5.46 -5.20
C THR A 66 -2.14 -6.44 -4.58
N ILE A 67 -3.41 -6.09 -4.61
CA ILE A 67 -4.44 -7.00 -4.16
C ILE A 67 -5.35 -7.35 -5.32
N ALA A 68 -5.27 -8.58 -5.80
CA ALA A 68 -6.16 -9.01 -6.86
C ALA A 68 -7.52 -9.36 -6.31
N ASP A 69 -8.55 -8.85 -6.95
CA ASP A 69 -9.93 -9.08 -6.54
C ASP A 69 -10.13 -8.69 -5.07
N VAL A 70 -10.11 -7.38 -4.82
CA VAL A 70 -10.18 -6.85 -3.46
C VAL A 70 -11.51 -7.16 -2.79
N ARG A 71 -11.47 -7.31 -1.48
CA ARG A 71 -12.67 -7.57 -0.69
C ARG A 71 -12.89 -6.44 0.31
N ALA A 72 -14.13 -6.30 0.77
CA ALA A 72 -14.46 -5.30 1.77
C ALA A 72 -13.95 -5.71 3.15
N GLU A 73 -13.40 -6.92 3.25
CA GLU A 73 -12.81 -7.38 4.50
C GLU A 73 -11.36 -6.96 4.60
N ASP A 74 -10.81 -6.56 3.47
CA ASP A 74 -9.43 -6.09 3.41
C ASP A 74 -9.38 -4.59 3.65
N GLN A 75 -10.54 -3.96 3.71
CA GLN A 75 -10.60 -2.51 3.67
C GLN A 75 -10.46 -1.89 5.05
N GLY A 76 -10.14 -0.62 5.05
CA GLY A 76 -10.09 0.18 6.25
C GLY A 76 -8.84 1.02 6.34
N GLN A 77 -7.70 0.39 6.54
CA GLN A 77 -6.44 1.11 6.61
C GLN A 77 -5.28 0.25 6.13
N TYR A 78 -4.42 0.86 5.35
CA TYR A 78 -3.18 0.21 4.93
C TYR A 78 -2.00 1.06 5.35
N THR A 79 -1.03 0.43 5.95
CA THR A 79 0.15 1.10 6.46
C THR A 79 1.41 0.46 5.91
N CYS A 80 2.31 1.30 5.43
CA CYS A 80 3.61 0.85 4.97
C CYS A 80 4.67 1.38 5.91
N LYS A 81 5.43 0.48 6.52
CA LYS A 81 6.38 0.90 7.54
C LYS A 81 7.80 0.51 7.19
N HIS A 82 8.71 1.42 7.48
CA HIS A 82 10.13 1.16 7.39
C HIS A 82 10.79 1.59 8.70
N GLU A 83 10.77 0.70 9.66
CA GLU A 83 11.41 0.89 10.97
C GLU A 83 10.81 2.08 11.71
N ASP A 84 11.42 3.24 11.55
CA ASP A 84 10.99 4.45 12.22
C ASP A 84 9.87 5.13 11.46
N LEU A 85 9.95 5.12 10.14
CA LEU A 85 8.97 5.80 9.32
C LEU A 85 7.79 4.89 8.98
N GLU A 86 6.59 5.47 9.04
CA GLU A 86 5.38 4.75 8.69
C GLU A 86 4.45 5.65 7.89
N THR A 87 3.73 5.05 6.96
CA THR A 87 2.72 5.78 6.20
C THR A 87 1.43 4.99 6.19
N SER A 88 0.34 5.63 5.85
CA SER A 88 -0.96 5.00 5.95
C SER A 88 -2.02 5.72 5.14
N ALA A 89 -2.97 4.94 4.64
CA ALA A 89 -4.10 5.47 3.91
C ALA A 89 -5.31 4.58 4.14
N GLU A 90 -6.49 5.15 4.00
CA GLU A 90 -7.72 4.41 4.15
C GLU A 90 -8.08 3.71 2.85
N LEU A 91 -7.92 2.40 2.85
CA LEU A 91 -8.17 1.61 1.67
C LEU A 91 -9.62 1.14 1.72
N ARG A 92 -10.45 1.77 0.91
CA ARG A 92 -11.90 1.60 1.02
C ARG A 92 -12.47 0.85 -0.17
N ILE A 93 -13.21 -0.21 0.10
CA ILE A 93 -13.90 -0.95 -0.94
C ILE A 93 -15.40 -0.80 -0.75
N GLU A 94 -16.08 -0.21 -1.72
CA GLU A 94 -17.57 -0.09 -1.60
C GLU A 94 -18.20 0.02 -2.99
N LYS A 95 -18.77 1.19 -3.34
CA LYS A 95 -18.28 1.83 -4.52
C LYS A 95 -19.06 2.40 -5.71
N GLY A 96 -20.28 2.86 -5.43
CA GLY A 96 -21.12 3.36 -6.48
C GLY A 96 -22.24 2.41 -6.83
N GLU A 97 -21.94 1.11 -6.85
CA GLU A 97 -22.94 0.09 -7.16
C GLU A 97 -23.84 -0.15 -5.96
N LEU A 98 -23.26 -0.67 -4.89
CA LEU A 98 -23.98 -0.84 -3.64
C LEU A 98 -23.44 0.14 -2.60
N ARG A 99 -24.32 0.58 -1.71
CA ARG A 99 -23.98 1.57 -0.70
C ARG A 99 -23.41 2.82 -1.39
N SER A 100 -24.15 3.30 -2.37
CA SER A 100 -23.70 4.42 -3.20
C SER A 100 -23.77 5.76 -2.46
N GLY A 101 -23.11 5.83 -1.32
CA GLY A 101 -23.01 7.06 -0.59
C GLY A 101 -21.79 7.85 -1.04
N CYS A 102 -21.86 8.39 -2.24
CA CYS A 102 -20.75 9.14 -2.80
C CYS A 102 -21.10 10.62 -2.84
N GLY A 1 22.23 9.71 -16.11
CA GLY A 1 23.26 9.08 -15.24
C GLY A 1 22.98 9.34 -13.78
N ILE A 2 23.82 10.17 -13.16
CA ILE A 2 23.69 10.55 -11.75
C ILE A 2 23.99 9.37 -10.84
N ASP A 3 25.05 9.50 -10.05
CA ASP A 3 25.45 8.46 -9.12
C ASP A 3 24.44 8.34 -7.99
N PRO A 4 23.92 7.12 -7.75
CA PRO A 4 22.89 6.87 -6.75
C PRO A 4 23.41 6.93 -5.31
N PHE A 5 23.55 8.13 -4.80
CA PHE A 5 23.91 8.35 -3.41
C PHE A 5 22.77 7.88 -2.51
N THR A 6 23.12 7.34 -1.34
CA THR A 6 22.13 6.89 -0.38
C THR A 6 21.24 8.04 0.06
N ILE A 7 20.08 8.09 -0.55
CA ILE A 7 19.10 9.10 -0.26
C ILE A 7 18.55 8.93 1.15
N GLU A 8 18.75 9.96 1.97
CA GLU A 8 18.21 9.98 3.32
C GLU A 8 16.73 9.62 3.32
N PRO A 9 16.39 8.64 4.15
CA PRO A 9 15.05 8.06 4.21
C PRO A 9 13.98 9.08 4.60
N ALA A 10 12.99 9.19 3.73
CA ALA A 10 11.89 10.12 3.88
C ALA A 10 10.64 9.55 3.24
N TRP A 11 9.50 9.77 3.87
CA TRP A 11 8.24 9.42 3.25
C TRP A 11 7.75 10.55 2.36
N GLU A 12 8.15 10.47 1.10
CA GLU A 12 7.85 11.49 0.11
C GLU A 12 6.36 11.47 -0.23
N ARG A 13 5.98 10.51 -1.06
CA ARG A 13 4.58 10.32 -1.37
C ARG A 13 4.00 9.29 -0.43
N HIS A 14 3.18 9.74 0.50
CA HIS A 14 2.56 8.88 1.49
C HIS A 14 1.52 8.00 0.80
N LEU A 15 1.06 6.97 1.50
CA LEU A 15 0.06 6.08 0.94
C LEU A 15 -1.22 6.83 0.60
N GLN A 16 -1.87 6.41 -0.48
CA GLN A 16 -3.05 7.08 -0.97
C GLN A 16 -4.28 6.25 -0.68
N ASP A 17 -5.34 6.93 -0.27
CA ASP A 17 -6.57 6.26 0.11
C ASP A 17 -7.36 5.88 -1.14
N VAL A 18 -7.28 4.61 -1.49
CA VAL A 18 -7.98 4.11 -2.68
C VAL A 18 -9.36 3.58 -2.31
N THR A 19 -10.35 3.92 -3.13
CA THR A 19 -11.71 3.43 -2.95
C THR A 19 -12.18 2.78 -4.25
N LEU A 20 -12.57 1.51 -4.17
CA LEU A 20 -12.90 0.75 -5.37
C LEU A 20 -13.93 -0.33 -5.06
N LYS A 21 -14.33 -1.08 -6.09
CA LYS A 21 -15.33 -2.12 -5.94
C LYS A 21 -14.67 -3.49 -5.77
N GLU A 22 -15.38 -4.42 -5.14
CA GLU A 22 -14.91 -5.79 -4.98
C GLU A 22 -14.69 -6.46 -6.32
N GLY A 23 -13.72 -7.36 -6.38
CA GLY A 23 -13.46 -8.10 -7.61
C GLY A 23 -12.44 -7.43 -8.49
N GLN A 24 -12.06 -6.21 -8.13
CA GLN A 24 -11.06 -5.47 -8.89
C GLN A 24 -9.71 -5.60 -8.20
N THR A 25 -8.63 -5.53 -8.97
CA THR A 25 -7.30 -5.59 -8.41
C THR A 25 -6.82 -4.20 -8.00
N CYS A 26 -6.30 -4.12 -6.79
CA CYS A 26 -5.84 -2.86 -6.23
C CYS A 26 -4.32 -2.78 -6.27
N THR A 27 -3.79 -1.58 -6.38
CA THR A 27 -2.35 -1.36 -6.29
C THR A 27 -2.07 -0.01 -5.67
N MET A 28 -1.91 0.01 -4.35
CA MET A 28 -1.62 1.25 -3.66
C MET A 28 -0.12 1.43 -3.53
N THR A 29 0.36 2.61 -3.89
CA THR A 29 1.79 2.86 -3.90
C THR A 29 2.20 3.90 -2.87
N CYS A 30 3.47 3.85 -2.51
CA CYS A 30 4.06 4.81 -1.59
C CYS A 30 5.53 5.03 -1.93
N GLN A 31 5.89 6.27 -2.19
CA GLN A 31 7.24 6.58 -2.64
C GLN A 31 8.17 6.83 -1.46
N PHE A 32 9.00 5.85 -1.16
CA PHE A 32 9.98 5.96 -0.10
C PHE A 32 11.32 6.38 -0.70
N SER A 33 11.95 7.35 -0.06
CA SER A 33 13.14 8.00 -0.62
C SER A 33 14.30 7.02 -0.83
N VAL A 34 14.28 5.90 -0.13
CA VAL A 34 15.41 4.98 -0.14
C VAL A 34 15.22 3.91 -1.20
N PRO A 35 16.25 3.69 -2.04
CA PRO A 35 16.16 2.83 -3.20
C PRO A 35 16.19 1.34 -2.87
N ASN A 36 15.19 0.65 -3.42
CA ASN A 36 15.10 -0.82 -3.38
C ASN A 36 15.04 -1.39 -1.97
N VAL A 37 14.51 -0.63 -1.02
CA VAL A 37 14.33 -1.15 0.33
C VAL A 37 12.94 -1.68 0.53
N LYS A 38 12.84 -2.68 1.39
CA LYS A 38 11.59 -3.32 1.69
C LYS A 38 10.90 -2.64 2.86
N SER A 39 9.63 -2.94 3.07
CA SER A 39 8.88 -2.35 4.16
C SER A 39 7.81 -3.31 4.65
N GLU A 40 7.52 -3.24 5.93
CA GLU A 40 6.44 -4.03 6.51
C GLU A 40 5.10 -3.39 6.17
N TRP A 41 4.27 -4.17 5.50
CA TRP A 41 2.93 -3.74 5.17
C TRP A 41 1.96 -4.16 6.25
N PHE A 42 0.91 -3.38 6.43
CA PHE A 42 -0.10 -3.68 7.43
C PHE A 42 -1.49 -3.49 6.87
N ARG A 43 -2.31 -4.53 7.00
CA ARG A 43 -3.71 -4.45 6.64
C ARG A 43 -4.53 -4.32 7.92
N ASN A 44 -4.88 -3.08 8.25
CA ASN A 44 -5.63 -2.78 9.47
C ASN A 44 -4.84 -3.20 10.71
N GLY A 45 -3.54 -2.90 10.71
CA GLY A 45 -2.72 -3.14 11.87
C GLY A 45 -1.95 -4.44 11.83
N ARG A 46 -2.41 -5.39 11.02
CA ARG A 46 -1.77 -6.70 10.94
C ARG A 46 -0.76 -6.76 9.81
N VAL A 47 0.40 -7.35 10.09
CA VAL A 47 1.45 -7.52 9.09
C VAL A 47 0.91 -8.24 7.86
N LEU A 48 0.90 -7.52 6.76
CA LEU A 48 0.32 -8.01 5.54
C LEU A 48 1.39 -8.69 4.70
N LYS A 49 1.19 -9.97 4.45
CA LYS A 49 2.16 -10.75 3.70
C LYS A 49 1.58 -11.15 2.35
N PRO A 50 2.42 -11.10 1.29
CA PRO A 50 1.99 -11.38 -0.08
C PRO A 50 1.62 -12.84 -0.30
N GLN A 51 0.36 -13.16 -0.04
CA GLN A 51 -0.15 -14.50 -0.25
C GLN A 51 -1.46 -14.44 -1.02
N GLY A 52 -1.53 -15.19 -2.12
CA GLY A 52 -2.75 -15.29 -2.89
C GLY A 52 -3.19 -13.98 -3.53
N ARG A 53 -4.07 -13.27 -2.84
CA ARG A 53 -4.61 -12.01 -3.35
C ARG A 53 -3.60 -10.88 -3.17
N VAL A 54 -2.73 -11.03 -2.18
CA VAL A 54 -1.82 -9.96 -1.80
C VAL A 54 -0.48 -10.12 -2.50
N LYS A 55 0.08 -9.00 -2.93
CA LYS A 55 1.41 -8.98 -3.51
C LYS A 55 2.13 -7.70 -3.10
N THR A 56 3.38 -7.83 -2.72
CA THR A 56 4.14 -6.69 -2.22
C THR A 56 5.36 -6.45 -3.10
N GLU A 57 5.37 -5.34 -3.82
CA GLU A 57 6.47 -5.04 -4.73
C GLU A 57 7.25 -3.82 -4.27
N VAL A 58 8.51 -3.78 -4.68
CA VAL A 58 9.34 -2.63 -4.40
C VAL A 58 10.11 -2.21 -5.65
N GLU A 59 10.02 -0.93 -5.96
CA GLU A 59 10.77 -0.34 -7.05
C GLU A 59 11.91 0.47 -6.46
N HIS A 60 12.50 1.38 -7.24
CA HIS A 60 13.56 2.24 -6.73
C HIS A 60 13.09 2.92 -5.44
N LYS A 61 12.18 3.86 -5.55
CA LYS A 61 11.69 4.55 -4.37
C LYS A 61 10.31 4.05 -3.95
N VAL A 62 9.44 3.76 -4.90
CA VAL A 62 8.06 3.46 -4.56
C VAL A 62 7.87 2.00 -4.18
N HIS A 63 6.98 1.80 -3.23
CA HIS A 63 6.61 0.48 -2.76
C HIS A 63 5.16 0.24 -3.16
N LYS A 64 4.87 -0.90 -3.77
CA LYS A 64 3.55 -1.13 -4.31
C LYS A 64 2.86 -2.28 -3.60
N LEU A 65 1.58 -2.11 -3.39
CA LEU A 65 0.76 -3.12 -2.73
C LEU A 65 -0.35 -3.56 -3.66
N THR A 66 -0.32 -4.82 -4.06
CA THR A 66 -1.30 -5.32 -5.01
C THR A 66 -2.24 -6.30 -4.36
N ILE A 67 -3.53 -6.05 -4.52
CA ILE A 67 -4.53 -6.97 -4.04
C ILE A 67 -5.46 -7.35 -5.19
N ALA A 68 -5.33 -8.56 -5.69
CA ALA A 68 -6.21 -9.03 -6.76
C ALA A 68 -7.54 -9.49 -6.17
N ASP A 69 -8.62 -9.13 -6.86
CA ASP A 69 -9.97 -9.52 -6.44
C ASP A 69 -10.21 -9.11 -4.98
N VAL A 70 -10.19 -7.81 -4.74
CA VAL A 70 -10.33 -7.27 -3.38
C VAL A 70 -11.70 -7.59 -2.77
N ARG A 71 -11.72 -7.71 -1.46
CA ARG A 71 -12.96 -7.83 -0.72
C ARG A 71 -13.15 -6.59 0.12
N ALA A 72 -14.38 -6.34 0.52
CA ALA A 72 -14.69 -5.24 1.42
C ALA A 72 -14.18 -5.55 2.83
N GLU A 73 -13.68 -6.76 3.00
CA GLU A 73 -13.16 -7.19 4.29
C GLU A 73 -11.68 -6.88 4.40
N ASP A 74 -11.05 -6.71 3.25
CA ASP A 74 -9.64 -6.35 3.19
C ASP A 74 -9.49 -4.84 3.35
N GLN A 75 -10.60 -4.18 3.61
CA GLN A 75 -10.63 -2.74 3.67
C GLN A 75 -10.30 -2.22 5.07
N GLY A 76 -10.10 -0.94 5.16
CA GLY A 76 -9.92 -0.27 6.43
C GLY A 76 -8.74 0.67 6.42
N GLN A 77 -7.54 0.11 6.38
CA GLN A 77 -6.34 0.91 6.38
C GLN A 77 -5.13 0.08 5.97
N TYR A 78 -4.29 0.66 5.15
CA TYR A 78 -3.04 0.05 4.75
C TYR A 78 -1.89 0.93 5.16
N THR A 79 -0.95 0.34 5.85
CA THR A 79 0.17 1.07 6.37
C THR A 79 1.48 0.47 5.87
N CYS A 80 2.32 1.32 5.30
CA CYS A 80 3.62 0.90 4.84
C CYS A 80 4.68 1.48 5.74
N LYS A 81 5.44 0.62 6.39
CA LYS A 81 6.39 1.08 7.39
C LYS A 81 7.77 0.48 7.14
N HIS A 82 8.76 1.35 7.04
CA HIS A 82 10.14 0.91 6.95
C HIS A 82 10.82 1.18 8.28
N GLU A 83 10.68 0.21 9.19
CA GLU A 83 11.26 0.27 10.52
C GLU A 83 10.66 1.42 11.33
N ASP A 84 11.22 2.60 11.19
CA ASP A 84 10.74 3.76 11.92
C ASP A 84 9.71 4.52 11.09
N LEU A 85 10.09 4.88 9.89
CA LEU A 85 9.25 5.68 9.02
C LEU A 85 8.05 4.90 8.53
N GLU A 86 6.88 5.45 8.75
CA GLU A 86 5.63 4.78 8.46
C GLU A 86 4.71 5.67 7.63
N THR A 87 3.82 5.05 6.88
CA THR A 87 2.78 5.77 6.15
C THR A 87 1.52 4.94 6.14
N SER A 88 0.40 5.56 5.83
CA SER A 88 -0.88 4.91 5.94
C SER A 88 -1.94 5.57 5.08
N ALA A 89 -2.84 4.76 4.57
CA ALA A 89 -3.99 5.24 3.84
C ALA A 89 -5.19 4.38 4.14
N GLU A 90 -6.37 4.97 4.04
CA GLU A 90 -7.60 4.24 4.28
C GLU A 90 -8.08 3.61 3.00
N LEU A 91 -8.13 2.28 2.97
CA LEU A 91 -8.60 1.58 1.79
C LEU A 91 -10.06 1.24 2.00
N ARG A 92 -10.90 1.66 1.08
CA ARG A 92 -12.31 1.37 1.19
C ARG A 92 -12.84 0.75 -0.09
N ILE A 93 -13.71 -0.22 0.09
CA ILE A 93 -14.43 -0.81 -1.00
C ILE A 93 -15.83 -0.20 -0.99
N GLU A 94 -16.21 0.42 -2.10
CA GLU A 94 -17.40 1.34 -2.11
C GLU A 94 -18.68 0.53 -2.26
N LYS A 95 -19.18 0.45 -3.49
CA LYS A 95 -19.34 -0.86 -4.07
C LYS A 95 -20.62 -1.42 -4.64
N GLY A 96 -21.70 -0.80 -4.28
CA GLY A 96 -23.01 -1.19 -4.73
C GLY A 96 -23.81 0.03 -5.15
N GLU A 97 -24.89 0.32 -4.40
CA GLU A 97 -25.72 1.50 -4.66
C GLU A 97 -26.48 1.36 -5.98
N LEU A 98 -25.73 1.45 -7.06
CA LEU A 98 -26.27 1.27 -8.40
C LEU A 98 -25.20 0.68 -9.29
N ARG A 99 -23.97 1.17 -9.12
CA ARG A 99 -22.80 0.68 -9.84
C ARG A 99 -22.85 1.06 -11.32
N SER A 100 -24.03 0.96 -11.91
CA SER A 100 -24.21 1.32 -13.30
C SER A 100 -25.08 2.56 -13.40
N GLY A 101 -24.44 3.72 -13.39
CA GLY A 101 -25.16 4.98 -13.45
C GLY A 101 -25.75 5.23 -14.83
N CYS A 102 -25.29 4.50 -15.82
CA CYS A 102 -25.77 4.64 -17.17
C CYS A 102 -25.89 3.27 -17.83
N GLY A 1 27.75 11.30 -13.14
CA GLY A 1 27.54 10.49 -11.93
C GLY A 1 28.50 10.87 -10.83
N ILE A 2 28.04 10.81 -9.59
CA ILE A 2 28.87 11.19 -8.45
C ILE A 2 28.93 10.09 -7.41
N ASP A 3 28.66 8.86 -7.85
CA ASP A 3 28.55 7.70 -6.95
C ASP A 3 27.38 7.89 -5.99
N PRO A 4 26.19 7.41 -6.38
CA PRO A 4 24.95 7.57 -5.61
C PRO A 4 25.14 7.33 -4.11
N PHE A 5 25.09 8.41 -3.34
CA PHE A 5 25.29 8.34 -1.90
C PHE A 5 24.02 7.90 -1.20
N THR A 6 24.11 7.73 0.12
CA THR A 6 22.96 7.35 0.92
C THR A 6 21.95 8.46 1.00
N ILE A 7 20.95 8.33 0.16
CA ILE A 7 19.77 9.15 0.19
C ILE A 7 19.09 9.02 1.54
N GLU A 8 19.00 10.13 2.27
CA GLU A 8 18.28 10.15 3.53
C GLU A 8 16.85 9.68 3.34
N PRO A 9 16.40 8.84 4.26
CA PRO A 9 15.11 8.18 4.18
C PRO A 9 13.97 9.13 4.53
N ALA A 10 12.87 8.99 3.80
CA ALA A 10 11.75 9.89 3.96
C ALA A 10 10.50 9.32 3.29
N TRP A 11 9.34 9.69 3.80
CA TRP A 11 8.10 9.39 3.15
C TRP A 11 7.62 10.61 2.38
N GLU A 12 8.06 10.69 1.13
CA GLU A 12 7.78 11.84 0.29
C GLU A 12 6.38 11.73 -0.31
N ARG A 13 6.08 10.58 -0.88
CA ARG A 13 4.75 10.30 -1.37
C ARG A 13 4.14 9.22 -0.49
N HIS A 14 3.18 9.61 0.32
CA HIS A 14 2.57 8.70 1.28
C HIS A 14 1.57 7.79 0.56
N LEU A 15 1.14 6.74 1.25
CA LEU A 15 0.14 5.82 0.70
C LEU A 15 -1.15 6.56 0.39
N GLN A 16 -1.75 6.23 -0.75
CA GLN A 16 -2.96 6.92 -1.18
C GLN A 16 -4.21 6.14 -0.90
N ASP A 17 -5.26 6.88 -0.66
CA ASP A 17 -6.53 6.33 -0.21
C ASP A 17 -7.35 5.88 -1.41
N VAL A 18 -7.41 4.57 -1.62
CA VAL A 18 -8.12 4.02 -2.75
C VAL A 18 -9.46 3.43 -2.31
N THR A 19 -10.49 3.63 -3.13
CA THR A 19 -11.82 3.12 -2.86
C THR A 19 -12.31 2.29 -4.05
N LEU A 20 -12.85 1.09 -3.80
CA LEU A 20 -13.07 0.15 -4.89
C LEU A 20 -14.32 -0.70 -4.69
N LYS A 21 -14.62 -1.50 -5.71
CA LYS A 21 -15.67 -2.50 -5.65
C LYS A 21 -15.02 -3.89 -5.61
N GLU A 22 -15.61 -4.80 -4.84
CA GLU A 22 -15.07 -6.15 -4.70
C GLU A 22 -15.00 -6.85 -6.05
N GLY A 23 -13.81 -7.34 -6.39
CA GLY A 23 -13.62 -7.99 -7.67
C GLY A 23 -12.53 -7.31 -8.49
N GLN A 24 -12.34 -6.03 -8.24
CA GLN A 24 -11.32 -5.26 -8.94
C GLN A 24 -9.96 -5.46 -8.29
N THR A 25 -8.89 -5.14 -9.00
CA THR A 25 -7.55 -5.22 -8.43
C THR A 25 -7.06 -3.84 -8.01
N CYS A 26 -6.41 -3.79 -6.86
CA CYS A 26 -5.91 -2.54 -6.30
C CYS A 26 -4.40 -2.48 -6.42
N THR A 27 -3.87 -1.26 -6.51
CA THR A 27 -2.44 -1.06 -6.48
C THR A 27 -2.10 0.22 -5.73
N MET A 28 -1.89 0.07 -4.43
CA MET A 28 -1.54 1.20 -3.57
C MET A 28 -0.04 1.41 -3.65
N THR A 29 0.41 2.65 -3.72
CA THR A 29 1.82 2.92 -3.82
C THR A 29 2.27 3.99 -2.84
N CYS A 30 3.54 3.94 -2.47
CA CYS A 30 4.14 4.92 -1.59
C CYS A 30 5.62 5.08 -1.92
N GLN A 31 6.04 6.33 -2.11
CA GLN A 31 7.40 6.62 -2.55
C GLN A 31 8.32 6.84 -1.34
N PHE A 32 9.18 5.86 -1.10
CA PHE A 32 10.16 5.95 -0.04
C PHE A 32 11.49 6.40 -0.62
N SER A 33 12.10 7.37 0.01
CA SER A 33 13.31 8.02 -0.52
C SER A 33 14.46 7.04 -0.78
N VAL A 34 14.48 5.91 -0.09
CA VAL A 34 15.58 4.98 -0.22
C VAL A 34 15.28 3.92 -1.27
N PRO A 35 16.20 3.76 -2.23
CA PRO A 35 16.01 2.84 -3.34
C PRO A 35 16.14 1.37 -2.94
N ASN A 36 15.13 0.60 -3.34
CA ASN A 36 15.15 -0.85 -3.28
C ASN A 36 15.24 -1.40 -1.85
N VAL A 37 14.67 -0.69 -0.90
CA VAL A 37 14.56 -1.22 0.46
C VAL A 37 13.18 -1.78 0.70
N LYS A 38 13.12 -2.74 1.59
CA LYS A 38 11.86 -3.40 1.93
C LYS A 38 11.12 -2.64 3.02
N SER A 39 9.85 -2.98 3.19
CA SER A 39 9.03 -2.36 4.23
C SER A 39 7.99 -3.34 4.72
N GLU A 40 7.57 -3.18 5.96
CA GLU A 40 6.51 -4.00 6.51
C GLU A 40 5.16 -3.43 6.16
N TRP A 41 4.37 -4.24 5.49
CA TRP A 41 3.03 -3.85 5.13
C TRP A 41 2.06 -4.24 6.23
N PHE A 42 1.04 -3.44 6.42
CA PHE A 42 0.03 -3.70 7.43
C PHE A 42 -1.37 -3.54 6.84
N ARG A 43 -2.22 -4.52 7.11
CA ARG A 43 -3.61 -4.46 6.71
C ARG A 43 -4.48 -4.22 7.93
N ASN A 44 -4.70 -2.94 8.22
CA ASN A 44 -5.54 -2.51 9.33
C ASN A 44 -4.94 -2.95 10.67
N GLY A 45 -3.68 -2.56 10.89
CA GLY A 45 -3.03 -2.80 12.17
C GLY A 45 -2.25 -4.10 12.23
N ARG A 46 -2.60 -5.04 11.38
CA ARG A 46 -1.95 -6.35 11.37
C ARG A 46 -1.00 -6.45 10.18
N VAL A 47 0.19 -7.01 10.42
CA VAL A 47 1.18 -7.21 9.36
C VAL A 47 0.55 -7.94 8.18
N LEU A 48 0.57 -7.27 7.05
CA LEU A 48 -0.02 -7.78 5.85
C LEU A 48 1.00 -8.63 5.10
N LYS A 49 0.65 -9.88 4.89
CA LYS A 49 1.50 -10.80 4.17
C LYS A 49 0.90 -11.11 2.81
N PRO A 50 1.70 -11.00 1.74
CA PRO A 50 1.24 -11.24 0.37
C PRO A 50 0.79 -12.69 0.15
N GLN A 51 -0.52 -12.91 0.22
CA GLN A 51 -1.09 -14.23 0.02
C GLN A 51 -2.21 -14.18 -1.01
N GLY A 52 -1.98 -14.79 -2.18
CA GLY A 52 -3.00 -14.89 -3.20
C GLY A 52 -3.40 -13.55 -3.77
N ARG A 53 -4.41 -12.93 -3.18
CA ARG A 53 -4.92 -11.64 -3.64
C ARG A 53 -3.84 -10.57 -3.45
N VAL A 54 -3.13 -10.66 -2.35
CA VAL A 54 -2.23 -9.61 -1.94
C VAL A 54 -0.83 -9.87 -2.46
N LYS A 55 -0.24 -8.83 -3.04
CA LYS A 55 1.11 -8.89 -3.55
C LYS A 55 1.86 -7.64 -3.12
N THR A 56 3.06 -7.83 -2.65
CA THR A 56 3.88 -6.71 -2.22
C THR A 56 5.06 -6.52 -3.16
N GLU A 57 5.21 -5.32 -3.69
CA GLU A 57 6.28 -5.04 -4.62
C GLU A 57 7.09 -3.84 -4.18
N VAL A 58 8.34 -3.79 -4.58
CA VAL A 58 9.17 -2.67 -4.30
C VAL A 58 9.97 -2.24 -5.53
N GLU A 59 9.84 -0.97 -5.87
CA GLU A 59 10.62 -0.37 -6.93
C GLU A 59 11.82 0.35 -6.31
N HIS A 60 12.43 1.25 -7.06
CA HIS A 60 13.52 2.06 -6.51
C HIS A 60 13.03 2.80 -5.27
N LYS A 61 12.25 3.85 -5.45
CA LYS A 61 11.76 4.58 -4.30
C LYS A 61 10.36 4.10 -3.89
N VAL A 62 9.51 3.80 -4.86
CA VAL A 62 8.12 3.50 -4.53
C VAL A 62 7.91 2.05 -4.13
N HIS A 63 7.02 1.86 -3.19
CA HIS A 63 6.64 0.54 -2.71
C HIS A 63 5.18 0.31 -3.07
N LYS A 64 4.88 -0.83 -3.68
CA LYS A 64 3.56 -1.05 -4.24
C LYS A 64 2.83 -2.16 -3.50
N LEU A 65 1.51 -2.09 -3.52
CA LEU A 65 0.67 -3.09 -2.89
C LEU A 65 -0.45 -3.48 -3.86
N THR A 66 -0.44 -4.72 -4.30
CA THR A 66 -1.44 -5.19 -5.25
C THR A 66 -2.43 -6.11 -4.57
N ILE A 67 -3.70 -5.79 -4.73
CA ILE A 67 -4.75 -6.66 -4.25
C ILE A 67 -5.62 -7.10 -5.42
N ALA A 68 -5.43 -8.31 -5.90
CA ALA A 68 -6.29 -8.84 -6.95
C ALA A 68 -7.61 -9.28 -6.35
N ASP A 69 -8.69 -8.92 -7.04
CA ASP A 69 -10.04 -9.26 -6.58
C ASP A 69 -10.24 -8.80 -5.13
N VAL A 70 -10.29 -7.49 -4.94
CA VAL A 70 -10.38 -6.89 -3.61
C VAL A 70 -11.69 -7.27 -2.92
N ARG A 71 -11.68 -7.24 -1.60
CA ARG A 71 -12.86 -7.56 -0.80
C ARG A 71 -13.00 -6.53 0.31
N ALA A 72 -14.22 -6.42 0.85
CA ALA A 72 -14.48 -5.57 2.01
C ALA A 72 -13.76 -6.13 3.24
N GLU A 73 -13.23 -7.34 3.12
CA GLU A 73 -12.46 -7.95 4.19
C GLU A 73 -11.00 -7.54 4.11
N ASP A 74 -10.63 -6.95 2.97
CA ASP A 74 -9.29 -6.42 2.78
C ASP A 74 -9.31 -4.91 2.88
N GLN A 75 -10.33 -4.36 3.52
CA GLN A 75 -10.48 -2.91 3.57
C GLN A 75 -10.12 -2.36 4.94
N GLY A 76 -9.91 -1.06 4.96
CA GLY A 76 -9.78 -0.32 6.20
C GLY A 76 -8.62 0.65 6.16
N GLN A 77 -7.40 0.15 6.21
CA GLN A 77 -6.23 0.99 6.15
C GLN A 77 -5.01 0.14 5.87
N TYR A 78 -4.14 0.63 5.03
CA TYR A 78 -2.86 -0.03 4.79
C TYR A 78 -1.74 0.87 5.19
N THR A 79 -0.80 0.31 5.91
CA THR A 79 0.32 1.05 6.43
C THR A 79 1.64 0.42 5.97
N CYS A 80 2.47 1.24 5.35
CA CYS A 80 3.78 0.79 4.90
C CYS A 80 4.85 1.34 5.82
N LYS A 81 5.45 0.46 6.62
CA LYS A 81 6.41 0.90 7.63
C LYS A 81 7.83 0.45 7.31
N HIS A 82 8.75 1.35 7.50
CA HIS A 82 10.17 1.03 7.44
C HIS A 82 10.86 1.56 8.67
N GLU A 83 10.86 0.74 9.72
CA GLU A 83 11.56 1.02 10.97
C GLU A 83 10.99 2.25 11.67
N ASP A 84 11.52 3.42 11.38
CA ASP A 84 11.10 4.64 12.01
C ASP A 84 10.02 5.34 11.20
N LEU A 85 10.07 5.20 9.90
CA LEU A 85 9.14 5.88 9.02
C LEU A 85 7.98 5.01 8.62
N GLU A 86 6.79 5.56 8.75
CA GLU A 86 5.57 4.86 8.40
C GLU A 86 4.70 5.71 7.50
N THR A 87 3.82 5.04 6.76
CA THR A 87 2.80 5.72 5.98
C THR A 87 1.55 4.87 5.97
N SER A 88 0.43 5.48 5.65
CA SER A 88 -0.84 4.79 5.72
C SER A 88 -1.84 5.40 4.74
N ALA A 89 -2.81 4.60 4.35
CA ALA A 89 -3.92 5.07 3.56
C ALA A 89 -5.14 4.21 3.82
N GLU A 90 -6.30 4.81 3.70
CA GLU A 90 -7.54 4.10 3.89
C GLU A 90 -7.92 3.38 2.61
N LEU A 91 -7.94 2.06 2.66
CA LEU A 91 -8.39 1.30 1.52
C LEU A 91 -9.83 0.90 1.75
N ARG A 92 -10.75 1.60 1.13
CA ARG A 92 -12.15 1.36 1.38
C ARG A 92 -12.81 0.69 0.20
N ILE A 93 -13.51 -0.39 0.47
CA ILE A 93 -14.36 -1.02 -0.51
C ILE A 93 -15.77 -0.46 -0.34
N GLU A 94 -16.43 -0.08 -1.43
CA GLU A 94 -17.72 0.69 -1.28
C GLU A 94 -18.88 -0.28 -1.06
N LYS A 95 -19.79 -0.38 -2.03
CA LYS A 95 -20.02 -1.70 -2.55
C LYS A 95 -21.31 -2.52 -2.48
N GLY A 96 -22.13 -2.40 -3.50
CA GLY A 96 -23.41 -3.08 -3.52
C GLY A 96 -23.28 -4.57 -3.74
N GLU A 97 -24.01 -5.35 -2.96
CA GLU A 97 -23.98 -6.80 -3.06
C GLU A 97 -25.36 -7.40 -2.85
N LEU A 98 -25.71 -8.35 -3.70
CA LEU A 98 -26.89 -9.15 -3.50
C LEU A 98 -26.46 -10.47 -2.88
N ARG A 99 -27.18 -10.90 -1.84
CA ARG A 99 -26.79 -12.08 -1.07
C ARG A 99 -25.42 -11.84 -0.42
N SER A 100 -25.30 -10.69 0.22
CA SER A 100 -24.05 -10.27 0.84
C SER A 100 -23.58 -11.29 1.88
N GLY A 101 -22.36 -11.77 1.72
CA GLY A 101 -21.79 -12.68 2.69
C GLY A 101 -20.96 -11.96 3.73
N CYS A 102 -21.63 -11.12 4.52
CA CYS A 102 -20.94 -10.31 5.51
C CYS A 102 -21.22 -10.87 6.91
N GLY A 1 31.45 20.01 -7.03
CA GLY A 1 32.32 19.78 -5.85
C GLY A 1 31.75 18.73 -4.92
N ILE A 2 30.62 19.03 -4.32
CA ILE A 2 29.96 18.10 -3.42
C ILE A 2 28.80 17.40 -4.15
N ASP A 3 28.85 16.09 -4.21
CA ASP A 3 27.80 15.31 -4.85
C ASP A 3 27.04 14.50 -3.81
N PRO A 4 25.83 14.96 -3.44
CA PRO A 4 24.97 14.26 -2.49
C PRO A 4 24.40 12.98 -3.08
N PHE A 5 25.20 11.93 -3.08
CA PHE A 5 24.79 10.66 -3.69
C PHE A 5 23.85 9.88 -2.78
N THR A 6 23.86 10.21 -1.51
CA THR A 6 23.00 9.54 -0.55
C THR A 6 21.71 10.32 -0.36
N ILE A 7 20.63 9.57 -0.43
CA ILE A 7 19.30 10.11 -0.34
C ILE A 7 18.67 9.69 0.98
N GLU A 8 18.60 10.63 1.93
CA GLU A 8 18.06 10.35 3.24
C GLU A 8 16.64 9.79 3.16
N PRO A 9 16.37 8.79 4.00
CA PRO A 9 15.07 8.15 4.07
C PRO A 9 13.98 9.12 4.49
N ALA A 10 12.91 9.16 3.71
CA ALA A 10 11.83 10.08 3.95
C ALA A 10 10.54 9.58 3.32
N TRP A 11 9.43 9.93 3.92
CA TRP A 11 8.13 9.66 3.32
C TRP A 11 7.65 10.89 2.57
N GLU A 12 8.04 10.98 1.31
CA GLU A 12 7.66 12.10 0.46
C GLU A 12 6.20 11.96 0.06
N ARG A 13 5.89 10.89 -0.64
CA ARG A 13 4.53 10.59 -1.03
C ARG A 13 4.00 9.48 -0.14
N HIS A 14 3.20 9.86 0.83
CA HIS A 14 2.66 8.91 1.80
C HIS A 14 1.73 7.93 1.10
N LEU A 15 1.42 6.82 1.78
CA LEU A 15 0.55 5.79 1.21
C LEU A 15 -0.71 6.40 0.62
N GLN A 16 -1.10 5.92 -0.54
CA GLN A 16 -2.20 6.54 -1.24
C GLN A 16 -3.50 5.81 -1.07
N ASP A 17 -4.54 6.62 -1.10
CA ASP A 17 -5.88 6.18 -0.77
C ASP A 17 -6.60 5.66 -2.01
N VAL A 18 -6.73 4.36 -2.09
CA VAL A 18 -7.36 3.73 -3.24
C VAL A 18 -8.79 3.29 -2.91
N THR A 19 -9.69 3.46 -3.87
CA THR A 19 -11.10 3.13 -3.67
C THR A 19 -11.60 2.27 -4.84
N LEU A 20 -12.18 1.10 -4.53
CA LEU A 20 -12.50 0.13 -5.57
C LEU A 20 -13.69 -0.72 -5.15
N LYS A 21 -14.08 -1.63 -6.01
CA LYS A 21 -15.18 -2.52 -5.73
C LYS A 21 -14.68 -3.97 -5.68
N GLU A 22 -15.27 -4.76 -4.78
CA GLU A 22 -14.84 -6.15 -4.58
C GLU A 22 -14.80 -6.92 -5.88
N GLY A 23 -13.63 -7.45 -6.21
CA GLY A 23 -13.45 -8.15 -7.46
C GLY A 23 -12.36 -7.53 -8.30
N GLN A 24 -12.18 -6.23 -8.15
CA GLN A 24 -11.12 -5.52 -8.85
C GLN A 24 -9.79 -5.73 -8.14
N THR A 25 -8.70 -5.57 -8.88
CA THR A 25 -7.38 -5.68 -8.29
C THR A 25 -6.84 -4.31 -7.93
N CYS A 26 -6.21 -4.22 -6.78
CA CYS A 26 -5.72 -2.97 -6.23
C CYS A 26 -4.21 -2.89 -6.32
N THR A 27 -3.70 -1.68 -6.42
CA THR A 27 -2.27 -1.44 -6.31
C THR A 27 -2.02 -0.13 -5.58
N MET A 28 -1.87 -0.23 -4.27
CA MET A 28 -1.61 0.95 -3.44
C MET A 28 -0.14 1.29 -3.52
N THR A 29 0.20 2.55 -3.50
CA THR A 29 1.59 2.93 -3.62
C THR A 29 2.02 3.94 -2.55
N CYS A 30 3.32 3.94 -2.28
CA CYS A 30 3.93 4.89 -1.35
C CYS A 30 5.38 5.14 -1.73
N GLN A 31 5.75 6.40 -1.88
CA GLN A 31 7.11 6.74 -2.31
C GLN A 31 8.04 6.93 -1.11
N PHE A 32 8.92 5.96 -0.92
CA PHE A 32 9.91 6.03 0.14
C PHE A 32 11.23 6.50 -0.45
N SER A 33 11.82 7.50 0.18
CA SER A 33 13.01 8.17 -0.35
C SER A 33 14.19 7.21 -0.56
N VAL A 34 14.19 6.06 0.10
CA VAL A 34 15.28 5.12 -0.07
C VAL A 34 14.95 4.11 -1.16
N PRO A 35 15.80 4.07 -2.20
CA PRO A 35 15.61 3.19 -3.33
C PRO A 35 15.93 1.73 -3.02
N ASN A 36 15.02 0.86 -3.45
CA ASN A 36 15.22 -0.58 -3.43
C ASN A 36 15.36 -1.13 -2.01
N VAL A 37 14.49 -0.68 -1.12
CA VAL A 37 14.39 -1.27 0.21
C VAL A 37 13.02 -1.91 0.38
N LYS A 38 12.96 -2.88 1.28
CA LYS A 38 11.74 -3.61 1.54
C LYS A 38 11.02 -3.01 2.74
N SER A 39 9.69 -3.14 2.78
CA SER A 39 8.91 -2.62 3.88
C SER A 39 7.85 -3.63 4.29
N GLU A 40 7.43 -3.55 5.55
CA GLU A 40 6.32 -4.35 6.02
C GLU A 40 5.00 -3.65 5.75
N TRP A 41 4.09 -4.37 5.11
CA TRP A 41 2.77 -3.85 4.87
C TRP A 41 1.84 -4.29 5.99
N PHE A 42 0.79 -3.51 6.21
CA PHE A 42 -0.14 -3.81 7.29
C PHE A 42 -1.59 -3.69 6.84
N ARG A 43 -2.36 -4.71 7.15
CA ARG A 43 -3.80 -4.69 7.00
C ARG A 43 -4.43 -4.41 8.36
N ASN A 44 -4.67 -3.12 8.62
CA ASN A 44 -5.26 -2.68 9.88
C ASN A 44 -4.39 -3.09 11.06
N GLY A 45 -3.10 -2.81 10.99
CA GLY A 45 -2.18 -3.11 12.08
C GLY A 45 -1.62 -4.52 12.00
N ARG A 46 -2.25 -5.37 11.21
CA ARG A 46 -1.79 -6.75 11.04
C ARG A 46 -0.79 -6.83 9.91
N VAL A 47 0.31 -7.56 10.12
CA VAL A 47 1.31 -7.75 9.07
C VAL A 47 0.67 -8.37 7.83
N LEU A 48 0.72 -7.62 6.75
CA LEU A 48 0.10 -8.01 5.52
C LEU A 48 1.06 -8.86 4.69
N LYS A 49 0.91 -10.17 4.81
CA LYS A 49 1.78 -11.10 4.13
C LYS A 49 1.27 -11.35 2.71
N PRO A 50 2.17 -11.38 1.73
CA PRO A 50 1.80 -11.57 0.33
C PRO A 50 1.37 -13.01 0.03
N GLN A 51 0.10 -13.30 0.29
CA GLN A 51 -0.43 -14.64 0.07
C GLN A 51 -1.68 -14.59 -0.80
N GLY A 52 -1.58 -15.11 -2.02
CA GLY A 52 -2.71 -15.20 -2.91
C GLY A 52 -3.16 -13.86 -3.45
N ARG A 53 -4.11 -13.24 -2.77
CA ARG A 53 -4.65 -11.96 -3.20
C ARG A 53 -3.62 -10.86 -3.04
N VAL A 54 -2.77 -11.01 -2.04
CA VAL A 54 -1.81 -9.97 -1.70
C VAL A 54 -0.48 -10.21 -2.40
N LYS A 55 0.03 -9.18 -3.03
CA LYS A 55 1.34 -9.22 -3.63
C LYS A 55 2.07 -7.92 -3.35
N THR A 56 3.27 -8.03 -2.83
CA THR A 56 4.02 -6.86 -2.40
C THR A 56 5.13 -6.52 -3.40
N GLU A 57 4.96 -5.42 -4.11
CA GLU A 57 5.95 -4.98 -5.08
C GLU A 57 6.79 -3.83 -4.53
N VAL A 58 7.97 -3.67 -5.09
CA VAL A 58 8.84 -2.57 -4.73
C VAL A 58 9.55 -2.00 -5.95
N GLU A 59 9.48 -0.69 -6.08
CA GLU A 59 10.19 0.03 -7.12
C GLU A 59 11.45 0.62 -6.50
N HIS A 60 12.05 1.60 -7.18
CA HIS A 60 13.16 2.34 -6.58
C HIS A 60 12.70 2.97 -5.27
N LYS A 61 11.95 4.05 -5.37
CA LYS A 61 11.49 4.72 -4.16
C LYS A 61 10.11 4.25 -3.75
N VAL A 62 9.23 4.02 -4.71
CA VAL A 62 7.85 3.72 -4.38
C VAL A 62 7.64 2.24 -4.12
N HIS A 63 6.81 1.96 -3.14
CA HIS A 63 6.47 0.61 -2.76
C HIS A 63 5.02 0.36 -3.13
N LYS A 64 4.75 -0.76 -3.79
CA LYS A 64 3.44 -1.00 -4.34
C LYS A 64 2.78 -2.20 -3.64
N LEU A 65 1.48 -2.13 -3.49
CA LEU A 65 0.73 -3.19 -2.83
C LEU A 65 -0.41 -3.67 -3.73
N THR A 66 -0.29 -4.90 -4.19
CA THR A 66 -1.29 -5.48 -5.08
C THR A 66 -2.24 -6.38 -4.32
N ILE A 67 -3.52 -6.09 -4.45
CA ILE A 67 -4.55 -6.97 -3.93
C ILE A 67 -5.46 -7.41 -5.07
N ALA A 68 -5.33 -8.65 -5.49
CA ALA A 68 -6.21 -9.18 -6.53
C ALA A 68 -7.55 -9.53 -5.93
N ASP A 69 -8.62 -9.17 -6.64
CA ASP A 69 -9.98 -9.46 -6.20
C ASP A 69 -10.20 -8.93 -4.79
N VAL A 70 -10.22 -7.60 -4.65
CA VAL A 70 -10.28 -6.97 -3.34
C VAL A 70 -11.58 -7.30 -2.62
N ARG A 71 -11.54 -7.18 -1.29
CA ARG A 71 -12.69 -7.46 -0.45
C ARG A 71 -12.88 -6.32 0.53
N ALA A 72 -14.13 -6.14 0.98
CA ALA A 72 -14.44 -5.13 1.99
C ALA A 72 -13.85 -5.53 3.35
N GLU A 73 -13.36 -6.75 3.44
CA GLU A 73 -12.67 -7.21 4.63
C GLU A 73 -11.29 -6.60 4.71
N ASP A 74 -10.71 -6.46 3.54
CA ASP A 74 -9.39 -5.87 3.39
C ASP A 74 -9.49 -4.37 3.20
N GLN A 75 -10.53 -3.76 3.76
CA GLN A 75 -10.70 -2.32 3.59
C GLN A 75 -10.59 -1.58 4.92
N GLY A 76 -10.23 -0.32 4.83
CA GLY A 76 -10.20 0.55 5.99
C GLY A 76 -8.89 1.31 6.10
N GLN A 77 -7.81 0.61 6.42
CA GLN A 77 -6.53 1.25 6.59
C GLN A 77 -5.38 0.32 6.24
N TYR A 78 -4.42 0.86 5.53
CA TYR A 78 -3.18 0.16 5.22
C TYR A 78 -2.00 1.00 5.65
N THR A 79 -1.00 0.33 6.17
CA THR A 79 0.19 1.00 6.63
C THR A 79 1.43 0.38 6.02
N CYS A 80 2.26 1.21 5.42
CA CYS A 80 3.54 0.76 4.87
C CYS A 80 4.65 1.25 5.77
N LYS A 81 5.44 0.33 6.29
CA LYS A 81 6.41 0.68 7.31
C LYS A 81 7.80 0.17 6.97
N HIS A 82 8.78 1.04 7.14
CA HIS A 82 10.17 0.67 6.99
C HIS A 82 10.94 1.09 8.24
N GLU A 83 11.03 0.15 9.18
CA GLU A 83 11.78 0.31 10.42
C GLU A 83 11.16 1.42 11.28
N ASP A 84 11.67 2.63 11.13
CA ASP A 84 11.20 3.77 11.89
C ASP A 84 10.09 4.51 11.17
N LEU A 85 10.25 4.73 9.88
CA LEU A 85 9.29 5.50 9.12
C LEU A 85 8.11 4.63 8.69
N GLU A 86 6.92 5.19 8.85
CA GLU A 86 5.68 4.50 8.53
C GLU A 86 4.76 5.42 7.74
N THR A 87 3.77 4.84 7.09
CA THR A 87 2.77 5.61 6.35
C THR A 87 1.47 4.84 6.28
N SER A 88 0.41 5.54 5.92
CA SER A 88 -0.92 4.94 5.98
C SER A 88 -1.86 5.57 4.96
N ALA A 89 -2.81 4.75 4.50
CA ALA A 89 -3.85 5.21 3.58
C ALA A 89 -5.13 4.44 3.85
N GLU A 90 -6.25 5.04 3.48
CA GLU A 90 -7.53 4.36 3.60
C GLU A 90 -7.84 3.62 2.31
N LEU A 91 -8.00 2.32 2.41
CA LEU A 91 -8.42 1.53 1.27
C LEU A 91 -9.90 1.26 1.39
N ARG A 92 -10.69 1.94 0.59
CA ARG A 92 -12.14 1.82 0.71
C ARG A 92 -12.72 1.03 -0.45
N ILE A 93 -13.39 -0.07 -0.11
CA ILE A 93 -14.14 -0.84 -1.07
C ILE A 93 -15.58 -0.34 -1.08
N GLU A 94 -16.07 0.02 -2.26
CA GLU A 94 -17.38 0.76 -2.36
C GLU A 94 -18.54 -0.23 -2.31
N LYS A 95 -19.22 -0.49 -3.43
CA LYS A 95 -19.45 -1.88 -3.69
C LYS A 95 -20.65 -2.64 -3.11
N GLY A 96 -20.84 -2.41 -1.86
CA GLY A 96 -21.83 -3.11 -1.07
C GLY A 96 -21.29 -3.43 0.30
N GLU A 97 -22.09 -4.12 1.12
CA GLU A 97 -21.66 -4.58 2.45
C GLU A 97 -21.56 -3.44 3.47
N LEU A 98 -21.09 -2.27 3.02
CA LEU A 98 -20.91 -1.12 3.90
C LEU A 98 -22.24 -0.42 4.15
N ARG A 99 -23.19 -1.19 4.69
CA ARG A 99 -24.56 -0.73 4.95
C ARG A 99 -25.31 -0.52 3.63
N SER A 100 -24.55 -0.35 2.56
CA SER A 100 -25.09 -0.15 1.23
C SER A 100 -23.97 -0.17 0.20
N GLY A 101 -24.30 0.00 -1.07
CA GLY A 101 -23.31 0.02 -2.10
C GLY A 101 -23.86 -0.45 -3.44
N CYS A 102 -24.53 0.45 -4.13
CA CYS A 102 -25.09 0.15 -5.43
C CYS A 102 -24.19 0.73 -6.52
#